data_2LH7
# 
_entry.id   2LH7 
# 
_audit_conform.dict_name       mmcif_pdbx.dic 
_audit_conform.dict_version    5.397 
_audit_conform.dict_location   http://mmcif.pdb.org/dictionaries/ascii/mmcif_pdbx.dic 
# 
loop_
_database_2.database_id 
_database_2.database_code 
_database_2.pdbx_database_accession 
_database_2.pdbx_DOI 
PDB   2LH7         pdb_00002lh7 10.2210/pdb2lh7/pdb 
WWPDB D_1000178310 ?            ?                   
# 
loop_
_pdbx_audit_revision_history.ordinal 
_pdbx_audit_revision_history.data_content_type 
_pdbx_audit_revision_history.major_revision 
_pdbx_audit_revision_history.minor_revision 
_pdbx_audit_revision_history.revision_date 
1 'Structure model' 1 0 1983-01-20 
2 'Structure model' 1 1 2008-03-24 
3 'Structure model' 1 2 2011-07-13 
4 'Structure model' 1 3 2024-02-21 
5 'Structure model' 2 0 2024-10-09 
# 
loop_
_pdbx_audit_revision_details.ordinal 
_pdbx_audit_revision_details.revision_ordinal 
_pdbx_audit_revision_details.data_content_type 
_pdbx_audit_revision_details.provider 
_pdbx_audit_revision_details.type 
_pdbx_audit_revision_details.description 
_pdbx_audit_revision_details.details 
1 1 'Structure model' repository 'Initial release' ? ?                                                     
2 5 'Structure model' repository Remediation       ? 'Coordinates transformed into standard crystal frame' 
# 
loop_
_pdbx_audit_revision_group.ordinal 
_pdbx_audit_revision_group.revision_ordinal 
_pdbx_audit_revision_group.data_content_type 
_pdbx_audit_revision_group.group 
1  2 'Structure model' 'Version format compliance' 
2  3 'Structure model' 'Version format compliance' 
3  4 'Structure model' 'Data collection'           
4  4 'Structure model' 'Database references'       
5  4 'Structure model' 'Derived calculations'      
6  5 'Structure model' Advisory                    
7  5 'Structure model' 'Atomic model'              
8  5 'Structure model' 'Data collection'           
9  5 'Structure model' 'Database references'       
10 5 'Structure model' 'Derived calculations'      
11 5 'Structure model' 'Structure summary'         
# 
loop_
_pdbx_audit_revision_category.ordinal 
_pdbx_audit_revision_category.revision_ordinal 
_pdbx_audit_revision_category.data_content_type 
_pdbx_audit_revision_category.category 
1  4 'Structure model' chem_comp_atom               
2  4 'Structure model' chem_comp_bond               
3  4 'Structure model' database_2                   
4  4 'Structure model' struct_ref_seq_dif           
5  4 'Structure model' struct_site                  
6  5 'Structure model' atom_site                    
7  5 'Structure model' citation_author              
8  5 'Structure model' database_PDB_matrix          
9  5 'Structure model' pdbx_entry_details           
10 5 'Structure model' pdbx_struct_conn_angle       
11 5 'Structure model' pdbx_struct_special_symmetry 
12 5 'Structure model' pdbx_validate_planes         
13 5 'Structure model' pdbx_validate_rmsd_angle     
14 5 'Structure model' pdbx_validate_rmsd_bond      
15 5 'Structure model' pdbx_validate_symm_contact   
16 5 'Structure model' pdbx_validate_torsion        
17 5 'Structure model' struct_conn                  
# 
loop_
_pdbx_audit_revision_item.ordinal 
_pdbx_audit_revision_item.revision_ordinal 
_pdbx_audit_revision_item.data_content_type 
_pdbx_audit_revision_item.item 
1  4 'Structure model' '_database_2.pdbx_DOI'                      
2  4 'Structure model' '_database_2.pdbx_database_accession'       
3  4 'Structure model' '_struct_ref_seq_dif.details'               
4  4 'Structure model' '_struct_site.pdbx_auth_asym_id'            
5  4 'Structure model' '_struct_site.pdbx_auth_comp_id'            
6  4 'Structure model' '_struct_site.pdbx_auth_seq_id'             
7  5 'Structure model' '_atom_site.Cartn_x'                        
8  5 'Structure model' '_atom_site.Cartn_y'                        
9  5 'Structure model' '_atom_site.Cartn_z'                        
10 5 'Structure model' '_database_PDB_matrix.origx[1][1]'          
11 5 'Structure model' '_database_PDB_matrix.origx[1][2]'          
12 5 'Structure model' '_database_PDB_matrix.origx[1][3]'          
13 5 'Structure model' '_database_PDB_matrix.origx[2][1]'          
14 5 'Structure model' '_database_PDB_matrix.origx[2][2]'          
15 5 'Structure model' '_database_PDB_matrix.origx[2][3]'          
16 5 'Structure model' '_database_PDB_matrix.origx[3][1]'          
17 5 'Structure model' '_database_PDB_matrix.origx[3][2]'          
18 5 'Structure model' '_database_PDB_matrix.origx[3][3]'          
19 5 'Structure model' '_database_PDB_matrix.origx_vector[1]'      
20 5 'Structure model' '_database_PDB_matrix.origx_vector[2]'      
21 5 'Structure model' '_database_PDB_matrix.origx_vector[3]'      
22 5 'Structure model' '_pdbx_struct_conn_angle.value'             
23 5 'Structure model' '_pdbx_validate_rmsd_angle.angle_deviation' 
24 5 'Structure model' '_pdbx_validate_rmsd_angle.angle_value'     
25 5 'Structure model' '_pdbx_validate_torsion.phi'                
26 5 'Structure model' '_pdbx_validate_torsion.psi'                
27 5 'Structure model' '_struct_conn.pdbx_dist_value'              
# 
_pdbx_database_status.status_code                     REL 
_pdbx_database_status.entry_id                        2LH7 
_pdbx_database_status.recvd_initial_deposition_date   1982-04-23 
_pdbx_database_status.deposit_site                    BNL 
_pdbx_database_status.process_site                    BNL 
_pdbx_database_status.SG_entry                        ? 
_pdbx_database_status.status_code_sf                  REL 
_pdbx_database_status.status_code_mr                  ? 
_pdbx_database_status.status_code_cs                  ? 
_pdbx_database_status.methods_development_category    ? 
_pdbx_database_status.pdb_format_compatible           Y 
_pdbx_database_status.status_code_nmr_data            ? 
# 
loop_
_audit_author.name 
_audit_author.pdbx_ordinal 
'Vainshtein, B.K.'  1 
'Harutyunyan, E.H.' 2 
'Kuranova, I.P.'    3 
'Borisov, V.V.'     4 
'Sosfenov, N.I.'    5 
'Pavlovsky, A.G.'   6 
'Grebenko, A.I.'    7 
'Konareva, N.V.'    8 
# 
loop_
_citation.id 
_citation.title 
_citation.journal_abbrev 
_citation.journal_volume 
_citation.page_first 
_citation.page_last 
_citation.year 
_citation.journal_id_ASTM 
_citation.country 
_citation.journal_id_ISSN 
_citation.journal_id_CSD 
_citation.book_publisher 
_citation.pdbx_database_id_PubMed 
_citation.pdbx_database_id_DOI 
primary 
;X-Ray Structural Investigation of Leghemoglobin. Vi. Structure of Acetate-Ferrileghemoglobin at a Resolution of 2.0 Angstroms (Russian)
;
Kristallografiya                      25  80  ? 1980 KRISAJ UR 0023-4761 0041 ? -1 ? 
1       
'X-Ray Structural Investigation of Leghemoglobin. Vi. Structure of Acetate-Ferrileghemoglobin at a Resolution of 2.0 Angstroms' 
'Sov.Phys.Crystallogr.(Engl.Transl.)' 25  43  ? 1980 SPHCA6 US 0038-5638 0902 ? ?  ? 
2       'X-Ray Diffraction Study of Leghemoglobin. Iv. Determination of the Structure with 2.8 Angstroms Resolution (Russian)' 
Kristallografiya                      23  517 ? 1978 KRISAJ UR 0023-4761 0041 ? ?  ? 
3       'X-Ray Structural Investigation of Leghemoglobin. Iv. Structure Determination at a Resolution of 2.8 Angstroms' 
'Sov.Phys.Crystallogr.(Engl.Transl.)' 23  287 ? 1978 SPHCA6 US 0038-5638 0902 ? ?  ? 
4       'Spatial Structure of Lupine Leghemoglobin with the 2.8 Angstroms Resolution (Russian)' 'Dokl.Akad.Nauk Sssr' 233 238 ? 
1977 DANKAS UR 0002-3264 0093 ? ?  ? 
5       'Three-Dimensional Structure of Lupine Leghemoglobin with a Resolution of 2.8 Angstroms' 'Dokl.Biochem.(Engl.Transl.)' 233 
67  ? 1977 DBIOAM US 0012-4958 0903 ? ?  ? 
6       'X-Ray Structural Study of Leghemoglobin. III. Crystallographic Data on the Structure of the First Component (Russian)' 
Kristallografiya                      22  634 ? 1977 KRISAJ UR 0023-4761 0041 ? ?  ? 
7       'X-Ray Structural Study of Leghemoglobin. III. Crystallographic Data Regarding the Structure of the First Component' 
'Sov.Phys.Crystallogr.(Engl.Transl.)' 22  362 ? 1977 SPHCA6 US 0038-5638 0902 ? ?  ? 
8       'The Haem-Accessibility in Leghaemoglobin of Lupinus Luteus as Observed by Proton Magnetic Relaxation' 
'Int.J.Pept.Protein Res.'             8   427 ? 1976 IJPPC3 DK 0367-8377 0215 ? ?  ? 
9       'The X-Ray Structural Study of Leghemoglobin. II. Determination of the Structure at 5 Angstroms Resolution (Russian)' 
Kristallografiya                      19  971 ? 1974 KRISAJ UR 0023-4761 0041 ? ?  ? 
10      'X-Ray Study of Leghemoglobin. II. Determination of the Structure with Resolution of 5 Angstroms' 
'Sov.Phys.Crystallogr.(Engl.Transl.)' 19  602 ? 1975 SPHCA6 US 0038-5638 0902 ? ?  ? 
11      
;The X-Ray Structural Study of Leghemoglobin. I. Purification, Crystallization, and Production of Derivatives Containing Heavy Atoms (Russian)
;
Kristallografiya                      19  964 ? 1974 KRISAJ UR 0023-4761 0041 ? ?  ? 
12      'X-Ray Study of Leghemoglobin. I.Purification, Crystallization, and Preparation of Derivatives Containing Heavy Atoms' 
'Sov.Phys.Crystallogr.(Engl.Transl.)' 19  598 ? 1975 SPHCA6 US 0038-5638 0902 ? ?  ? 
13      'Structure of Leghaemoglobin from Lupin Root Nodules at 5 Angstroms Resolution' Nature                                254 
163 ? 1975 NATUAS UK 0028-0836 0006 ? ?  ? 
14      
'X-Ray Determination of Three-Dimensional Structure of Leghemoglobin from Lupinus Luteus L. At 5 Angstroms Resolution (Russian)' 
'Dokl.Akad.Nauk Sssr'                 216 690 ? 1974 DANKAS UR 0002-3264 0093 ? ?  ? 
15      
;X-Ray Diffraction Determination of the Three-Dimensional Structure of Leghemoglobin of Lupinus Luteus L. With 5 Angstroms Resolution
;
'Dokl.Biochem.(Engl.Transl.)'         216 226 ? 1974 DBIOAM US 0012-4958 0903 ? ?  ? 
16      'Cell Parameters of Crystalline Plant (Lupinus Luteus (Lupine)) Hemoglobin (Russian)' Kristallografiya 16  237 ? 1971 
KRISAJ UR 0023-4761 0041 ? ?  ? 
17      'Unit-Cell Parameters of Crystalline Plant Hemoglobin' 'Sov.Phys.Crystallogr.(Engl.Transl.)' 16  193 ? 1971 SPHCA6 US 
0038-5638 0902 ? ?  ? 
# 
loop_
_citation_author.citation_id 
_citation_author.name 
_citation_author.ordinal 
_citation_author.identifier_ORCID 
primary 'Arutyunyan, E.G.'   1   ? 
primary 'Kuranova, I.P.'     2   ? 
primary 'Vainshtein, B.K.'   3   ? 
primary 'Steigemann, W.'     4   ? 
1       'Arutyunyan, E.G.'   5   ? 
1       'Kuranova, I.P.'     6   ? 
1       'Vainshtein, B.K.'   7   ? 
1       'Steigemann, W.'     8   ? 
2       'Vainshtein, B.K.'   9   ? 
2       'Arutyunyan, E.G.'   10  ? 
2       'Kuranova, I.P.'     11  ? 
2       'Borisov, V.V.'      12  ? 
2       'Sosfenov, N.I.'     13  ? 
2       'Pavlovskii, A.G.'   14  ? 
2       'Grebenko, A.I.'     15  ? 
2       'Nekrasov, Y.V.'     16  ? 
3       'Vainshtein, B.K.'   17  ? 
3       'Arutyunyan, E.G.'   18  ? 
3       'Kuranova, I.P.'     19  ? 
3       'Borisov, V.V.'      20  ? 
3       'Sosfenov, N.I.'     21  ? 
3       'Pavlovskii, A.G.'   22  ? 
3       'Grebenko, A.I.'     23  ? 
3       'Nekrasov, Y.V.'     24  ? 
4       'Vainshtein, B.K.'   25  ? 
4       'Arutiunian, E.G.'   26  ? 
4       'Kuranova, I.P.'     27  ? 
4       'Borisov, V.V.'      28  ? 
4       'Sosfenov, N.I.'     29  ? 
4       'Pavlovskii, A.G.'   30  ? 
4       'Grebenko, A.I.'     31  ? 
4       'Konareva, N.V.'     32  ? 
4       'Nekrasov, I.V.'     33  ? 
5       'Vainshtein, B.K.'   34  ? 
5       'Arutyunyan, E.G.'   35  ? 
5       'Kuranova, I.P.'     36  ? 
5       'Borisov, V.V.'      37  ? 
5       'Sosfenov, N.I.'     38  ? 
5       'Pavlovskii, A.G.'   39  ? 
5       'Grebenko, A.I.'     40  ? 
5       'Konareva, N.V.'     41  ? 
5       'Nekrasov, Y.V.'     42  ? 
6       'Arutyunyan, E.G.'   43  ? 
6       'Kuranova, I.P.'     44  ? 
6       'Grebenko, A.I.'     45  ? 
6       'Voronova, A.A.'     46  ? 
7       'Arutyunyan, E.G.'   47  ? 
7       'Kuranova, I.P.'     48  ? 
7       'Grebenko, A.I.'     49  ? 
7       'Voronova, A.A.'     50  ? 
8       'Vuk-Pavlovic, S.'   51  ? 
8       'Benko, B.'          52  ? 
8       'Maricic, S.'        53  ? 
8       'Kuranova, G.'       54  ? 
8       'Lahajnar, I.P.'     55  ? 
8       'Vainshtein, B.K.'   56  ? 
9       'Vainshtein, B.K.'   57  ? 
9       'Arutyunyan, E.G.'   58  ? 
9       'Kuranova, I.P.'     59  ? 
9       'Borisov, V.V.'      60  ? 
9       'Sosfenov, N.I.'     61  ? 
9       'Pavlovskii, A.G.'   62  ? 
9       'Grebenko, A.I.'     63  ? 
9       'Konareva, N.V.'     64  ? 
10      'Vainshtein, B.K.'   65  ? 
10      'Arutyunyan, E.G.'   66  ? 
10      'Kuranova, I.P.'     67  ? 
10      'Borisov, V.V.'      68  ? 
10      'Sosfenov, N.I.'     69  ? 
10      'Pavlovskii, A.G.'   70  ? 
10      'Grebenko, A.I.'     71  ? 
10      'Konareva, N.V.'     72  ? 
11      'Vainshtein, B.K.'   73  ? 
11      'Arutyunyan, E.G.'   74  ? 
11      'Kuranova, I.P.'     75  ? 
11      'Borisov, V.V.'      76  ? 
11      'Sosfenov, N.I.'     77  ? 
11      'Pavlovskii, A.G.'   78  ? 
11      'Grebenko, A.I.'     79  ? 
11      'Konareva, N.V.'     80  ? 
12      'Vainshtein, B.K.'   81  ? 
12      'Arutyunyan, E.G.'   82  ? 
12      'Kuranova, I.P.'     83  ? 
12      'Borisov, V.V.'      84  ? 
12      'Sosfenov, N.I.'     85  ? 
12      'Pavlovskii, A.G.'   86  ? 
12      'Grebenko, A.I.'     87  ? 
12      'Konareva, N.V.'     88  ? 
13      'Vainshtein, B.K.'   89  ? 
13      'Harutyunyan, E.H.'  90  ? 
13      'Kuranova, I.P.'     91  ? 
13      'Borisov, V.V.'      92  ? 
13      'Sosfenov, N.I.'     93  ? 
13      'Pavlovsky, A.G.'    94  ? 
13      'Grebenko, A.I.'     95  ? 
13      'Konareva, N.V.'     96  ? 
14      'Vainshtein, B.K.'   97  ? 
14      'Arutiunian, E.G.'   98  ? 
14      'Kuranova, I.P.'     99  ? 
14      'Borisov, V.V.'      100 ? 
14      'Sosfenov, N.I.'     101 ? 
14      'Pavlovskii, A.G.'   102 ? 
14      'Grebenko, A.I.'     103 ? 
14      'Konareva, N.V.'     104 ? 
15      'Vainshtein, B.K.'   105 ? 
15      'Arutyunyan, E.G.'   106 ? 
15      'Kuranova, I.P.'     107 ? 
15      'Borisov, V.V.'      108 ? 
15      'Sosfenov, N.I.'     109 ? 
15      'Pavlovskii, A.G.'   110 ? 
15      'Grebenko, A.I.'     111 ? 
15      'Konareva, N.V.'     112 ? 
16      'Arutyunyan, E.G.'   113 ? 
16      'Zaitsev, V.N.'      114 ? 
16      'Zhiznevskaya, G.Y.' 115 ? 
16      'Borodenko, L.I.'    116 ? 
17      'Arutyunyan, E.G.'   117 ? 
17      'Zaitsev, V.N.'      118 ? 
17      'Zhiznevskaya, G.Y.' 119 ? 
17      'Borodenko, L.I.'    120 ? 
# 
loop_
_entity.id 
_entity.type 
_entity.src_method 
_entity.pdbx_description 
_entity.formula_weight 
_entity.pdbx_number_of_molecules 
_entity.pdbx_ec 
_entity.pdbx_mutation 
_entity.pdbx_fragment 
_entity.details 
1 polymer     man 'LEGHEMOGLOBIN (NITROSOBENZENE)'  16674.070 1  ? ? ? ? 
2 non-polymer syn 'PROTOPORPHYRIN IX CONTAINING FE' 616.487   1  ? ? ? ? 
3 non-polymer syn NITROSOBENZENE                    107.110   1  ? ? ? ? 
4 water       nat water                             18.015    64 ? ? ? ? 
# 
_entity_poly.entity_id                      1 
_entity_poly.type                           'polypeptide(L)' 
_entity_poly.nstd_linkage                   no 
_entity_poly.nstd_monomer                   no 
_entity_poly.pdbx_seq_one_letter_code       
;GALTESQAALVKSSWEEFNANIPKHTHRFFILVLEIAPAAKDLFSFLKGTSEVPQNNPELQAHAGKVFKLVYEAAIQLEV
TGVVVTDATLKNLGSVHVSKGVADAHFPVVKEAILKTIKEVVGAKWSEELNSAWTIAYDELAIVIKKEMDDAA
;
_entity_poly.pdbx_seq_one_letter_code_can   
;GALTESQAALVKSSWEEFNANIPKHTHRFFILVLEIAPAAKDLFSFLKGTSEVPQNNPELQAHAGKVFKLVYEAAIQLEV
TGVVVTDATLKNLGSVHVSKGVADAHFPVVKEAILKTIKEVVGAKWSEELNSAWTIAYDELAIVIKKEMDDAA
;
_entity_poly.pdbx_strand_id                 A 
_entity_poly.pdbx_target_identifier         ? 
# 
loop_
_pdbx_entity_nonpoly.entity_id 
_pdbx_entity_nonpoly.name 
_pdbx_entity_nonpoly.comp_id 
2 'PROTOPORPHYRIN IX CONTAINING FE' HEM 
3 NITROSOBENZENE                    NBE 
4 water                             HOH 
# 
loop_
_entity_poly_seq.entity_id 
_entity_poly_seq.num 
_entity_poly_seq.mon_id 
_entity_poly_seq.hetero 
1 1   GLY n 
1 2   ALA n 
1 3   LEU n 
1 4   THR n 
1 5   GLU n 
1 6   SER n 
1 7   GLN n 
1 8   ALA n 
1 9   ALA n 
1 10  LEU n 
1 11  VAL n 
1 12  LYS n 
1 13  SER n 
1 14  SER n 
1 15  TRP n 
1 16  GLU n 
1 17  GLU n 
1 18  PHE n 
1 19  ASN n 
1 20  ALA n 
1 21  ASN n 
1 22  ILE n 
1 23  PRO n 
1 24  LYS n 
1 25  HIS n 
1 26  THR n 
1 27  HIS n 
1 28  ARG n 
1 29  PHE n 
1 30  PHE n 
1 31  ILE n 
1 32  LEU n 
1 33  VAL n 
1 34  LEU n 
1 35  GLU n 
1 36  ILE n 
1 37  ALA n 
1 38  PRO n 
1 39  ALA n 
1 40  ALA n 
1 41  LYS n 
1 42  ASP n 
1 43  LEU n 
1 44  PHE n 
1 45  SER n 
1 46  PHE n 
1 47  LEU n 
1 48  LYS n 
1 49  GLY n 
1 50  THR n 
1 51  SER n 
1 52  GLU n 
1 53  VAL n 
1 54  PRO n 
1 55  GLN n 
1 56  ASN n 
1 57  ASN n 
1 58  PRO n 
1 59  GLU n 
1 60  LEU n 
1 61  GLN n 
1 62  ALA n 
1 63  HIS n 
1 64  ALA n 
1 65  GLY n 
1 66  LYS n 
1 67  VAL n 
1 68  PHE n 
1 69  LYS n 
1 70  LEU n 
1 71  VAL n 
1 72  TYR n 
1 73  GLU n 
1 74  ALA n 
1 75  ALA n 
1 76  ILE n 
1 77  GLN n 
1 78  LEU n 
1 79  GLU n 
1 80  VAL n 
1 81  THR n 
1 82  GLY n 
1 83  VAL n 
1 84  VAL n 
1 85  VAL n 
1 86  THR n 
1 87  ASP n 
1 88  ALA n 
1 89  THR n 
1 90  LEU n 
1 91  LYS n 
1 92  ASN n 
1 93  LEU n 
1 94  GLY n 
1 95  SER n 
1 96  VAL n 
1 97  HIS n 
1 98  VAL n 
1 99  SER n 
1 100 LYS n 
1 101 GLY n 
1 102 VAL n 
1 103 ALA n 
1 104 ASP n 
1 105 ALA n 
1 106 HIS n 
1 107 PHE n 
1 108 PRO n 
1 109 VAL n 
1 110 VAL n 
1 111 LYS n 
1 112 GLU n 
1 113 ALA n 
1 114 ILE n 
1 115 LEU n 
1 116 LYS n 
1 117 THR n 
1 118 ILE n 
1 119 LYS n 
1 120 GLU n 
1 121 VAL n 
1 122 VAL n 
1 123 GLY n 
1 124 ALA n 
1 125 LYS n 
1 126 TRP n 
1 127 SER n 
1 128 GLU n 
1 129 GLU n 
1 130 LEU n 
1 131 ASN n 
1 132 SER n 
1 133 ALA n 
1 134 TRP n 
1 135 THR n 
1 136 ILE n 
1 137 ALA n 
1 138 TYR n 
1 139 ASP n 
1 140 GLU n 
1 141 LEU n 
1 142 ALA n 
1 143 ILE n 
1 144 VAL n 
1 145 ILE n 
1 146 LYS n 
1 147 LYS n 
1 148 GLU n 
1 149 MET n 
1 150 ASP n 
1 151 ASP n 
1 152 ALA n 
1 153 ALA n 
# 
_entity_src_gen.entity_id                          1 
_entity_src_gen.pdbx_src_id                        1 
_entity_src_gen.pdbx_alt_source_flag               sample 
_entity_src_gen.pdbx_seq_type                      ? 
_entity_src_gen.pdbx_beg_seq_num                   ? 
_entity_src_gen.pdbx_end_seq_num                   ? 
_entity_src_gen.gene_src_common_name               'yellow lupine' 
_entity_src_gen.gene_src_genus                     Lupinus 
_entity_src_gen.pdbx_gene_src_gene                 ? 
_entity_src_gen.gene_src_species                   ? 
_entity_src_gen.gene_src_strain                    ? 
_entity_src_gen.gene_src_tissue                    ? 
_entity_src_gen.gene_src_tissue_fraction           ? 
_entity_src_gen.gene_src_details                   ? 
_entity_src_gen.pdbx_gene_src_fragment             ? 
_entity_src_gen.pdbx_gene_src_scientific_name      'Lupinus luteus' 
_entity_src_gen.pdbx_gene_src_ncbi_taxonomy_id     3873 
_entity_src_gen.pdbx_gene_src_variant              ? 
_entity_src_gen.pdbx_gene_src_cell_line            ? 
_entity_src_gen.pdbx_gene_src_atcc                 ? 
_entity_src_gen.pdbx_gene_src_organ                ? 
_entity_src_gen.pdbx_gene_src_organelle            ? 
_entity_src_gen.pdbx_gene_src_cell                 ? 
_entity_src_gen.pdbx_gene_src_cellular_location    ? 
_entity_src_gen.host_org_common_name               ? 
_entity_src_gen.pdbx_host_org_scientific_name      ? 
_entity_src_gen.pdbx_host_org_ncbi_taxonomy_id     ? 
_entity_src_gen.host_org_genus                     ? 
_entity_src_gen.pdbx_host_org_gene                 ? 
_entity_src_gen.pdbx_host_org_organ                ? 
_entity_src_gen.host_org_species                   ? 
_entity_src_gen.pdbx_host_org_tissue               ? 
_entity_src_gen.pdbx_host_org_tissue_fraction      ? 
_entity_src_gen.pdbx_host_org_strain               ? 
_entity_src_gen.pdbx_host_org_variant              ? 
_entity_src_gen.pdbx_host_org_cell_line            ? 
_entity_src_gen.pdbx_host_org_atcc                 ? 
_entity_src_gen.pdbx_host_org_culture_collection   ? 
_entity_src_gen.pdbx_host_org_cell                 ? 
_entity_src_gen.pdbx_host_org_organelle            ? 
_entity_src_gen.pdbx_host_org_cellular_location    ? 
_entity_src_gen.pdbx_host_org_vector_type          ? 
_entity_src_gen.pdbx_host_org_vector               ? 
_entity_src_gen.host_org_details                   ? 
_entity_src_gen.expression_system_id               ? 
_entity_src_gen.plasmid_name                       ? 
_entity_src_gen.plasmid_details                    ? 
_entity_src_gen.pdbx_description                   ? 
# 
loop_
_chem_comp.id 
_chem_comp.type 
_chem_comp.mon_nstd_flag 
_chem_comp.name 
_chem_comp.pdbx_synonyms 
_chem_comp.formula 
_chem_comp.formula_weight 
ALA 'L-peptide linking' y ALANINE                           ?    'C3 H7 N O2'       89.093  
ARG 'L-peptide linking' y ARGININE                          ?    'C6 H15 N4 O2 1'   175.209 
ASN 'L-peptide linking' y ASPARAGINE                        ?    'C4 H8 N2 O3'      132.118 
ASP 'L-peptide linking' y 'ASPARTIC ACID'                   ?    'C4 H7 N O4'       133.103 
GLN 'L-peptide linking' y GLUTAMINE                         ?    'C5 H10 N2 O3'     146.144 
GLU 'L-peptide linking' y 'GLUTAMIC ACID'                   ?    'C5 H9 N O4'       147.129 
GLY 'peptide linking'   y GLYCINE                           ?    'C2 H5 N O2'       75.067  
HEM non-polymer         . 'PROTOPORPHYRIN IX CONTAINING FE' HEME 'C34 H32 Fe N4 O4' 616.487 
HIS 'L-peptide linking' y HISTIDINE                         ?    'C6 H10 N3 O2 1'   156.162 
HOH non-polymer         . WATER                             ?    'H2 O'             18.015  
ILE 'L-peptide linking' y ISOLEUCINE                        ?    'C6 H13 N O2'      131.173 
LEU 'L-peptide linking' y LEUCINE                           ?    'C6 H13 N O2'      131.173 
LYS 'L-peptide linking' y LYSINE                            ?    'C6 H15 N2 O2 1'   147.195 
MET 'L-peptide linking' y METHIONINE                        ?    'C5 H11 N O2 S'    149.211 
NBE non-polymer         . NITROSOBENZENE                    ?    'C6 H5 N O'        107.110 
PHE 'L-peptide linking' y PHENYLALANINE                     ?    'C9 H11 N O2'      165.189 
PRO 'L-peptide linking' y PROLINE                           ?    'C5 H9 N O2'       115.130 
SER 'L-peptide linking' y SERINE                            ?    'C3 H7 N O3'       105.093 
THR 'L-peptide linking' y THREONINE                         ?    'C4 H9 N O3'       119.119 
TRP 'L-peptide linking' y TRYPTOPHAN                        ?    'C11 H12 N2 O2'    204.225 
TYR 'L-peptide linking' y TYROSINE                          ?    'C9 H11 N O3'      181.189 
VAL 'L-peptide linking' y VALINE                            ?    'C5 H11 N O2'      117.146 
# 
loop_
_pdbx_poly_seq_scheme.asym_id 
_pdbx_poly_seq_scheme.entity_id 
_pdbx_poly_seq_scheme.seq_id 
_pdbx_poly_seq_scheme.mon_id 
_pdbx_poly_seq_scheme.ndb_seq_num 
_pdbx_poly_seq_scheme.pdb_seq_num 
_pdbx_poly_seq_scheme.auth_seq_num 
_pdbx_poly_seq_scheme.pdb_mon_id 
_pdbx_poly_seq_scheme.auth_mon_id 
_pdbx_poly_seq_scheme.pdb_strand_id 
_pdbx_poly_seq_scheme.pdb_ins_code 
_pdbx_poly_seq_scheme.hetero 
A 1 1   GLY 1   1   1   GLY GLY A . n 
A 1 2   ALA 2   2   2   ALA ALA A . n 
A 1 3   LEU 3   3   3   LEU LEU A . n 
A 1 4   THR 4   4   4   THR THR A . n 
A 1 5   GLU 5   5   5   GLU GLU A . n 
A 1 6   SER 6   6   6   SER SER A . n 
A 1 7   GLN 7   7   7   GLN GLN A . n 
A 1 8   ALA 8   8   8   ALA ALA A . n 
A 1 9   ALA 9   9   9   ALA ALA A . n 
A 1 10  LEU 10  10  10  LEU LEU A . n 
A 1 11  VAL 11  11  11  VAL VAL A . n 
A 1 12  LYS 12  12  12  LYS LYS A . n 
A 1 13  SER 13  13  13  SER SER A . n 
A 1 14  SER 14  14  14  SER SER A . n 
A 1 15  TRP 15  15  15  TRP TRP A . n 
A 1 16  GLU 16  16  16  GLU GLU A . n 
A 1 17  GLU 17  17  17  GLU GLU A . n 
A 1 18  PHE 18  18  18  PHE PHE A . n 
A 1 19  ASN 19  19  19  ASN ASN A . n 
A 1 20  ALA 20  20  20  ALA ALA A . n 
A 1 21  ASN 21  21  21  ASN ASN A . n 
A 1 22  ILE 22  22  22  ILE ILE A . n 
A 1 23  PRO 23  23  23  PRO PRO A . n 
A 1 24  LYS 24  24  24  LYS LYS A . n 
A 1 25  HIS 25  25  25  HIS HIS A . n 
A 1 26  THR 26  26  26  THR THR A . n 
A 1 27  HIS 27  27  27  HIS HIS A . n 
A 1 28  ARG 28  28  28  ARG ARG A . n 
A 1 29  PHE 29  29  29  PHE PHE A . n 
A 1 30  PHE 30  30  30  PHE PHE A . n 
A 1 31  ILE 31  31  31  ILE ILE A . n 
A 1 32  LEU 32  32  32  LEU LEU A . n 
A 1 33  VAL 33  33  33  VAL VAL A . n 
A 1 34  LEU 34  34  34  LEU LEU A . n 
A 1 35  GLU 35  35  35  GLU GLU A . n 
A 1 36  ILE 36  36  36  ILE ILE A . n 
A 1 37  ALA 37  37  37  ALA ALA A . n 
A 1 38  PRO 38  38  38  PRO PRO A . n 
A 1 39  ALA 39  39  39  ALA ALA A . n 
A 1 40  ALA 40  40  40  ALA ALA A . n 
A 1 41  LYS 41  41  41  LYS LYS A . n 
A 1 42  ASP 42  42  42  ASP ASP A . n 
A 1 43  LEU 43  43  43  LEU LEU A . n 
A 1 44  PHE 44  44  44  PHE PHE A . n 
A 1 45  SER 45  45  45  SER SER A . n 
A 1 46  PHE 46  46  46  PHE PHE A . n 
A 1 47  LEU 47  47  47  LEU LEU A . n 
A 1 48  LYS 48  48  48  LYS LYS A . n 
A 1 49  GLY 49  49  49  GLY GLY A . n 
A 1 50  THR 50  50  50  THR THR A . n 
A 1 51  SER 51  51  51  SER SER A . n 
A 1 52  GLU 52  52  52  GLU GLU A . n 
A 1 53  VAL 53  53  53  VAL VAL A . n 
A 1 54  PRO 54  54  54  PRO PRO A . n 
A 1 55  GLN 55  55  55  GLN GLN A . n 
A 1 56  ASN 56  56  56  ASN ASN A . n 
A 1 57  ASN 57  57  57  ASN ASN A . n 
A 1 58  PRO 58  58  58  PRO PRO A . n 
A 1 59  GLU 59  59  59  GLU GLU A . n 
A 1 60  LEU 60  60  60  LEU LEU A . n 
A 1 61  GLN 61  61  61  GLN GLN A . n 
A 1 62  ALA 62  62  62  ALA ALA A . n 
A 1 63  HIS 63  63  63  HIS HIS A . n 
A 1 64  ALA 64  64  64  ALA ALA A . n 
A 1 65  GLY 65  65  65  GLY GLY A . n 
A 1 66  LYS 66  66  66  LYS LYS A . n 
A 1 67  VAL 67  67  67  VAL VAL A . n 
A 1 68  PHE 68  68  68  PHE PHE A . n 
A 1 69  LYS 69  69  69  LYS LYS A . n 
A 1 70  LEU 70  70  70  LEU LEU A . n 
A 1 71  VAL 71  71  71  VAL VAL A . n 
A 1 72  TYR 72  72  72  TYR TYR A . n 
A 1 73  GLU 73  73  73  GLU GLU A . n 
A 1 74  ALA 74  74  74  ALA ALA A . n 
A 1 75  ALA 75  75  75  ALA ALA A . n 
A 1 76  ILE 76  76  76  ILE ILE A . n 
A 1 77  GLN 77  77  77  GLN GLN A . n 
A 1 78  LEU 78  78  78  LEU LEU A . n 
A 1 79  GLU 79  79  79  GLU GLU A . n 
A 1 80  VAL 80  80  80  VAL VAL A . n 
A 1 81  THR 81  81  81  THR THR A . n 
A 1 82  GLY 82  82  82  GLY GLY A . n 
A 1 83  VAL 83  83  83  VAL VAL A . n 
A 1 84  VAL 84  84  84  VAL VAL A . n 
A 1 85  VAL 85  85  85  VAL VAL A . n 
A 1 86  THR 86  86  86  THR THR A . n 
A 1 87  ASP 87  87  87  ASP ASP A . n 
A 1 88  ALA 88  88  88  ALA ALA A . n 
A 1 89  THR 89  89  89  THR THR A . n 
A 1 90  LEU 90  90  90  LEU LEU A . n 
A 1 91  LYS 91  91  91  LYS LYS A . n 
A 1 92  ASN 92  92  92  ASN ASN A . n 
A 1 93  LEU 93  93  93  LEU LEU A . n 
A 1 94  GLY 94  94  94  GLY GLY A . n 
A 1 95  SER 95  95  95  SER SER A . n 
A 1 96  VAL 96  96  96  VAL VAL A . n 
A 1 97  HIS 97  97  97  HIS HIS A . n 
A 1 98  VAL 98  98  98  VAL VAL A . n 
A 1 99  SER 99  99  99  SER SER A . n 
A 1 100 LYS 100 100 100 LYS LYS A . n 
A 1 101 GLY 101 101 101 GLY GLY A . n 
A 1 102 VAL 102 102 102 VAL VAL A . n 
A 1 103 ALA 103 103 103 ALA ALA A . n 
A 1 104 ASP 104 104 104 ASP ASP A . n 
A 1 105 ALA 105 105 105 ALA ALA A . n 
A 1 106 HIS 106 106 106 HIS HIS A . n 
A 1 107 PHE 107 107 107 PHE PHE A . n 
A 1 108 PRO 108 108 108 PRO PRO A . n 
A 1 109 VAL 109 109 109 VAL VAL A . n 
A 1 110 VAL 110 110 110 VAL VAL A . n 
A 1 111 LYS 111 111 111 LYS LYS A . n 
A 1 112 GLU 112 112 112 GLU GLU A . n 
A 1 113 ALA 113 113 113 ALA ALA A . n 
A 1 114 ILE 114 114 114 ILE ILE A . n 
A 1 115 LEU 115 115 115 LEU LEU A . n 
A 1 116 LYS 116 116 116 LYS LYS A . n 
A 1 117 THR 117 117 117 THR THR A . n 
A 1 118 ILE 118 118 118 ILE ILE A . n 
A 1 119 LYS 119 119 119 LYS LYS A . n 
A 1 120 GLU 120 120 120 GLU GLU A . n 
A 1 121 VAL 121 121 121 VAL VAL A . n 
A 1 122 VAL 122 122 122 VAL VAL A . n 
A 1 123 GLY 123 123 123 GLY GLY A . n 
A 1 124 ALA 124 124 124 ALA ALA A . n 
A 1 125 LYS 125 125 125 LYS LYS A . n 
A 1 126 TRP 126 126 126 TRP TRP A . n 
A 1 127 SER 127 127 127 SER SER A . n 
A 1 128 GLU 128 128 128 GLU GLU A . n 
A 1 129 GLU 129 129 129 GLU GLU A . n 
A 1 130 LEU 130 130 130 LEU LEU A . n 
A 1 131 ASN 131 131 131 ASN ASN A . n 
A 1 132 SER 132 132 132 SER SER A . n 
A 1 133 ALA 133 133 133 ALA ALA A . n 
A 1 134 TRP 134 134 134 TRP TRP A . n 
A 1 135 THR 135 135 135 THR THR A . n 
A 1 136 ILE 136 136 136 ILE ILE A . n 
A 1 137 ALA 137 137 137 ALA ALA A . n 
A 1 138 TYR 138 138 138 TYR TYR A . n 
A 1 139 ASP 139 139 139 ASP ASP A . n 
A 1 140 GLU 140 140 140 GLU GLU A . n 
A 1 141 LEU 141 141 141 LEU LEU A . n 
A 1 142 ALA 142 142 142 ALA ALA A . n 
A 1 143 ILE 143 143 143 ILE ILE A . n 
A 1 144 VAL 144 144 144 VAL VAL A . n 
A 1 145 ILE 145 145 145 ILE ILE A . n 
A 1 146 LYS 146 146 146 LYS LYS A . n 
A 1 147 LYS 147 147 147 LYS LYS A . n 
A 1 148 GLU 148 148 148 GLU GLU A . n 
A 1 149 MET 149 149 149 MET MET A . n 
A 1 150 ASP 150 150 150 ASP ASP A . n 
A 1 151 ASP 151 151 151 ASP ASP A . n 
A 1 152 ALA 152 152 152 ALA ALA A . n 
A 1 153 ALA 153 153 153 ALA ALA A . n 
# 
loop_
_pdbx_nonpoly_scheme.asym_id 
_pdbx_nonpoly_scheme.entity_id 
_pdbx_nonpoly_scheme.mon_id 
_pdbx_nonpoly_scheme.ndb_seq_num 
_pdbx_nonpoly_scheme.pdb_seq_num 
_pdbx_nonpoly_scheme.auth_seq_num 
_pdbx_nonpoly_scheme.pdb_mon_id 
_pdbx_nonpoly_scheme.auth_mon_id 
_pdbx_nonpoly_scheme.pdb_strand_id 
_pdbx_nonpoly_scheme.pdb_ins_code 
B 2 HEM 1  154 1  HEM HEM A . 
C 3 NBE 1  155 2  NBE NBE A . 
D 4 HOH 1  156 3  HOH HOH A . 
D 4 HOH 2  157 4  HOH HOH A . 
D 4 HOH 3  158 5  HOH HOH A . 
D 4 HOH 4  159 6  HOH HOH A . 
D 4 HOH 5  160 7  HOH HOH A . 
D 4 HOH 6  161 8  HOH HOH A . 
D 4 HOH 7  162 9  HOH HOH A . 
D 4 HOH 8  163 10 HOH HOH A . 
D 4 HOH 9  164 11 HOH HOH A . 
D 4 HOH 10 165 12 HOH HOH A . 
D 4 HOH 11 166 13 HOH HOH A . 
D 4 HOH 12 167 14 HOH HOH A . 
D 4 HOH 13 168 15 HOH HOH A . 
D 4 HOH 14 169 16 HOH HOH A . 
D 4 HOH 15 170 17 HOH HOH A . 
D 4 HOH 16 171 18 HOH HOH A . 
D 4 HOH 17 172 19 HOH HOH A . 
D 4 HOH 18 173 20 HOH HOH A . 
D 4 HOH 19 174 21 HOH HOH A . 
D 4 HOH 20 175 22 HOH HOH A . 
D 4 HOH 21 176 23 HOH HOH A . 
D 4 HOH 22 177 24 HOH HOH A . 
D 4 HOH 23 178 25 HOH HOH A . 
D 4 HOH 24 179 26 HOH HOH A . 
D 4 HOH 25 180 27 HOH HOH A . 
D 4 HOH 26 181 28 HOH HOH A . 
D 4 HOH 27 182 29 HOH HOH A . 
D 4 HOH 28 183 30 HOH HOH A . 
D 4 HOH 29 184 31 HOH HOH A . 
D 4 HOH 30 185 32 HOH HOH A . 
D 4 HOH 31 186 33 HOH HOH A . 
D 4 HOH 32 187 34 HOH HOH A . 
D 4 HOH 33 188 35 HOH HOH A . 
D 4 HOH 34 189 36 HOH HOH A . 
D 4 HOH 35 190 37 HOH HOH A . 
D 4 HOH 36 191 38 HOH HOH A . 
D 4 HOH 37 192 39 HOH HOH A . 
D 4 HOH 38 193 40 HOH HOH A . 
D 4 HOH 39 194 41 HOH HOH A . 
D 4 HOH 40 195 42 HOH HOH A . 
D 4 HOH 41 196 43 HOH HOH A . 
D 4 HOH 42 197 44 HOH HOH A . 
D 4 HOH 43 198 45 HOH HOH A . 
D 4 HOH 44 199 46 HOH HOH A . 
D 4 HOH 45 200 47 HOH HOH A . 
D 4 HOH 46 201 48 HOH HOH A . 
D 4 HOH 47 202 49 HOH HOH A . 
D 4 HOH 48 203 50 HOH HOH A . 
D 4 HOH 49 204 51 HOH HOH A . 
D 4 HOH 50 205 52 HOH HOH A . 
D 4 HOH 51 206 53 HOH HOH A . 
D 4 HOH 52 207 54 HOH HOH A . 
D 4 HOH 53 208 55 HOH HOH A . 
D 4 HOH 54 209 56 HOH HOH A . 
D 4 HOH 55 210 57 HOH HOH A . 
D 4 HOH 56 211 58 HOH HOH A . 
D 4 HOH 57 212 59 HOH HOH A . 
D 4 HOH 58 213 60 HOH HOH A . 
D 4 HOH 59 214 61 HOH HOH A . 
D 4 HOH 60 215 62 HOH HOH A . 
D 4 HOH 61 216 63 HOH HOH A . 
D 4 HOH 62 217 64 HOH HOH A . 
D 4 HOH 63 218 65 HOH HOH A . 
D 4 HOH 64 219 66 HOH HOH A . 
# 
loop_
_pdbx_unobs_or_zero_occ_atoms.id 
_pdbx_unobs_or_zero_occ_atoms.PDB_model_num 
_pdbx_unobs_or_zero_occ_atoms.polymer_flag 
_pdbx_unobs_or_zero_occ_atoms.occupancy_flag 
_pdbx_unobs_or_zero_occ_atoms.auth_asym_id 
_pdbx_unobs_or_zero_occ_atoms.auth_comp_id 
_pdbx_unobs_or_zero_occ_atoms.auth_seq_id 
_pdbx_unobs_or_zero_occ_atoms.PDB_ins_code 
_pdbx_unobs_or_zero_occ_atoms.auth_atom_id 
_pdbx_unobs_or_zero_occ_atoms.label_alt_id 
_pdbx_unobs_or_zero_occ_atoms.label_asym_id 
_pdbx_unobs_or_zero_occ_atoms.label_comp_id 
_pdbx_unobs_or_zero_occ_atoms.label_seq_id 
_pdbx_unobs_or_zero_occ_atoms.label_atom_id 
1  1 Y 0 A GLY 1   ? O   ? A GLY 1   O   
2  1 Y 0 A ALA 2   ? CB  ? A ALA 2   CB  
3  1 Y 0 A LYS 12  ? NZ  ? A LYS 12  NZ  
4  1 Y 0 A LYS 24  ? CE  ? A LYS 24  CE  
5  1 Y 0 A LYS 24  ? NZ  ? A LYS 24  NZ  
6  1 Y 0 A LYS 41  ? NZ  ? A LYS 41  NZ  
7  1 Y 0 A LYS 48  ? CG  ? A LYS 48  CG  
8  1 Y 0 A LYS 48  ? CD  ? A LYS 48  CD  
9  1 Y 0 A LYS 48  ? CE  ? A LYS 48  CE  
10 1 Y 0 A LYS 48  ? NZ  ? A LYS 48  NZ  
11 1 Y 0 A SER 51  ? OG  ? A SER 51  OG  
12 1 Y 0 A GLU 52  ? CG  ? A GLU 52  CG  
13 1 Y 0 A GLU 52  ? CD  ? A GLU 52  CD  
14 1 Y 0 A GLU 52  ? OE1 ? A GLU 52  OE1 
15 1 Y 0 A GLU 52  ? OE2 ? A GLU 52  OE2 
16 1 Y 0 A LYS 66  ? NZ  ? A LYS 66  NZ  
17 1 Y 0 A LYS 69  ? NZ  ? A LYS 69  NZ  
18 1 Y 0 A LYS 91  ? CD  ? A LYS 91  CD  
19 1 Y 0 A LYS 91  ? CE  ? A LYS 91  CE  
20 1 Y 0 A LYS 91  ? NZ  ? A LYS 91  NZ  
21 1 Y 0 A LYS 100 ? NZ  ? A LYS 100 NZ  
22 1 Y 0 A LYS 116 ? NZ  ? A LYS 116 NZ  
23 1 Y 0 A LYS 119 ? CE  ? A LYS 119 CE  
24 1 Y 0 A LYS 119 ? NZ  ? A LYS 119 NZ  
25 1 Y 0 A GLU 128 ? CD  ? A GLU 128 CD  
26 1 Y 0 A GLU 128 ? OE1 ? A GLU 128 OE1 
27 1 Y 0 A GLU 128 ? OE2 ? A GLU 128 OE2 
28 1 Y 0 A LYS 147 ? CD  ? A LYS 147 CD  
29 1 Y 0 A LYS 147 ? CE  ? A LYS 147 CE  
30 1 Y 0 A LYS 147 ? NZ  ? A LYS 147 NZ  
31 1 Y 0 A ASP 150 ? OD1 ? A ASP 150 OD1 
32 1 Y 0 A ASP 150 ? OD2 ? A ASP 150 OD2 
33 1 Y 0 A ASP 151 ? OD1 ? A ASP 151 OD1 
34 1 Y 0 A ASP 151 ? OD2 ? A ASP 151 OD2 
35 1 Y 0 A ALA 153 ? O   ? A ALA 153 O   
36 1 Y 0 A ALA 153 ? OXT ? A ALA 153 OXT 
37 1 N 0 A HEM 154 ? CGA ? B HEM ?   CGA 
38 1 N 0 A HEM 154 ? O1A ? B HEM ?   O1A 
39 1 N 0 A HEM 154 ? O2A ? B HEM ?   O2A 
# 
_cell.entry_id           2LH7 
_cell.length_a           93.230 
_cell.length_b           38.250 
_cell.length_c           51.880 
_cell.angle_alpha        90.00 
_cell.angle_beta         90.00 
_cell.angle_gamma        98.70 
_cell.Z_PDB              4 
_cell.pdbx_unique_axis   ? 
_cell.length_a_esd       ? 
_cell.length_b_esd       ? 
_cell.length_c_esd       ? 
_cell.angle_alpha_esd    ? 
_cell.angle_beta_esd     ? 
_cell.angle_gamma_esd    ? 
# 
_symmetry.entry_id                         2LH7 
_symmetry.space_group_name_H-M             'B 1 1 2' 
_symmetry.pdbx_full_space_group_name_H-M   ? 
_symmetry.cell_setting                     ? 
_symmetry.Int_Tables_number                5 
_symmetry.space_group_name_Hall            ? 
# 
_exptl.entry_id          2LH7 
_exptl.method            'X-RAY DIFFRACTION' 
_exptl.crystals_number   ? 
# 
_exptl_crystal.id                    1 
_exptl_crystal.density_meas          ? 
_exptl_crystal.density_Matthews      2.74 
_exptl_crystal.density_percent_sol   55.13 
_exptl_crystal.description           ? 
_exptl_crystal.F_000                 ? 
_exptl_crystal.preparation           ? 
# 
_refine.entry_id                                 2LH7 
_refine.ls_number_reflns_obs                     ? 
_refine.ls_number_reflns_all                     ? 
_refine.pdbx_ls_sigma_I                          ? 
_refine.pdbx_ls_sigma_F                          ? 
_refine.pdbx_data_cutoff_high_absF               ? 
_refine.pdbx_data_cutoff_low_absF                ? 
_refine.pdbx_data_cutoff_high_rms_absF           ? 
_refine.ls_d_res_low                             ? 
_refine.ls_d_res_high                            2.0 
_refine.ls_percent_reflns_obs                    ? 
_refine.ls_R_factor_obs                          ? 
_refine.ls_R_factor_all                          ? 
_refine.ls_R_factor_R_work                       ? 
_refine.ls_R_factor_R_free                       ? 
_refine.ls_R_factor_R_free_error                 ? 
_refine.ls_R_factor_R_free_error_details         ? 
_refine.ls_percent_reflns_R_free                 ? 
_refine.ls_number_reflns_R_free                  ? 
_refine.ls_number_parameters                     ? 
_refine.ls_number_restraints                     ? 
_refine.occupancy_min                            ? 
_refine.occupancy_max                            ? 
_refine.B_iso_mean                               ? 
_refine.aniso_B[1][1]                            ? 
_refine.aniso_B[2][2]                            ? 
_refine.aniso_B[3][3]                            ? 
_refine.aniso_B[1][2]                            ? 
_refine.aniso_B[1][3]                            ? 
_refine.aniso_B[2][3]                            ? 
_refine.solvent_model_details                    ? 
_refine.solvent_model_param_ksol                 ? 
_refine.solvent_model_param_bsol                 ? 
_refine.pdbx_ls_cross_valid_method               ? 
_refine.details                                  ? 
_refine.pdbx_starting_model                      ? 
_refine.pdbx_method_to_determine_struct          ? 
_refine.pdbx_isotropic_thermal_model             ? 
_refine.pdbx_stereochemistry_target_values       ? 
_refine.pdbx_stereochem_target_val_spec_case     ? 
_refine.pdbx_R_Free_selection_details            ? 
_refine.pdbx_overall_ESU_R_Free                  ? 
_refine.overall_SU_ML                            ? 
_refine.overall_SU_B                             ? 
_refine.pdbx_refine_id                           'X-RAY DIFFRACTION' 
_refine.ls_redundancy_reflns_obs                 ? 
_refine.pdbx_overall_ESU_R                       ? 
_refine.pdbx_overall_phase_error                 ? 
_refine.B_iso_min                                ? 
_refine.B_iso_max                                ? 
_refine.correlation_coeff_Fo_to_Fc               ? 
_refine.correlation_coeff_Fo_to_Fc_free          ? 
_refine.pdbx_solvent_vdw_probe_radii             ? 
_refine.pdbx_solvent_ion_probe_radii             ? 
_refine.pdbx_solvent_shrinkage_radii             ? 
_refine.overall_SU_R_Cruickshank_DPI             ? 
_refine.overall_SU_R_free                        ? 
_refine.ls_wR_factor_R_free                      ? 
_refine.ls_wR_factor_R_work                      ? 
_refine.overall_FOM_free_R_set                   ? 
_refine.overall_FOM_work_R_set                   ? 
_refine.pdbx_diffrn_id                           1 
_refine.pdbx_TLS_residual_ADP_flag               ? 
_refine.pdbx_overall_SU_R_free_Cruickshank_DPI   ? 
_refine.pdbx_overall_SU_R_Blow_DPI               ? 
_refine.pdbx_overall_SU_R_free_Blow_DPI          ? 
# 
_refine_hist.pdbx_refine_id                   'X-RAY DIFFRACTION' 
_refine_hist.cycle_id                         LAST 
_refine_hist.pdbx_number_atoms_protein        1180 
_refine_hist.pdbx_number_atoms_nucleic_acid   0 
_refine_hist.pdbx_number_atoms_ligand         51 
_refine_hist.number_atoms_solvent             64 
_refine_hist.number_atoms_total               1295 
_refine_hist.d_res_high                       2.0 
_refine_hist.d_res_low                        . 
# 
_struct.entry_id                  2LH7 
_struct.title                     
;X-RAY STRUCTURAL INVESTIGATION OF LEGHEMOGLOBIN. VI. STRUCTURE OF ACETATE-FERRILEGHEMOGLOBIN AT A RESOLUTION OF 2.0 ANGSTROMS (RUSSIAN)
;
_struct.pdbx_model_details        ? 
_struct.pdbx_CASP_flag            ? 
_struct.pdbx_model_type_details   ? 
# 
_struct_keywords.entry_id        2LH7 
_struct_keywords.pdbx_keywords   'OXYGEN TRANSPORT' 
_struct_keywords.text            'OXYGEN TRANSPORT' 
# 
loop_
_struct_asym.id 
_struct_asym.pdbx_blank_PDB_chainid_flag 
_struct_asym.pdbx_modified 
_struct_asym.entity_id 
_struct_asym.details 
A N N 1 ? 
B N N 2 ? 
C N N 3 ? 
D N N 4 ? 
# 
_struct_ref.id                         1 
_struct_ref.db_name                    UNP 
_struct_ref.db_code                    LGB2_LUPLU 
_struct_ref.entity_id                  1 
_struct_ref.pdbx_db_accession          P02240 
_struct_ref.pdbx_align_begin           1 
_struct_ref.pdbx_seq_one_letter_code   
;GALTESQAALVKSSWEEFNANIPKHTHRFFILVLEIAPAAKDLFSFLKGTSEVPQNNPELQAHAGKVFKLVYEAAIQLQV
TGVVVTDATLKNLGSVHVSKGVADAHFPVVKEAILKTIKEVVGAKWSEELNSAWTIAYDELAIVIKKEMNDAA
;
_struct_ref.pdbx_db_isoform            ? 
# 
_struct_ref_seq.align_id                      1 
_struct_ref_seq.ref_id                        1 
_struct_ref_seq.pdbx_PDB_id_code              2LH7 
_struct_ref_seq.pdbx_strand_id                A 
_struct_ref_seq.seq_align_beg                 1 
_struct_ref_seq.pdbx_seq_align_beg_ins_code   ? 
_struct_ref_seq.seq_align_end                 153 
_struct_ref_seq.pdbx_seq_align_end_ins_code   ? 
_struct_ref_seq.pdbx_db_accession             P02240 
_struct_ref_seq.db_align_beg                  1 
_struct_ref_seq.pdbx_db_align_beg_ins_code    ? 
_struct_ref_seq.db_align_end                  153 
_struct_ref_seq.pdbx_db_align_end_ins_code    ? 
_struct_ref_seq.pdbx_auth_seq_align_beg       1 
_struct_ref_seq.pdbx_auth_seq_align_end       153 
# 
loop_
_struct_ref_seq_dif.align_id 
_struct_ref_seq_dif.pdbx_pdb_id_code 
_struct_ref_seq_dif.mon_id 
_struct_ref_seq_dif.pdbx_pdb_strand_id 
_struct_ref_seq_dif.seq_num 
_struct_ref_seq_dif.pdbx_pdb_ins_code 
_struct_ref_seq_dif.pdbx_seq_db_name 
_struct_ref_seq_dif.pdbx_seq_db_accession_code 
_struct_ref_seq_dif.db_mon_id 
_struct_ref_seq_dif.pdbx_seq_db_seq_num 
_struct_ref_seq_dif.details 
_struct_ref_seq_dif.pdbx_auth_seq_num 
_struct_ref_seq_dif.pdbx_ordinal 
1 2LH7 GLU A 79  ? UNP P02240 GLN 79  conflict 79  1 
1 2LH7 ASP A 150 ? UNP P02240 ASN 150 conflict 150 2 
# 
_pdbx_struct_assembly.id                   1 
_pdbx_struct_assembly.details              author_defined_assembly 
_pdbx_struct_assembly.method_details       ? 
_pdbx_struct_assembly.oligomeric_details   monomeric 
_pdbx_struct_assembly.oligomeric_count     1 
# 
_pdbx_struct_assembly_gen.assembly_id       1 
_pdbx_struct_assembly_gen.oper_expression   1 
_pdbx_struct_assembly_gen.asym_id_list      A,B,C,D 
# 
_pdbx_struct_oper_list.id                   1 
_pdbx_struct_oper_list.type                 'identity operation' 
_pdbx_struct_oper_list.name                 1_555 
_pdbx_struct_oper_list.symmetry_operation   x,y,z 
_pdbx_struct_oper_list.matrix[1][1]         1.0000000000 
_pdbx_struct_oper_list.matrix[1][2]         0.0000000000 
_pdbx_struct_oper_list.matrix[1][3]         0.0000000000 
_pdbx_struct_oper_list.vector[1]            0.0000000000 
_pdbx_struct_oper_list.matrix[2][1]         0.0000000000 
_pdbx_struct_oper_list.matrix[2][2]         1.0000000000 
_pdbx_struct_oper_list.matrix[2][3]         0.0000000000 
_pdbx_struct_oper_list.vector[2]            0.0000000000 
_pdbx_struct_oper_list.matrix[3][1]         0.0000000000 
_pdbx_struct_oper_list.matrix[3][2]         0.0000000000 
_pdbx_struct_oper_list.matrix[3][3]         1.0000000000 
_pdbx_struct_oper_list.vector[3]            0.0000000000 
# 
_struct_biol.id        1 
_struct_biol.details   ? 
# 
loop_
_struct_conf.conf_type_id 
_struct_conf.id 
_struct_conf.pdbx_PDB_helix_id 
_struct_conf.beg_label_comp_id 
_struct_conf.beg_label_asym_id 
_struct_conf.beg_label_seq_id 
_struct_conf.pdbx_beg_PDB_ins_code 
_struct_conf.end_label_comp_id 
_struct_conf.end_label_asym_id 
_struct_conf.end_label_seq_id 
_struct_conf.pdbx_end_PDB_ins_code 
_struct_conf.beg_auth_comp_id 
_struct_conf.beg_auth_asym_id 
_struct_conf.beg_auth_seq_id 
_struct_conf.end_auth_comp_id 
_struct_conf.end_auth_asym_id 
_struct_conf.end_auth_seq_id 
_struct_conf.pdbx_PDB_helix_class 
_struct_conf.details 
_struct_conf.pdbx_PDB_helix_length 
HELX_P HELX_P1 A THR A 4   ? ALA A 20  ? THR A 4   ALA A 20  1 ? 17 
HELX_P HELX_P2 B ASN A 21  ? ILE A 36  ? ASN A 21  ILE A 36  1 ? 16 
HELX_P HELX_P3 C ALA A 37  ? LEU A 43  ? ALA A 37  LEU A 43  1 ? 7  
HELX_P HELX_P4 E ASN A 57  ? GLY A 82  ? ASN A 57  GLY A 82  1 ? 26 
HELX_P HELX_P5 F ALA A 88  ? GLY A 101 ? ALA A 88  GLY A 101 1 ? 14 
HELX_P HELX_P6 G ASP A 104 ? GLY A 123 ? ASP A 104 GLY A 123 1 ? 20 
HELX_P HELX_P7 H SER A 127 ? ALA A 152 ? SER A 127 ALA A 152 1 ? 26 
# 
_struct_conf_type.id          HELX_P 
_struct_conf_type.criteria    ? 
_struct_conf_type.reference   ? 
# 
loop_
_struct_conn.id 
_struct_conn.conn_type_id 
_struct_conn.pdbx_leaving_atom_flag 
_struct_conn.pdbx_PDB_id 
_struct_conn.ptnr1_label_asym_id 
_struct_conn.ptnr1_label_comp_id 
_struct_conn.ptnr1_label_seq_id 
_struct_conn.ptnr1_label_atom_id 
_struct_conn.pdbx_ptnr1_label_alt_id 
_struct_conn.pdbx_ptnr1_PDB_ins_code 
_struct_conn.pdbx_ptnr1_standard_comp_id 
_struct_conn.ptnr1_symmetry 
_struct_conn.ptnr2_label_asym_id 
_struct_conn.ptnr2_label_comp_id 
_struct_conn.ptnr2_label_seq_id 
_struct_conn.ptnr2_label_atom_id 
_struct_conn.pdbx_ptnr2_label_alt_id 
_struct_conn.pdbx_ptnr2_PDB_ins_code 
_struct_conn.ptnr1_auth_asym_id 
_struct_conn.ptnr1_auth_comp_id 
_struct_conn.ptnr1_auth_seq_id 
_struct_conn.ptnr2_auth_asym_id 
_struct_conn.ptnr2_auth_comp_id 
_struct_conn.ptnr2_auth_seq_id 
_struct_conn.ptnr2_symmetry 
_struct_conn.pdbx_ptnr3_label_atom_id 
_struct_conn.pdbx_ptnr3_label_seq_id 
_struct_conn.pdbx_ptnr3_label_comp_id 
_struct_conn.pdbx_ptnr3_label_asym_id 
_struct_conn.pdbx_ptnr3_label_alt_id 
_struct_conn.pdbx_ptnr3_PDB_ins_code 
_struct_conn.details 
_struct_conn.pdbx_dist_value 
_struct_conn.pdbx_value_order 
_struct_conn.pdbx_role 
metalc1 metalc ? ? A HIS 97 NE2 ? ? ? 1_555 B HEM . FE ? ? A HIS 97  A HEM 154 1_555 ? ? ? ? ? ? ? 2.175 ? ? 
metalc2 metalc ? ? B HEM .  FE  ? ? ? 1_555 C NBE . N  ? ? A HEM 154 A NBE 155 1_555 ? ? ? ? ? ? ? 2.097 ? ? 
# 
_struct_conn_type.id          metalc 
_struct_conn_type.criteria    ? 
_struct_conn_type.reference   ? 
# 
loop_
_pdbx_struct_conn_angle.id 
_pdbx_struct_conn_angle.ptnr1_label_atom_id 
_pdbx_struct_conn_angle.ptnr1_label_alt_id 
_pdbx_struct_conn_angle.ptnr1_label_asym_id 
_pdbx_struct_conn_angle.ptnr1_label_comp_id 
_pdbx_struct_conn_angle.ptnr1_label_seq_id 
_pdbx_struct_conn_angle.ptnr1_auth_atom_id 
_pdbx_struct_conn_angle.ptnr1_auth_asym_id 
_pdbx_struct_conn_angle.ptnr1_auth_comp_id 
_pdbx_struct_conn_angle.ptnr1_auth_seq_id 
_pdbx_struct_conn_angle.ptnr1_PDB_ins_code 
_pdbx_struct_conn_angle.ptnr1_symmetry 
_pdbx_struct_conn_angle.ptnr2_label_atom_id 
_pdbx_struct_conn_angle.ptnr2_label_alt_id 
_pdbx_struct_conn_angle.ptnr2_label_asym_id 
_pdbx_struct_conn_angle.ptnr2_label_comp_id 
_pdbx_struct_conn_angle.ptnr2_label_seq_id 
_pdbx_struct_conn_angle.ptnr2_auth_atom_id 
_pdbx_struct_conn_angle.ptnr2_auth_asym_id 
_pdbx_struct_conn_angle.ptnr2_auth_comp_id 
_pdbx_struct_conn_angle.ptnr2_auth_seq_id 
_pdbx_struct_conn_angle.ptnr2_PDB_ins_code 
_pdbx_struct_conn_angle.ptnr2_symmetry 
_pdbx_struct_conn_angle.ptnr3_label_atom_id 
_pdbx_struct_conn_angle.ptnr3_label_alt_id 
_pdbx_struct_conn_angle.ptnr3_label_asym_id 
_pdbx_struct_conn_angle.ptnr3_label_comp_id 
_pdbx_struct_conn_angle.ptnr3_label_seq_id 
_pdbx_struct_conn_angle.ptnr3_auth_atom_id 
_pdbx_struct_conn_angle.ptnr3_auth_asym_id 
_pdbx_struct_conn_angle.ptnr3_auth_comp_id 
_pdbx_struct_conn_angle.ptnr3_auth_seq_id 
_pdbx_struct_conn_angle.ptnr3_PDB_ins_code 
_pdbx_struct_conn_angle.ptnr3_symmetry 
_pdbx_struct_conn_angle.value 
_pdbx_struct_conn_angle.value_esd 
1  NE2 ? A HIS 97 ? A HIS 97  ? 1_555 FE ? B HEM . ? A HEM 154 ? 1_555 NA ? B HEM . ? A HEM 154 ? 1_555 82.5  ? 
2  NE2 ? A HIS 97 ? A HIS 97  ? 1_555 FE ? B HEM . ? A HEM 154 ? 1_555 NB ? B HEM . ? A HEM 154 ? 1_555 98.9  ? 
3  NA  ? B HEM .  ? A HEM 154 ? 1_555 FE ? B HEM . ? A HEM 154 ? 1_555 NB ? B HEM . ? A HEM 154 ? 1_555 87.6  ? 
4  NE2 ? A HIS 97 ? A HIS 97  ? 1_555 FE ? B HEM . ? A HEM 154 ? 1_555 NC ? B HEM . ? A HEM 154 ? 1_555 97.5  ? 
5  NA  ? B HEM .  ? A HEM 154 ? 1_555 FE ? B HEM . ? A HEM 154 ? 1_555 NC ? B HEM . ? A HEM 154 ? 1_555 175.0 ? 
6  NB  ? B HEM .  ? A HEM 154 ? 1_555 FE ? B HEM . ? A HEM 154 ? 1_555 NC ? B HEM . ? A HEM 154 ? 1_555 87.5  ? 
7  NE2 ? A HIS 97 ? A HIS 97  ? 1_555 FE ? B HEM . ? A HEM 154 ? 1_555 ND ? B HEM . ? A HEM 154 ? 1_555 82.0  ? 
8  NA  ? B HEM .  ? A HEM 154 ? 1_555 FE ? B HEM . ? A HEM 154 ? 1_555 ND ? B HEM . ? A HEM 154 ? 1_555 88.7  ? 
9  NB  ? B HEM .  ? A HEM 154 ? 1_555 FE ? B HEM . ? A HEM 154 ? 1_555 ND ? B HEM . ? A HEM 154 ? 1_555 176.0 ? 
10 NC  ? B HEM .  ? A HEM 154 ? 1_555 FE ? B HEM . ? A HEM 154 ? 1_555 ND ? B HEM . ? A HEM 154 ? 1_555 96.3  ? 
11 NE2 ? A HIS 97 ? A HIS 97  ? 1_555 FE ? B HEM . ? A HEM 154 ? 1_555 N  ? C NBE . ? A NBE 155 ? 1_555 178.9 ? 
12 NA  ? B HEM .  ? A HEM 154 ? 1_555 FE ? B HEM . ? A HEM 154 ? 1_555 N  ? C NBE . ? A NBE 155 ? 1_555 98.5  ? 
13 NB  ? B HEM .  ? A HEM 154 ? 1_555 FE ? B HEM . ? A HEM 154 ? 1_555 N  ? C NBE . ? A NBE 155 ? 1_555 80.6  ? 
14 NC  ? B HEM .  ? A HEM 154 ? 1_555 FE ? B HEM . ? A HEM 154 ? 1_555 N  ? C NBE . ? A NBE 155 ? 1_555 81.5  ? 
15 ND  ? B HEM .  ? A HEM 154 ? 1_555 FE ? B HEM . ? A HEM 154 ? 1_555 N  ? C NBE . ? A NBE 155 ? 1_555 98.6  ? 
# 
loop_
_struct_site.id 
_struct_site.pdbx_evidence_code 
_struct_site.pdbx_auth_asym_id 
_struct_site.pdbx_auth_comp_id 
_struct_site.pdbx_auth_seq_id 
_struct_site.pdbx_auth_ins_code 
_struct_site.pdbx_num_residues 
_struct_site.details 
AC1 Software A HEM 154 ? 14 'BINDING SITE FOR RESIDUE HEM A 154' 
AC2 Software A NBE 155 ? 5  'BINDING SITE FOR RESIDUE NBE A 155' 
# 
loop_
_struct_site_gen.id 
_struct_site_gen.site_id 
_struct_site_gen.pdbx_num_res 
_struct_site_gen.label_comp_id 
_struct_site_gen.label_asym_id 
_struct_site_gen.label_seq_id 
_struct_site_gen.pdbx_auth_ins_code 
_struct_site_gen.auth_comp_id 
_struct_site_gen.auth_asym_id 
_struct_site_gen.auth_seq_id 
_struct_site_gen.label_atom_id 
_struct_site_gen.label_alt_id 
_struct_site_gen.symmetry 
_struct_site_gen.details 
1  AC1 14 LEU A 43  ? LEU A 43  . ? 1_555 ? 
2  AC1 14 PHE A 44  ? PHE A 44  . ? 1_555 ? 
3  AC1 14 SER A 45  ? SER A 45  . ? 1_555 ? 
4  AC1 14 HIS A 63  ? HIS A 63  . ? 1_555 ? 
5  AC1 14 LEU A 93  ? LEU A 93  . ? 1_555 ? 
6  AC1 14 HIS A 97  ? HIS A 97  . ? 1_555 ? 
7  AC1 14 LYS A 100 ? LYS A 100 . ? 1_555 ? 
8  AC1 14 VAL A 102 ? VAL A 102 . ? 1_555 ? 
9  AC1 14 HIS A 106 ? HIS A 106 . ? 1_555 ? 
10 AC1 14 PHE A 107 ? PHE A 107 . ? 1_555 ? 
11 AC1 14 VAL A 110 ? VAL A 110 . ? 1_555 ? 
12 AC1 14 TYR A 138 ? TYR A 138 . ? 1_555 ? 
13 AC1 14 ILE A 145 ? ILE A 145 . ? 1_555 ? 
14 AC1 14 NBE C .   ? NBE A 155 . ? 1_555 ? 
15 AC2 5  PHE A 30  ? PHE A 30  . ? 1_555 ? 
16 AC2 5  PHE A 44  ? PHE A 44  . ? 1_555 ? 
17 AC2 5  HIS A 63  ? HIS A 63  . ? 1_555 ? 
18 AC2 5  VAL A 67  ? VAL A 67  . ? 1_555 ? 
19 AC2 5  HEM B .   ? HEM A 154 . ? 1_555 ? 
# 
_pdbx_entry_details.entry_id                   2LH7 
_pdbx_entry_details.compound_details           ? 
_pdbx_entry_details.source_details             ? 
_pdbx_entry_details.nonpolymer_details         ? 
_pdbx_entry_details.sequence_details           ? 
_pdbx_entry_details.has_ligand_of_interest     ? 
_pdbx_entry_details.has_protein_modification   N 
# 
loop_
_pdbx_validate_symm_contact.id 
_pdbx_validate_symm_contact.PDB_model_num 
_pdbx_validate_symm_contact.auth_atom_id_1 
_pdbx_validate_symm_contact.auth_asym_id_1 
_pdbx_validate_symm_contact.auth_comp_id_1 
_pdbx_validate_symm_contact.auth_seq_id_1 
_pdbx_validate_symm_contact.PDB_ins_code_1 
_pdbx_validate_symm_contact.label_alt_id_1 
_pdbx_validate_symm_contact.site_symmetry_1 
_pdbx_validate_symm_contact.auth_atom_id_2 
_pdbx_validate_symm_contact.auth_asym_id_2 
_pdbx_validate_symm_contact.auth_comp_id_2 
_pdbx_validate_symm_contact.auth_seq_id_2 
_pdbx_validate_symm_contact.PDB_ins_code_2 
_pdbx_validate_symm_contact.label_alt_id_2 
_pdbx_validate_symm_contact.site_symmetry_2 
_pdbx_validate_symm_contact.dist 
1  1 O   A TRP 126 ? ? 1_555 O  A TRP 126 ? ? 2_555 1.08 
2  1 O   A ALA 124 ? ? 1_555 CB A SER 127 ? ? 2_555 1.23 
3  1 O   A ALA 124 ? ? 1_555 CA A SER 127 ? ? 2_555 1.37 
4  1 CB  A ALA 124 ? ? 1_555 N  A GLU 129 ? ? 2_555 1.42 
5  1 O   A ALA 124 ? ? 1_555 C  A SER 127 ? ? 2_555 1.52 
6  1 C   A ALA 124 ? ? 1_555 CB A SER 127 ? ? 2_555 1.61 
7  1 O   A HOH 215 ? ? 1_555 O  A HOH 215 ? ? 2_555 1.77 
8  1 O   A ALA 124 ? ? 1_555 N  A GLU 128 ? ? 2_555 1.77 
9  1 CA  A LYS 125 ? ? 1_555 CB A SER 127 ? ? 2_555 1.80 
10 1 O   A HOH 190 ? ? 1_555 O  A HOH 215 ? ? 2_555 1.81 
11 1 O   A ALA 124 ? ? 1_555 OG A SER 127 ? ? 2_555 1.83 
12 1 CA  A LYS 125 ? ? 1_555 OG A SER 127 ? ? 2_555 1.83 
13 1 CD1 A LEU 10  ? ? 1_555 CD A LYS 125 ? ? 2_555 1.84 
14 1 N   A LYS 125 ? ? 1_555 CB A SER 127 ? ? 2_555 1.92 
15 1 OD1 A ASN 56  ? ? 1_555 O  A HOH 171 ? ? 1_565 1.95 
16 1 O   A LYS 125 ? ? 1_555 O  A HOH 215 ? ? 2_555 2.09 
17 1 C   A LYS 125 ? ? 1_555 CB A SER 127 ? ? 2_555 2.10 
18 1 C   A ALA 124 ? ? 1_555 OG A SER 127 ? ? 2_555 2.14 
# 
loop_
_pdbx_validate_rmsd_bond.id 
_pdbx_validate_rmsd_bond.PDB_model_num 
_pdbx_validate_rmsd_bond.auth_atom_id_1 
_pdbx_validate_rmsd_bond.auth_asym_id_1 
_pdbx_validate_rmsd_bond.auth_comp_id_1 
_pdbx_validate_rmsd_bond.auth_seq_id_1 
_pdbx_validate_rmsd_bond.PDB_ins_code_1 
_pdbx_validate_rmsd_bond.label_alt_id_1 
_pdbx_validate_rmsd_bond.auth_atom_id_2 
_pdbx_validate_rmsd_bond.auth_asym_id_2 
_pdbx_validate_rmsd_bond.auth_comp_id_2 
_pdbx_validate_rmsd_bond.auth_seq_id_2 
_pdbx_validate_rmsd_bond.PDB_ins_code_2 
_pdbx_validate_rmsd_bond.label_alt_id_2 
_pdbx_validate_rmsd_bond.bond_value 
_pdbx_validate_rmsd_bond.bond_target_value 
_pdbx_validate_rmsd_bond.bond_deviation 
_pdbx_validate_rmsd_bond.bond_standard_deviation 
_pdbx_validate_rmsd_bond.linker_flag 
1  1 CD  A GLU 5   ? ? OE2 A GLU 5   ? ? 1.330 1.252 0.078  0.011 N 
2  1 CA  A SER 6   ? ? CB  A SER 6   ? ? 1.615 1.525 0.090  0.015 N 
3  1 N   A VAL 11  ? ? CA  A VAL 11  ? ? 1.585 1.459 0.126  0.020 N 
4  1 CB  A VAL 11  ? ? CG1 A VAL 11  ? ? 1.671 1.524 0.147  0.021 N 
5  1 CA  A SER 13  ? ? CB  A SER 13  ? ? 1.645 1.525 0.120  0.015 N 
6  1 CB  A SER 13  ? ? OG  A SER 13  ? ? 1.335 1.418 -0.083 0.013 N 
7  1 CB  A SER 14  ? ? OG  A SER 14  ? ? 1.332 1.418 -0.086 0.013 N 
8  1 CB  A TRP 15  ? ? CG  A TRP 15  ? ? 1.645 1.498 0.147  0.018 N 
9  1 NE1 A TRP 15  ? ? CE2 A TRP 15  ? ? 1.285 1.371 -0.086 0.013 N 
10 1 CE2 A TRP 15  ? ? CD2 A TRP 15  ? ? 1.522 1.409 0.113  0.012 N 
11 1 CZ3 A TRP 15  ? ? CH2 A TRP 15  ? ? 1.508 1.396 0.112  0.016 N 
12 1 CG  A GLU 16  ? ? CD  A GLU 16  ? ? 1.605 1.515 0.090  0.015 N 
13 1 CB  A PHE 18  ? ? CG  A PHE 18  ? ? 1.643 1.509 0.134  0.017 N 
14 1 CG  A HIS 27  ? ? ND1 A HIS 27  ? ? 1.522 1.383 0.139  0.022 N 
15 1 CE1 A HIS 27  ? ? NE2 A HIS 27  ? ? 1.478 1.333 0.145  0.019 N 
16 1 CZ  A ARG 28  ? ? NH1 A ARG 28  ? ? 1.412 1.326 0.086  0.013 N 
17 1 CD  A GLU 35  ? ? OE1 A GLU 35  ? ? 1.181 1.252 -0.071 0.011 N 
18 1 CD  A GLU 35  ? ? OE2 A GLU 35  ? ? 1.344 1.252 0.092  0.011 N 
19 1 CB  A PHE 44  ? ? CG  A PHE 44  ? ? 1.627 1.509 0.118  0.017 N 
20 1 CB  A PHE 46  ? ? CG  A PHE 46  ? ? 1.625 1.509 0.116  0.017 N 
21 1 C   A GLN 61  ? ? O   A GLN 61  ? ? 1.357 1.229 0.128  0.019 N 
22 1 C   A GLY 65  ? ? O   A GLY 65  ? ? 1.360 1.232 0.128  0.016 N 
23 1 CG  A PHE 68  ? ? CD2 A PHE 68  ? ? 1.474 1.383 0.091  0.015 N 
24 1 C   A PHE 68  ? ? O   A PHE 68  ? ? 1.353 1.229 0.124  0.019 N 
25 1 CG  A TYR 72  ? ? CD2 A TYR 72  ? ? 1.491 1.387 0.104  0.013 N 
26 1 CE1 A TYR 72  ? ? CZ  A TYR 72  ? ? 1.492 1.381 0.111  0.013 N 
27 1 C   A TYR 72  ? ? O   A TYR 72  ? ? 1.356 1.229 0.127  0.019 N 
28 1 CG  A GLU 73  ? ? CD  A GLU 73  ? ? 1.611 1.515 0.096  0.015 N 
29 1 CB  A GLU 79  ? ? CG  A GLU 79  ? ? 1.642 1.517 0.125  0.019 N 
30 1 CB  A VAL 85  ? ? CG2 A VAL 85  ? ? 1.666 1.524 0.142  0.021 N 
31 1 N   A THR 86  ? ? CA  A THR 86  ? ? 1.584 1.459 0.125  0.020 N 
32 1 N   A ALA 88  ? ? CA  A ALA 88  ? ? 1.590 1.459 0.131  0.020 N 
33 1 CA  A GLY 94  ? ? C   A GLY 94  ? ? 1.638 1.514 0.124  0.016 N 
34 1 N   A SER 95  ? ? CA  A SER 95  ? ? 1.581 1.459 0.122  0.020 N 
35 1 CB  A SER 95  ? ? OG  A SER 95  ? ? 1.552 1.418 0.134  0.013 N 
36 1 CA  A GLY 101 ? ? C   A GLY 101 ? ? 1.619 1.514 0.105  0.016 N 
37 1 CB  A VAL 102 ? ? CG1 A VAL 102 ? ? 1.668 1.524 0.144  0.021 N 
38 1 N   A ASP 104 ? ? CA  A ASP 104 ? ? 1.593 1.459 0.134  0.020 N 
39 1 CB  A HIS 106 ? ? CG  A HIS 106 ? ? 1.643 1.496 0.147  0.018 N 
40 1 CA  A VAL 109 ? ? CB  A VAL 109 ? ? 1.672 1.543 0.129  0.021 N 
41 1 CB  A VAL 110 ? ? CG2 A VAL 110 ? ? 1.669 1.524 0.145  0.021 N 
42 1 N   A LYS 111 ? ? CA  A LYS 111 ? ? 1.593 1.459 0.134  0.020 N 
43 1 CD  A LYS 111 ? ? CE  A LYS 111 ? ? 1.661 1.508 0.153  0.025 N 
44 1 CG  A GLU 112 ? ? CD  A GLU 112 ? ? 1.652 1.515 0.137  0.015 N 
45 1 CA  A ALA 113 ? ? CB  A ALA 113 ? ? 1.658 1.520 0.138  0.021 N 
46 1 CG  A GLU 120 ? ? CD  A GLU 120 ? ? 1.643 1.515 0.128  0.015 N 
47 1 CB  A VAL 121 ? ? CG2 A VAL 121 ? ? 1.662 1.524 0.138  0.021 N 
48 1 CA  A GLY 123 ? ? C   A GLY 123 ? ? 1.645 1.514 0.131  0.016 N 
49 1 N   A ALA 124 ? ? CA  A ALA 124 ? ? 1.585 1.459 0.126  0.020 N 
50 1 CD  A GLU 128 ? ? OE2 A GLU 128 ? ? 1.177 1.252 -0.075 0.011 N 
51 1 CD  A GLU 129 ? ? OE1 A GLU 129 ? ? 1.332 1.252 0.080  0.011 N 
52 1 CA  A SER 132 ? ? CB  A SER 132 ? ? 1.653 1.525 0.128  0.015 N 
53 1 N   A TRP 134 ? ? CA  A TRP 134 ? ? 1.591 1.459 0.132  0.020 N 
54 1 CB  A TYR 138 ? ? CG  A TYR 138 ? ? 1.658 1.512 0.146  0.015 N 
55 1 CD1 A TYR 138 ? ? CE1 A TYR 138 ? ? 1.487 1.389 0.098  0.015 N 
56 1 CZ  A TYR 138 ? ? OH  A TYR 138 ? ? 1.534 1.374 0.160  0.017 N 
57 1 CE2 A TYR 138 ? ? CD2 A TYR 138 ? ? 1.495 1.389 0.106  0.015 N 
58 1 CB  A GLU 140 ? ? CG  A GLU 140 ? ? 1.649 1.517 0.132  0.019 N 
59 1 CB  A VAL 144 ? ? CG2 A VAL 144 ? ? 1.671 1.524 0.147  0.021 N 
60 1 N   A ILE 145 ? ? CA  A ILE 145 ? ? 1.583 1.459 0.124  0.020 N 
61 1 C   A MET 149 ? ? O   A MET 149 ? ? 1.348 1.229 0.119  0.019 N 
62 1 C   A ALA 152 ? ? O   A ALA 152 ? ? 1.357 1.229 0.128  0.019 N 
# 
loop_
_pdbx_validate_rmsd_angle.id 
_pdbx_validate_rmsd_angle.PDB_model_num 
_pdbx_validate_rmsd_angle.auth_atom_id_1 
_pdbx_validate_rmsd_angle.auth_asym_id_1 
_pdbx_validate_rmsd_angle.auth_comp_id_1 
_pdbx_validate_rmsd_angle.auth_seq_id_1 
_pdbx_validate_rmsd_angle.PDB_ins_code_1 
_pdbx_validate_rmsd_angle.label_alt_id_1 
_pdbx_validate_rmsd_angle.auth_atom_id_2 
_pdbx_validate_rmsd_angle.auth_asym_id_2 
_pdbx_validate_rmsd_angle.auth_comp_id_2 
_pdbx_validate_rmsd_angle.auth_seq_id_2 
_pdbx_validate_rmsd_angle.PDB_ins_code_2 
_pdbx_validate_rmsd_angle.label_alt_id_2 
_pdbx_validate_rmsd_angle.auth_atom_id_3 
_pdbx_validate_rmsd_angle.auth_asym_id_3 
_pdbx_validate_rmsd_angle.auth_comp_id_3 
_pdbx_validate_rmsd_angle.auth_seq_id_3 
_pdbx_validate_rmsd_angle.PDB_ins_code_3 
_pdbx_validate_rmsd_angle.label_alt_id_3 
_pdbx_validate_rmsd_angle.angle_value 
_pdbx_validate_rmsd_angle.angle_target_value 
_pdbx_validate_rmsd_angle.angle_deviation 
_pdbx_validate_rmsd_angle.angle_standard_deviation 
_pdbx_validate_rmsd_angle.linker_flag 
1  1 CG  A TRP 15  ? ? CD2 A TRP 15  ? ? CE3 A TRP 15  ? ? 127.03 133.90 -6.87  0.90 N 
2  1 CH2 A TRP 15  ? ? CZ2 A TRP 15  ? ? CE2 A TRP 15  ? ? 111.36 117.40 -6.04  1.00 N 
3  1 OE1 A GLU 16  ? ? CD  A GLU 16  ? ? OE2 A GLU 16  ? ? 114.45 123.30 -8.85  1.20 N 
4  1 OE1 A GLU 17  ? ? CD  A GLU 17  ? ? OE2 A GLU 17  ? ? 115.20 123.30 -8.10  1.20 N 
5  1 N   A PRO 23  ? ? CA  A PRO 23  ? ? CB  A PRO 23  ? ? 111.14 103.30 7.84   1.20 N 
6  1 NE  A ARG 28  ? ? CZ  A ARG 28  ? ? NH2 A ARG 28  ? ? 115.82 120.30 -4.48  0.50 N 
7  1 CD1 A PHE 29  ? ? CG  A PHE 29  ? ? CD2 A PHE 29  ? ? 126.25 118.30 7.95   1.30 N 
8  1 CB  A PHE 29  ? ? CG  A PHE 29  ? ? CD1 A PHE 29  ? ? 116.08 120.80 -4.72  0.70 N 
9  1 CB  A PHE 30  ? ? CG  A PHE 30  ? ? CD2 A PHE 30  ? ? 116.23 120.80 -4.57  0.70 N 
10 1 CB  A PHE 46  ? ? CG  A PHE 46  ? ? CD2 A PHE 46  ? ? 125.41 120.80 4.61   0.70 N 
11 1 N   A PRO 54  ? ? CA  A PRO 54  ? ? CB  A PRO 54  ? ? 111.16 103.30 7.86   1.20 N 
12 1 CB  A TYR 72  ? ? CG  A TYR 72  ? ? CD1 A TYR 72  ? ? 114.87 121.00 -6.13  0.60 N 
13 1 CG  A TYR 72  ? ? CD1 A TYR 72  ? ? CE1 A TYR 72  ? ? 116.40 121.30 -4.90  0.80 N 
14 1 OE1 A GLU 73  ? ? CD  A GLU 73  ? ? OE2 A GLU 73  ? ? 114.61 123.30 -8.69  1.20 N 
15 1 ND1 A HIS 97  ? ? CE1 A HIS 97  ? ? NE2 A HIS 97  ? ? 101.73 108.50 -6.77  1.10 N 
16 1 N   A PRO 108 ? ? CA  A PRO 108 ? ? CB  A PRO 108 ? ? 111.61 103.30 8.31   1.20 N 
17 1 OE1 A GLU 112 ? ? CD  A GLU 112 ? ? OE2 A GLU 112 ? ? 112.79 123.30 -10.51 1.20 N 
18 1 OE1 A GLU 120 ? ? CD  A GLU 120 ? ? OE2 A GLU 120 ? ? 115.61 123.30 -7.69  1.20 N 
19 1 OE1 A GLU 128 ? ? CD  A GLU 128 ? ? OE2 A GLU 128 ? ? 114.94 123.30 -8.36  1.20 N 
20 1 CB  A TYR 138 ? ? CG  A TYR 138 ? ? CD2 A TYR 138 ? ? 125.30 121.00 4.30   0.60 N 
# 
loop_
_pdbx_validate_torsion.id 
_pdbx_validate_torsion.PDB_model_num 
_pdbx_validate_torsion.auth_comp_id 
_pdbx_validate_torsion.auth_asym_id 
_pdbx_validate_torsion.auth_seq_id 
_pdbx_validate_torsion.PDB_ins_code 
_pdbx_validate_torsion.label_alt_id 
_pdbx_validate_torsion.phi 
_pdbx_validate_torsion.psi 
1 1 ALA A 2 ? ? 72.77 -30.16 
2 1 LEU A 3 ? ? 98.29 79.03  
# 
loop_
_pdbx_validate_planes.id 
_pdbx_validate_planes.PDB_model_num 
_pdbx_validate_planes.auth_comp_id 
_pdbx_validate_planes.auth_asym_id 
_pdbx_validate_planes.auth_seq_id 
_pdbx_validate_planes.PDB_ins_code 
_pdbx_validate_planes.label_alt_id 
_pdbx_validate_planes.rmsd 
_pdbx_validate_planes.type 
1 1 GLU A 17 ? ? 0.092 'SIDE CHAIN' 
2 1 GLU A 35 ? ? 0.069 'SIDE CHAIN' 
3 1 ASP A 42 ? ? 0.077 'SIDE CHAIN' 
4 1 GLN A 55 ? ? 0.070 'SIDE CHAIN' 
5 1 ASN A 56 ? ? 0.080 'SIDE CHAIN' 
6 1 GLN A 61 ? ? 0.075 'SIDE CHAIN' 
7 1 ASP A 87 ? ? 0.080 'SIDE CHAIN' 
8 1 ASN A 92 ? ? 0.077 'SIDE CHAIN' 
# 
loop_
_chem_comp_atom.comp_id 
_chem_comp_atom.atom_id 
_chem_comp_atom.type_symbol 
_chem_comp_atom.pdbx_aromatic_flag 
_chem_comp_atom.pdbx_stereo_config 
_chem_comp_atom.pdbx_ordinal 
ALA N    N  N N 1   
ALA CA   C  N S 2   
ALA C    C  N N 3   
ALA O    O  N N 4   
ALA CB   C  N N 5   
ALA OXT  O  N N 6   
ALA H    H  N N 7   
ALA H2   H  N N 8   
ALA HA   H  N N 9   
ALA HB1  H  N N 10  
ALA HB2  H  N N 11  
ALA HB3  H  N N 12  
ALA HXT  H  N N 13  
ARG N    N  N N 14  
ARG CA   C  N S 15  
ARG C    C  N N 16  
ARG O    O  N N 17  
ARG CB   C  N N 18  
ARG CG   C  N N 19  
ARG CD   C  N N 20  
ARG NE   N  N N 21  
ARG CZ   C  N N 22  
ARG NH1  N  N N 23  
ARG NH2  N  N N 24  
ARG OXT  O  N N 25  
ARG H    H  N N 26  
ARG H2   H  N N 27  
ARG HA   H  N N 28  
ARG HB2  H  N N 29  
ARG HB3  H  N N 30  
ARG HG2  H  N N 31  
ARG HG3  H  N N 32  
ARG HD2  H  N N 33  
ARG HD3  H  N N 34  
ARG HE   H  N N 35  
ARG HH11 H  N N 36  
ARG HH12 H  N N 37  
ARG HH21 H  N N 38  
ARG HH22 H  N N 39  
ARG HXT  H  N N 40  
ASN N    N  N N 41  
ASN CA   C  N S 42  
ASN C    C  N N 43  
ASN O    O  N N 44  
ASN CB   C  N N 45  
ASN CG   C  N N 46  
ASN OD1  O  N N 47  
ASN ND2  N  N N 48  
ASN OXT  O  N N 49  
ASN H    H  N N 50  
ASN H2   H  N N 51  
ASN HA   H  N N 52  
ASN HB2  H  N N 53  
ASN HB3  H  N N 54  
ASN HD21 H  N N 55  
ASN HD22 H  N N 56  
ASN HXT  H  N N 57  
ASP N    N  N N 58  
ASP CA   C  N S 59  
ASP C    C  N N 60  
ASP O    O  N N 61  
ASP CB   C  N N 62  
ASP CG   C  N N 63  
ASP OD1  O  N N 64  
ASP OD2  O  N N 65  
ASP OXT  O  N N 66  
ASP H    H  N N 67  
ASP H2   H  N N 68  
ASP HA   H  N N 69  
ASP HB2  H  N N 70  
ASP HB3  H  N N 71  
ASP HD2  H  N N 72  
ASP HXT  H  N N 73  
GLN N    N  N N 74  
GLN CA   C  N S 75  
GLN C    C  N N 76  
GLN O    O  N N 77  
GLN CB   C  N N 78  
GLN CG   C  N N 79  
GLN CD   C  N N 80  
GLN OE1  O  N N 81  
GLN NE2  N  N N 82  
GLN OXT  O  N N 83  
GLN H    H  N N 84  
GLN H2   H  N N 85  
GLN HA   H  N N 86  
GLN HB2  H  N N 87  
GLN HB3  H  N N 88  
GLN HG2  H  N N 89  
GLN HG3  H  N N 90  
GLN HE21 H  N N 91  
GLN HE22 H  N N 92  
GLN HXT  H  N N 93  
GLU N    N  N N 94  
GLU CA   C  N S 95  
GLU C    C  N N 96  
GLU O    O  N N 97  
GLU CB   C  N N 98  
GLU CG   C  N N 99  
GLU CD   C  N N 100 
GLU OE1  O  N N 101 
GLU OE2  O  N N 102 
GLU OXT  O  N N 103 
GLU H    H  N N 104 
GLU H2   H  N N 105 
GLU HA   H  N N 106 
GLU HB2  H  N N 107 
GLU HB3  H  N N 108 
GLU HG2  H  N N 109 
GLU HG3  H  N N 110 
GLU HE2  H  N N 111 
GLU HXT  H  N N 112 
GLY N    N  N N 113 
GLY CA   C  N N 114 
GLY C    C  N N 115 
GLY O    O  N N 116 
GLY OXT  O  N N 117 
GLY H    H  N N 118 
GLY H2   H  N N 119 
GLY HA2  H  N N 120 
GLY HA3  H  N N 121 
GLY HXT  H  N N 122 
HEM CHA  C  N N 123 
HEM CHB  C  N N 124 
HEM CHC  C  N N 125 
HEM CHD  C  N N 126 
HEM C1A  C  Y N 127 
HEM C2A  C  Y N 128 
HEM C3A  C  Y N 129 
HEM C4A  C  Y N 130 
HEM CMA  C  N N 131 
HEM CAA  C  N N 132 
HEM CBA  C  N N 133 
HEM CGA  C  N N 134 
HEM O1A  O  N N 135 
HEM O2A  O  N N 136 
HEM C1B  C  N N 137 
HEM C2B  C  N N 138 
HEM C3B  C  N N 139 
HEM C4B  C  N N 140 
HEM CMB  C  N N 141 
HEM CAB  C  N N 142 
HEM CBB  C  N N 143 
HEM C1C  C  Y N 144 
HEM C2C  C  Y N 145 
HEM C3C  C  Y N 146 
HEM C4C  C  Y N 147 
HEM CMC  C  N N 148 
HEM CAC  C  N N 149 
HEM CBC  C  N N 150 
HEM C1D  C  N N 151 
HEM C2D  C  N N 152 
HEM C3D  C  N N 153 
HEM C4D  C  N N 154 
HEM CMD  C  N N 155 
HEM CAD  C  N N 156 
HEM CBD  C  N N 157 
HEM CGD  C  N N 158 
HEM O1D  O  N N 159 
HEM O2D  O  N N 160 
HEM NA   N  Y N 161 
HEM NB   N  N N 162 
HEM NC   N  Y N 163 
HEM ND   N  N N 164 
HEM FE   FE N N 165 
HEM HHB  H  N N 166 
HEM HHC  H  N N 167 
HEM HHD  H  N N 168 
HEM HMA  H  N N 169 
HEM HMAA H  N N 170 
HEM HMAB H  N N 171 
HEM HAA  H  N N 172 
HEM HAAA H  N N 173 
HEM HBA  H  N N 174 
HEM HBAA H  N N 175 
HEM HMB  H  N N 176 
HEM HMBA H  N N 177 
HEM HMBB H  N N 178 
HEM HAB  H  N N 179 
HEM HBB  H  N N 180 
HEM HBBA H  N N 181 
HEM HMC  H  N N 182 
HEM HMCA H  N N 183 
HEM HMCB H  N N 184 
HEM HAC  H  N N 185 
HEM HBC  H  N N 186 
HEM HBCA H  N N 187 
HEM HMD  H  N N 188 
HEM HMDA H  N N 189 
HEM HMDB H  N N 190 
HEM HAD  H  N N 191 
HEM HADA H  N N 192 
HEM HBD  H  N N 193 
HEM HBDA H  N N 194 
HEM H2A  H  N N 195 
HEM H2D  H  N N 196 
HEM HHA  H  N N 197 
HIS N    N  N N 198 
HIS CA   C  N S 199 
HIS C    C  N N 200 
HIS O    O  N N 201 
HIS CB   C  N N 202 
HIS CG   C  Y N 203 
HIS ND1  N  Y N 204 
HIS CD2  C  Y N 205 
HIS CE1  C  Y N 206 
HIS NE2  N  Y N 207 
HIS OXT  O  N N 208 
HIS H    H  N N 209 
HIS H2   H  N N 210 
HIS HA   H  N N 211 
HIS HB2  H  N N 212 
HIS HB3  H  N N 213 
HIS HD1  H  N N 214 
HIS HD2  H  N N 215 
HIS HE1  H  N N 216 
HIS HE2  H  N N 217 
HIS HXT  H  N N 218 
HOH O    O  N N 219 
HOH H1   H  N N 220 
HOH H2   H  N N 221 
ILE N    N  N N 222 
ILE CA   C  N S 223 
ILE C    C  N N 224 
ILE O    O  N N 225 
ILE CB   C  N S 226 
ILE CG1  C  N N 227 
ILE CG2  C  N N 228 
ILE CD1  C  N N 229 
ILE OXT  O  N N 230 
ILE H    H  N N 231 
ILE H2   H  N N 232 
ILE HA   H  N N 233 
ILE HB   H  N N 234 
ILE HG12 H  N N 235 
ILE HG13 H  N N 236 
ILE HG21 H  N N 237 
ILE HG22 H  N N 238 
ILE HG23 H  N N 239 
ILE HD11 H  N N 240 
ILE HD12 H  N N 241 
ILE HD13 H  N N 242 
ILE HXT  H  N N 243 
LEU N    N  N N 244 
LEU CA   C  N S 245 
LEU C    C  N N 246 
LEU O    O  N N 247 
LEU CB   C  N N 248 
LEU CG   C  N N 249 
LEU CD1  C  N N 250 
LEU CD2  C  N N 251 
LEU OXT  O  N N 252 
LEU H    H  N N 253 
LEU H2   H  N N 254 
LEU HA   H  N N 255 
LEU HB2  H  N N 256 
LEU HB3  H  N N 257 
LEU HG   H  N N 258 
LEU HD11 H  N N 259 
LEU HD12 H  N N 260 
LEU HD13 H  N N 261 
LEU HD21 H  N N 262 
LEU HD22 H  N N 263 
LEU HD23 H  N N 264 
LEU HXT  H  N N 265 
LYS N    N  N N 266 
LYS CA   C  N S 267 
LYS C    C  N N 268 
LYS O    O  N N 269 
LYS CB   C  N N 270 
LYS CG   C  N N 271 
LYS CD   C  N N 272 
LYS CE   C  N N 273 
LYS NZ   N  N N 274 
LYS OXT  O  N N 275 
LYS H    H  N N 276 
LYS H2   H  N N 277 
LYS HA   H  N N 278 
LYS HB2  H  N N 279 
LYS HB3  H  N N 280 
LYS HG2  H  N N 281 
LYS HG3  H  N N 282 
LYS HD2  H  N N 283 
LYS HD3  H  N N 284 
LYS HE2  H  N N 285 
LYS HE3  H  N N 286 
LYS HZ1  H  N N 287 
LYS HZ2  H  N N 288 
LYS HZ3  H  N N 289 
LYS HXT  H  N N 290 
MET N    N  N N 291 
MET CA   C  N S 292 
MET C    C  N N 293 
MET O    O  N N 294 
MET CB   C  N N 295 
MET CG   C  N N 296 
MET SD   S  N N 297 
MET CE   C  N N 298 
MET OXT  O  N N 299 
MET H    H  N N 300 
MET H2   H  N N 301 
MET HA   H  N N 302 
MET HB2  H  N N 303 
MET HB3  H  N N 304 
MET HG2  H  N N 305 
MET HG3  H  N N 306 
MET HE1  H  N N 307 
MET HE2  H  N N 308 
MET HE3  H  N N 309 
MET HXT  H  N N 310 
NBE C1   C  Y N 311 
NBE N    N  N N 312 
NBE O    O  N N 313 
NBE C2   C  Y N 314 
NBE C3   C  Y N 315 
NBE C4   C  Y N 316 
NBE C5   C  Y N 317 
NBE C6   C  Y N 318 
NBE H2   H  N N 319 
NBE H3   H  N N 320 
NBE H4   H  N N 321 
NBE H5   H  N N 322 
NBE H6   H  N N 323 
PHE N    N  N N 324 
PHE CA   C  N S 325 
PHE C    C  N N 326 
PHE O    O  N N 327 
PHE CB   C  N N 328 
PHE CG   C  Y N 329 
PHE CD1  C  Y N 330 
PHE CD2  C  Y N 331 
PHE CE1  C  Y N 332 
PHE CE2  C  Y N 333 
PHE CZ   C  Y N 334 
PHE OXT  O  N N 335 
PHE H    H  N N 336 
PHE H2   H  N N 337 
PHE HA   H  N N 338 
PHE HB2  H  N N 339 
PHE HB3  H  N N 340 
PHE HD1  H  N N 341 
PHE HD2  H  N N 342 
PHE HE1  H  N N 343 
PHE HE2  H  N N 344 
PHE HZ   H  N N 345 
PHE HXT  H  N N 346 
PRO N    N  N N 347 
PRO CA   C  N S 348 
PRO C    C  N N 349 
PRO O    O  N N 350 
PRO CB   C  N N 351 
PRO CG   C  N N 352 
PRO CD   C  N N 353 
PRO OXT  O  N N 354 
PRO H    H  N N 355 
PRO HA   H  N N 356 
PRO HB2  H  N N 357 
PRO HB3  H  N N 358 
PRO HG2  H  N N 359 
PRO HG3  H  N N 360 
PRO HD2  H  N N 361 
PRO HD3  H  N N 362 
PRO HXT  H  N N 363 
SER N    N  N N 364 
SER CA   C  N S 365 
SER C    C  N N 366 
SER O    O  N N 367 
SER CB   C  N N 368 
SER OG   O  N N 369 
SER OXT  O  N N 370 
SER H    H  N N 371 
SER H2   H  N N 372 
SER HA   H  N N 373 
SER HB2  H  N N 374 
SER HB3  H  N N 375 
SER HG   H  N N 376 
SER HXT  H  N N 377 
THR N    N  N N 378 
THR CA   C  N S 379 
THR C    C  N N 380 
THR O    O  N N 381 
THR CB   C  N R 382 
THR OG1  O  N N 383 
THR CG2  C  N N 384 
THR OXT  O  N N 385 
THR H    H  N N 386 
THR H2   H  N N 387 
THR HA   H  N N 388 
THR HB   H  N N 389 
THR HG1  H  N N 390 
THR HG21 H  N N 391 
THR HG22 H  N N 392 
THR HG23 H  N N 393 
THR HXT  H  N N 394 
TRP N    N  N N 395 
TRP CA   C  N S 396 
TRP C    C  N N 397 
TRP O    O  N N 398 
TRP CB   C  N N 399 
TRP CG   C  Y N 400 
TRP CD1  C  Y N 401 
TRP CD2  C  Y N 402 
TRP NE1  N  Y N 403 
TRP CE2  C  Y N 404 
TRP CE3  C  Y N 405 
TRP CZ2  C  Y N 406 
TRP CZ3  C  Y N 407 
TRP CH2  C  Y N 408 
TRP OXT  O  N N 409 
TRP H    H  N N 410 
TRP H2   H  N N 411 
TRP HA   H  N N 412 
TRP HB2  H  N N 413 
TRP HB3  H  N N 414 
TRP HD1  H  N N 415 
TRP HE1  H  N N 416 
TRP HE3  H  N N 417 
TRP HZ2  H  N N 418 
TRP HZ3  H  N N 419 
TRP HH2  H  N N 420 
TRP HXT  H  N N 421 
TYR N    N  N N 422 
TYR CA   C  N S 423 
TYR C    C  N N 424 
TYR O    O  N N 425 
TYR CB   C  N N 426 
TYR CG   C  Y N 427 
TYR CD1  C  Y N 428 
TYR CD2  C  Y N 429 
TYR CE1  C  Y N 430 
TYR CE2  C  Y N 431 
TYR CZ   C  Y N 432 
TYR OH   O  N N 433 
TYR OXT  O  N N 434 
TYR H    H  N N 435 
TYR H2   H  N N 436 
TYR HA   H  N N 437 
TYR HB2  H  N N 438 
TYR HB3  H  N N 439 
TYR HD1  H  N N 440 
TYR HD2  H  N N 441 
TYR HE1  H  N N 442 
TYR HE2  H  N N 443 
TYR HH   H  N N 444 
TYR HXT  H  N N 445 
VAL N    N  N N 446 
VAL CA   C  N S 447 
VAL C    C  N N 448 
VAL O    O  N N 449 
VAL CB   C  N N 450 
VAL CG1  C  N N 451 
VAL CG2  C  N N 452 
VAL OXT  O  N N 453 
VAL H    H  N N 454 
VAL H2   H  N N 455 
VAL HA   H  N N 456 
VAL HB   H  N N 457 
VAL HG11 H  N N 458 
VAL HG12 H  N N 459 
VAL HG13 H  N N 460 
VAL HG21 H  N N 461 
VAL HG22 H  N N 462 
VAL HG23 H  N N 463 
VAL HXT  H  N N 464 
# 
loop_
_chem_comp_bond.comp_id 
_chem_comp_bond.atom_id_1 
_chem_comp_bond.atom_id_2 
_chem_comp_bond.value_order 
_chem_comp_bond.pdbx_aromatic_flag 
_chem_comp_bond.pdbx_stereo_config 
_chem_comp_bond.pdbx_ordinal 
ALA N   CA   sing N N 1   
ALA N   H    sing N N 2   
ALA N   H2   sing N N 3   
ALA CA  C    sing N N 4   
ALA CA  CB   sing N N 5   
ALA CA  HA   sing N N 6   
ALA C   O    doub N N 7   
ALA C   OXT  sing N N 8   
ALA CB  HB1  sing N N 9   
ALA CB  HB2  sing N N 10  
ALA CB  HB3  sing N N 11  
ALA OXT HXT  sing N N 12  
ARG N   CA   sing N N 13  
ARG N   H    sing N N 14  
ARG N   H2   sing N N 15  
ARG CA  C    sing N N 16  
ARG CA  CB   sing N N 17  
ARG CA  HA   sing N N 18  
ARG C   O    doub N N 19  
ARG C   OXT  sing N N 20  
ARG CB  CG   sing N N 21  
ARG CB  HB2  sing N N 22  
ARG CB  HB3  sing N N 23  
ARG CG  CD   sing N N 24  
ARG CG  HG2  sing N N 25  
ARG CG  HG3  sing N N 26  
ARG CD  NE   sing N N 27  
ARG CD  HD2  sing N N 28  
ARG CD  HD3  sing N N 29  
ARG NE  CZ   sing N N 30  
ARG NE  HE   sing N N 31  
ARG CZ  NH1  sing N N 32  
ARG CZ  NH2  doub N N 33  
ARG NH1 HH11 sing N N 34  
ARG NH1 HH12 sing N N 35  
ARG NH2 HH21 sing N N 36  
ARG NH2 HH22 sing N N 37  
ARG OXT HXT  sing N N 38  
ASN N   CA   sing N N 39  
ASN N   H    sing N N 40  
ASN N   H2   sing N N 41  
ASN CA  C    sing N N 42  
ASN CA  CB   sing N N 43  
ASN CA  HA   sing N N 44  
ASN C   O    doub N N 45  
ASN C   OXT  sing N N 46  
ASN CB  CG   sing N N 47  
ASN CB  HB2  sing N N 48  
ASN CB  HB3  sing N N 49  
ASN CG  OD1  doub N N 50  
ASN CG  ND2  sing N N 51  
ASN ND2 HD21 sing N N 52  
ASN ND2 HD22 sing N N 53  
ASN OXT HXT  sing N N 54  
ASP N   CA   sing N N 55  
ASP N   H    sing N N 56  
ASP N   H2   sing N N 57  
ASP CA  C    sing N N 58  
ASP CA  CB   sing N N 59  
ASP CA  HA   sing N N 60  
ASP C   O    doub N N 61  
ASP C   OXT  sing N N 62  
ASP CB  CG   sing N N 63  
ASP CB  HB2  sing N N 64  
ASP CB  HB3  sing N N 65  
ASP CG  OD1  doub N N 66  
ASP CG  OD2  sing N N 67  
ASP OD2 HD2  sing N N 68  
ASP OXT HXT  sing N N 69  
GLN N   CA   sing N N 70  
GLN N   H    sing N N 71  
GLN N   H2   sing N N 72  
GLN CA  C    sing N N 73  
GLN CA  CB   sing N N 74  
GLN CA  HA   sing N N 75  
GLN C   O    doub N N 76  
GLN C   OXT  sing N N 77  
GLN CB  CG   sing N N 78  
GLN CB  HB2  sing N N 79  
GLN CB  HB3  sing N N 80  
GLN CG  CD   sing N N 81  
GLN CG  HG2  sing N N 82  
GLN CG  HG3  sing N N 83  
GLN CD  OE1  doub N N 84  
GLN CD  NE2  sing N N 85  
GLN NE2 HE21 sing N N 86  
GLN NE2 HE22 sing N N 87  
GLN OXT HXT  sing N N 88  
GLU N   CA   sing N N 89  
GLU N   H    sing N N 90  
GLU N   H2   sing N N 91  
GLU CA  C    sing N N 92  
GLU CA  CB   sing N N 93  
GLU CA  HA   sing N N 94  
GLU C   O    doub N N 95  
GLU C   OXT  sing N N 96  
GLU CB  CG   sing N N 97  
GLU CB  HB2  sing N N 98  
GLU CB  HB3  sing N N 99  
GLU CG  CD   sing N N 100 
GLU CG  HG2  sing N N 101 
GLU CG  HG3  sing N N 102 
GLU CD  OE1  doub N N 103 
GLU CD  OE2  sing N N 104 
GLU OE2 HE2  sing N N 105 
GLU OXT HXT  sing N N 106 
GLY N   CA   sing N N 107 
GLY N   H    sing N N 108 
GLY N   H2   sing N N 109 
GLY CA  C    sing N N 110 
GLY CA  HA2  sing N N 111 
GLY CA  HA3  sing N N 112 
GLY C   O    doub N N 113 
GLY C   OXT  sing N N 114 
GLY OXT HXT  sing N N 115 
HEM CHA C1A  sing N N 116 
HEM CHA C4D  doub N N 117 
HEM CHA HHA  sing N N 118 
HEM CHB C4A  sing N N 119 
HEM CHB C1B  doub N N 120 
HEM CHB HHB  sing N N 121 
HEM CHC C4B  sing N N 122 
HEM CHC C1C  doub N N 123 
HEM CHC HHC  sing N N 124 
HEM CHD C4C  doub N N 125 
HEM CHD C1D  sing N N 126 
HEM CHD HHD  sing N N 127 
HEM C1A C2A  doub Y N 128 
HEM C1A NA   sing Y N 129 
HEM C2A C3A  sing Y N 130 
HEM C2A CAA  sing N N 131 
HEM C3A C4A  doub Y N 132 
HEM C3A CMA  sing N N 133 
HEM C4A NA   sing Y N 134 
HEM CMA HMA  sing N N 135 
HEM CMA HMAA sing N N 136 
HEM CMA HMAB sing N N 137 
HEM CAA CBA  sing N N 138 
HEM CAA HAA  sing N N 139 
HEM CAA HAAA sing N N 140 
HEM CBA CGA  sing N N 141 
HEM CBA HBA  sing N N 142 
HEM CBA HBAA sing N N 143 
HEM CGA O1A  doub N N 144 
HEM CGA O2A  sing N N 145 
HEM C1B C2B  sing N N 146 
HEM C1B NB   sing N N 147 
HEM C2B C3B  doub N N 148 
HEM C2B CMB  sing N N 149 
HEM C3B C4B  sing N N 150 
HEM C3B CAB  sing N N 151 
HEM C4B NB   doub N N 152 
HEM CMB HMB  sing N N 153 
HEM CMB HMBA sing N N 154 
HEM CMB HMBB sing N N 155 
HEM CAB CBB  doub N N 156 
HEM CAB HAB  sing N N 157 
HEM CBB HBB  sing N N 158 
HEM CBB HBBA sing N N 159 
HEM C1C C2C  sing Y N 160 
HEM C1C NC   sing Y N 161 
HEM C2C C3C  doub Y N 162 
HEM C2C CMC  sing N N 163 
HEM C3C C4C  sing Y N 164 
HEM C3C CAC  sing N N 165 
HEM C4C NC   sing Y N 166 
HEM CMC HMC  sing N N 167 
HEM CMC HMCA sing N N 168 
HEM CMC HMCB sing N N 169 
HEM CAC CBC  doub N N 170 
HEM CAC HAC  sing N N 171 
HEM CBC HBC  sing N N 172 
HEM CBC HBCA sing N N 173 
HEM C1D C2D  sing N N 174 
HEM C1D ND   doub N N 175 
HEM C2D C3D  doub N N 176 
HEM C2D CMD  sing N N 177 
HEM C3D C4D  sing N N 178 
HEM C3D CAD  sing N N 179 
HEM C4D ND   sing N N 180 
HEM CMD HMD  sing N N 181 
HEM CMD HMDA sing N N 182 
HEM CMD HMDB sing N N 183 
HEM CAD CBD  sing N N 184 
HEM CAD HAD  sing N N 185 
HEM CAD HADA sing N N 186 
HEM CBD CGD  sing N N 187 
HEM CBD HBD  sing N N 188 
HEM CBD HBDA sing N N 189 
HEM CGD O1D  doub N N 190 
HEM CGD O2D  sing N N 191 
HEM O2A H2A  sing N N 192 
HEM O2D H2D  sing N N 193 
HEM FE  NA   sing N N 194 
HEM FE  NB   sing N N 195 
HEM FE  NC   sing N N 196 
HEM FE  ND   sing N N 197 
HIS N   CA   sing N N 198 
HIS N   H    sing N N 199 
HIS N   H2   sing N N 200 
HIS CA  C    sing N N 201 
HIS CA  CB   sing N N 202 
HIS CA  HA   sing N N 203 
HIS C   O    doub N N 204 
HIS C   OXT  sing N N 205 
HIS CB  CG   sing N N 206 
HIS CB  HB2  sing N N 207 
HIS CB  HB3  sing N N 208 
HIS CG  ND1  sing Y N 209 
HIS CG  CD2  doub Y N 210 
HIS ND1 CE1  doub Y N 211 
HIS ND1 HD1  sing N N 212 
HIS CD2 NE2  sing Y N 213 
HIS CD2 HD2  sing N N 214 
HIS CE1 NE2  sing Y N 215 
HIS CE1 HE1  sing N N 216 
HIS NE2 HE2  sing N N 217 
HIS OXT HXT  sing N N 218 
HOH O   H1   sing N N 219 
HOH O   H2   sing N N 220 
ILE N   CA   sing N N 221 
ILE N   H    sing N N 222 
ILE N   H2   sing N N 223 
ILE CA  C    sing N N 224 
ILE CA  CB   sing N N 225 
ILE CA  HA   sing N N 226 
ILE C   O    doub N N 227 
ILE C   OXT  sing N N 228 
ILE CB  CG1  sing N N 229 
ILE CB  CG2  sing N N 230 
ILE CB  HB   sing N N 231 
ILE CG1 CD1  sing N N 232 
ILE CG1 HG12 sing N N 233 
ILE CG1 HG13 sing N N 234 
ILE CG2 HG21 sing N N 235 
ILE CG2 HG22 sing N N 236 
ILE CG2 HG23 sing N N 237 
ILE CD1 HD11 sing N N 238 
ILE CD1 HD12 sing N N 239 
ILE CD1 HD13 sing N N 240 
ILE OXT HXT  sing N N 241 
LEU N   CA   sing N N 242 
LEU N   H    sing N N 243 
LEU N   H2   sing N N 244 
LEU CA  C    sing N N 245 
LEU CA  CB   sing N N 246 
LEU CA  HA   sing N N 247 
LEU C   O    doub N N 248 
LEU C   OXT  sing N N 249 
LEU CB  CG   sing N N 250 
LEU CB  HB2  sing N N 251 
LEU CB  HB3  sing N N 252 
LEU CG  CD1  sing N N 253 
LEU CG  CD2  sing N N 254 
LEU CG  HG   sing N N 255 
LEU CD1 HD11 sing N N 256 
LEU CD1 HD12 sing N N 257 
LEU CD1 HD13 sing N N 258 
LEU CD2 HD21 sing N N 259 
LEU CD2 HD22 sing N N 260 
LEU CD2 HD23 sing N N 261 
LEU OXT HXT  sing N N 262 
LYS N   CA   sing N N 263 
LYS N   H    sing N N 264 
LYS N   H2   sing N N 265 
LYS CA  C    sing N N 266 
LYS CA  CB   sing N N 267 
LYS CA  HA   sing N N 268 
LYS C   O    doub N N 269 
LYS C   OXT  sing N N 270 
LYS CB  CG   sing N N 271 
LYS CB  HB2  sing N N 272 
LYS CB  HB3  sing N N 273 
LYS CG  CD   sing N N 274 
LYS CG  HG2  sing N N 275 
LYS CG  HG3  sing N N 276 
LYS CD  CE   sing N N 277 
LYS CD  HD2  sing N N 278 
LYS CD  HD3  sing N N 279 
LYS CE  NZ   sing N N 280 
LYS CE  HE2  sing N N 281 
LYS CE  HE3  sing N N 282 
LYS NZ  HZ1  sing N N 283 
LYS NZ  HZ2  sing N N 284 
LYS NZ  HZ3  sing N N 285 
LYS OXT HXT  sing N N 286 
MET N   CA   sing N N 287 
MET N   H    sing N N 288 
MET N   H2   sing N N 289 
MET CA  C    sing N N 290 
MET CA  CB   sing N N 291 
MET CA  HA   sing N N 292 
MET C   O    doub N N 293 
MET C   OXT  sing N N 294 
MET CB  CG   sing N N 295 
MET CB  HB2  sing N N 296 
MET CB  HB3  sing N N 297 
MET CG  SD   sing N N 298 
MET CG  HG2  sing N N 299 
MET CG  HG3  sing N N 300 
MET SD  CE   sing N N 301 
MET CE  HE1  sing N N 302 
MET CE  HE2  sing N N 303 
MET CE  HE3  sing N N 304 
MET OXT HXT  sing N N 305 
NBE C1  N    sing N N 306 
NBE C1  C2   doub Y N 307 
NBE C1  C6   sing Y N 308 
NBE N   O    doub N N 309 
NBE C2  C3   sing Y N 310 
NBE C2  H2   sing N N 311 
NBE C3  C4   doub Y N 312 
NBE C3  H3   sing N N 313 
NBE C4  C5   sing Y N 314 
NBE C4  H4   sing N N 315 
NBE C5  C6   doub Y N 316 
NBE C5  H5   sing N N 317 
NBE C6  H6   sing N N 318 
PHE N   CA   sing N N 319 
PHE N   H    sing N N 320 
PHE N   H2   sing N N 321 
PHE CA  C    sing N N 322 
PHE CA  CB   sing N N 323 
PHE CA  HA   sing N N 324 
PHE C   O    doub N N 325 
PHE C   OXT  sing N N 326 
PHE CB  CG   sing N N 327 
PHE CB  HB2  sing N N 328 
PHE CB  HB3  sing N N 329 
PHE CG  CD1  doub Y N 330 
PHE CG  CD2  sing Y N 331 
PHE CD1 CE1  sing Y N 332 
PHE CD1 HD1  sing N N 333 
PHE CD2 CE2  doub Y N 334 
PHE CD2 HD2  sing N N 335 
PHE CE1 CZ   doub Y N 336 
PHE CE1 HE1  sing N N 337 
PHE CE2 CZ   sing Y N 338 
PHE CE2 HE2  sing N N 339 
PHE CZ  HZ   sing N N 340 
PHE OXT HXT  sing N N 341 
PRO N   CA   sing N N 342 
PRO N   CD   sing N N 343 
PRO N   H    sing N N 344 
PRO CA  C    sing N N 345 
PRO CA  CB   sing N N 346 
PRO CA  HA   sing N N 347 
PRO C   O    doub N N 348 
PRO C   OXT  sing N N 349 
PRO CB  CG   sing N N 350 
PRO CB  HB2  sing N N 351 
PRO CB  HB3  sing N N 352 
PRO CG  CD   sing N N 353 
PRO CG  HG2  sing N N 354 
PRO CG  HG3  sing N N 355 
PRO CD  HD2  sing N N 356 
PRO CD  HD3  sing N N 357 
PRO OXT HXT  sing N N 358 
SER N   CA   sing N N 359 
SER N   H    sing N N 360 
SER N   H2   sing N N 361 
SER CA  C    sing N N 362 
SER CA  CB   sing N N 363 
SER CA  HA   sing N N 364 
SER C   O    doub N N 365 
SER C   OXT  sing N N 366 
SER CB  OG   sing N N 367 
SER CB  HB2  sing N N 368 
SER CB  HB3  sing N N 369 
SER OG  HG   sing N N 370 
SER OXT HXT  sing N N 371 
THR N   CA   sing N N 372 
THR N   H    sing N N 373 
THR N   H2   sing N N 374 
THR CA  C    sing N N 375 
THR CA  CB   sing N N 376 
THR CA  HA   sing N N 377 
THR C   O    doub N N 378 
THR C   OXT  sing N N 379 
THR CB  OG1  sing N N 380 
THR CB  CG2  sing N N 381 
THR CB  HB   sing N N 382 
THR OG1 HG1  sing N N 383 
THR CG2 HG21 sing N N 384 
THR CG2 HG22 sing N N 385 
THR CG2 HG23 sing N N 386 
THR OXT HXT  sing N N 387 
TRP N   CA   sing N N 388 
TRP N   H    sing N N 389 
TRP N   H2   sing N N 390 
TRP CA  C    sing N N 391 
TRP CA  CB   sing N N 392 
TRP CA  HA   sing N N 393 
TRP C   O    doub N N 394 
TRP C   OXT  sing N N 395 
TRP CB  CG   sing N N 396 
TRP CB  HB2  sing N N 397 
TRP CB  HB3  sing N N 398 
TRP CG  CD1  doub Y N 399 
TRP CG  CD2  sing Y N 400 
TRP CD1 NE1  sing Y N 401 
TRP CD1 HD1  sing N N 402 
TRP CD2 CE2  doub Y N 403 
TRP CD2 CE3  sing Y N 404 
TRP NE1 CE2  sing Y N 405 
TRP NE1 HE1  sing N N 406 
TRP CE2 CZ2  sing Y N 407 
TRP CE3 CZ3  doub Y N 408 
TRP CE3 HE3  sing N N 409 
TRP CZ2 CH2  doub Y N 410 
TRP CZ2 HZ2  sing N N 411 
TRP CZ3 CH2  sing Y N 412 
TRP CZ3 HZ3  sing N N 413 
TRP CH2 HH2  sing N N 414 
TRP OXT HXT  sing N N 415 
TYR N   CA   sing N N 416 
TYR N   H    sing N N 417 
TYR N   H2   sing N N 418 
TYR CA  C    sing N N 419 
TYR CA  CB   sing N N 420 
TYR CA  HA   sing N N 421 
TYR C   O    doub N N 422 
TYR C   OXT  sing N N 423 
TYR CB  CG   sing N N 424 
TYR CB  HB2  sing N N 425 
TYR CB  HB3  sing N N 426 
TYR CG  CD1  doub Y N 427 
TYR CG  CD2  sing Y N 428 
TYR CD1 CE1  sing Y N 429 
TYR CD1 HD1  sing N N 430 
TYR CD2 CE2  doub Y N 431 
TYR CD2 HD2  sing N N 432 
TYR CE1 CZ   doub Y N 433 
TYR CE1 HE1  sing N N 434 
TYR CE2 CZ   sing Y N 435 
TYR CE2 HE2  sing N N 436 
TYR CZ  OH   sing N N 437 
TYR OH  HH   sing N N 438 
TYR OXT HXT  sing N N 439 
VAL N   CA   sing N N 440 
VAL N   H    sing N N 441 
VAL N   H2   sing N N 442 
VAL CA  C    sing N N 443 
VAL CA  CB   sing N N 444 
VAL CA  HA   sing N N 445 
VAL C   O    doub N N 446 
VAL C   OXT  sing N N 447 
VAL CB  CG1  sing N N 448 
VAL CB  CG2  sing N N 449 
VAL CB  HB   sing N N 450 
VAL CG1 HG11 sing N N 451 
VAL CG1 HG12 sing N N 452 
VAL CG1 HG13 sing N N 453 
VAL CG2 HG21 sing N N 454 
VAL CG2 HG22 sing N N 455 
VAL CG2 HG23 sing N N 456 
VAL OXT HXT  sing N N 457 
# 
_atom_sites.entry_id                    2LH7 
_atom_sites.fract_transf_matrix[1][1]   0.00040700 
_atom_sites.fract_transf_matrix[1][2]   -0.00977350 
_atom_sites.fract_transf_matrix[1][3]   -0.00469605 
_atom_sites.fract_transf_vector[1]      0.215670 
_atom_sites.fract_transf_matrix[2][1]   0.01941457 
_atom_sites.fract_transf_matrix[2][2]   0.00469713 
_atom_sites.fract_transf_matrix[2][3]   -0.01733517 
_atom_sites.fract_transf_vector[2]      0.189161 
_atom_sites.fract_transf_matrix[3][1]   0.01301052 
_atom_sites.fract_transf_matrix[3][2]   -0.00571538 
_atom_sites.fract_transf_matrix[3][3]   0.01302253 
_atom_sites.fract_transf_vector[3]      0.004434 
# 
_atom_sites_footnote.id     1 
_atom_sites_footnote.text   'THIS ATOM WAS NOT RESOLVED IN THE FOURIER MAP.' 
# 
loop_
_atom_type.symbol 
C  
FE 
N  
O  
S  
# 
loop_
_atom_site.group_PDB 
_atom_site.id 
_atom_site.type_symbol 
_atom_site.label_atom_id 
_atom_site.label_alt_id 
_atom_site.label_comp_id 
_atom_site.label_asym_id 
_atom_site.label_entity_id 
_atom_site.label_seq_id 
_atom_site.pdbx_PDB_ins_code 
_atom_site.Cartn_x 
_atom_site.Cartn_y 
_atom_site.Cartn_z 
_atom_site.occupancy 
_atom_site.B_iso_or_equiv 
_atom_site.pdbx_formal_charge 
_atom_site.auth_seq_id 
_atom_site.auth_comp_id 
_atom_site.auth_asym_id 
_atom_site.auth_atom_id 
_atom_site.pdbx_PDB_model_num 
ATOM   1    N  N   . GLY A 1 1   ? -11.801 3.799   16.679  1.00 64.29 ? 1   GLY A N   1 
ATOM   2    C  CA  . GLY A 1 1   ? -12.020 4.954   15.882  1.00 61.22 ? 1   GLY A CA  1 
ATOM   3    C  C   . GLY A 1 1   ? -13.201 4.910   14.934  1.00 66.01 ? 1   GLY A C   1 
ATOM   4    O  O   . GLY A 1 1   ? -13.976 5.930   14.833  0.00 0.00  ? 1   GLY A O   1 
ATOM   5    N  N   . ALA A 1 2   ? -13.320 3.748   14.303  1.00 65.32 ? 2   ALA A N   1 
ATOM   6    C  CA  . ALA A 1 2   ? -14.369 3.396   13.361  1.00 55.06 ? 2   ALA A CA  1 
ATOM   7    C  C   . ALA A 1 2   ? -14.369 4.011   11.970  1.00 50.44 ? 2   ALA A C   1 
ATOM   8    O  O   . ALA A 1 2   ? -14.977 3.503   10.994  1.00 50.74 ? 2   ALA A O   1 
ATOM   9    C  CB  . ALA A 1 2   ? -15.782 3.649   14.090  0.00 0.00  ? 2   ALA A CB  1 
ATOM   10   N  N   . LEU A 1 3   ? -13.869 5.143   11.943  1.00 61.06 ? 3   LEU A N   1 
ATOM   11   C  CA  . LEU A 1 3   ? -13.905 5.968   10.756  1.00 33.39 ? 3   LEU A CA  1 
ATOM   12   C  C   . LEU A 1 3   ? -15.065 7.039   10.769  1.00 37.27 ? 3   LEU A C   1 
ATOM   13   O  O   . LEU A 1 3   ? -16.128 6.894   10.154  1.00 29.61 ? 3   LEU A O   1 
ATOM   14   C  CB  . LEU A 1 3   ? -13.499 5.277   9.312   1.00 40.83 ? 3   LEU A CB  1 
ATOM   15   C  CG  . LEU A 1 3   ? -11.990 5.318   8.980   1.00 35.05 ? 3   LEU A CG  1 
ATOM   16   C  CD1 . LEU A 1 3   ? -11.312 4.017   8.285   1.00 46.62 ? 3   LEU A CD1 1 
ATOM   17   C  CD2 . LEU A 1 3   ? -11.747 6.471   8.111   1.00 36.96 ? 3   LEU A CD2 1 
ATOM   18   N  N   . THR A 1 4   ? -14.820 8.100   11.487  1.00 29.77 ? 4   THR A N   1 
ATOM   19   C  CA  . THR A 1 4   ? -15.743 9.280   11.640  1.00 30.15 ? 4   THR A CA  1 
ATOM   20   C  C   . THR A 1 4   ? -15.512 10.118  10.445  1.00 11.16 ? 4   THR A C   1 
ATOM   21   O  O   . THR A 1 4   ? -14.474 9.878   9.650   1.00 27.15 ? 4   THR A O   1 
ATOM   22   C  CB  . THR A 1 4   ? -15.474 10.080  12.983  1.00 37.29 ? 4   THR A CB  1 
ATOM   23   O  OG1 . THR A 1 4   ? -14.282 10.701  12.736  1.00 41.52 ? 4   THR A OG1 1 
ATOM   24   C  CG2 . THR A 1 4   ? -15.313 9.215   14.215  1.00 31.32 ? 4   THR A CG2 1 
ATOM   25   N  N   . GLU A 1 5   ? -16.488 11.017  10.306  1.00 9.57  ? 5   GLU A N   1 
ATOM   26   C  CA  . GLU A 1 5   ? -16.474 11.901  9.200   1.00 14.59 ? 5   GLU A CA  1 
ATOM   27   C  C   . GLU A 1 5   ? -15.259 12.678  9.261   1.00 18.00 ? 5   GLU A C   1 
ATOM   28   O  O   . GLU A 1 5   ? -14.695 12.967  8.154   1.00 34.54 ? 5   GLU A O   1 
ATOM   29   C  CB  . GLU A 1 5   ? -17.799 12.809  9.333   1.00 32.44 ? 5   GLU A CB  1 
ATOM   30   C  CG  . GLU A 1 5   ? -18.024 13.597  8.054   1.00 54.84 ? 5   GLU A CG  1 
ATOM   31   C  CD  . GLU A 1 5   ? -19.480 14.210  8.138   1.00 68.91 ? 5   GLU A CD  1 
ATOM   32   O  OE1 . GLU A 1 5   ? -20.381 13.526  7.735   1.00 57.88 ? 5   GLU A OE1 1 
ATOM   33   O  OE2 . GLU A 1 5   ? -19.810 15.208  8.955   1.00 56.96 ? 5   GLU A OE2 1 
ATOM   34   N  N   . SER A 1 6   ? -14.779 12.877  10.499  1.00 24.72 ? 6   SER A N   1 
ATOM   35   C  CA  . SER A 1 6   ? -13.591 13.577  10.681  1.00 19.16 ? 6   SER A CA  1 
ATOM   36   C  C   . SER A 1 6   ? -12.278 12.706  10.369  1.00 12.69 ? 6   SER A C   1 
ATOM   37   O  O   . SER A 1 6   ? -11.287 13.166  9.820   1.00 21.75 ? 6   SER A O   1 
ATOM   38   C  CB  . SER A 1 6   ? -13.579 14.203  12.170  1.00 19.71 ? 6   SER A CB  1 
ATOM   39   O  OG  . SER A 1 6   ? -13.249 13.200  13.080  1.00 52.79 ? 6   SER A OG  1 
ATOM   40   N  N   . GLN A 1 7   ? -12.271 11.500  10.720  1.00 8.46  ? 7   GLN A N   1 
ATOM   41   C  CA  . GLN A 1 7   ? -11.082 10.573  10.390  1.00 13.26 ? 7   GLN A CA  1 
ATOM   42   C  C   . GLN A 1 7   ? -10.865 10.333  8.817   1.00 18.34 ? 7   GLN A C   1 
ATOM   43   O  O   . GLN A 1 7   ? -9.702  10.282  8.261   1.00 19.92 ? 7   GLN A O   1 
ATOM   44   C  CB  . GLN A 1 7   ? -11.258 9.261   10.992  1.00 11.75 ? 7   GLN A CB  1 
ATOM   45   C  CG  . GLN A 1 7   ? -10.861 9.246   12.514  1.00 20.43 ? 7   GLN A CG  1 
ATOM   46   C  CD  . GLN A 1 7   ? -11.153 7.947   13.051  1.00 30.83 ? 7   GLN A CD  1 
ATOM   47   O  OE1 . GLN A 1 7   ? -12.312 7.596   12.936  1.00 36.95 ? 7   GLN A OE1 1 
ATOM   48   N  NE2 . GLN A 1 7   ? -10.300 7.490   13.955  1.00 36.69 ? 7   GLN A NE2 1 
ATOM   49   N  N   . ALA A 1 8   ? -11.983 10.271  8.154   1.00 19.11 ? 8   ALA A N   1 
ATOM   50   C  CA  . ALA A 1 8   ? -11.987 10.033  6.640   1.00 21.75 ? 8   ALA A CA  1 
ATOM   51   C  C   . ALA A 1 8   ? -11.565 11.184  5.893   1.00 18.41 ? 8   ALA A C   1 
ATOM   52   O  O   . ALA A 1 8   ? -10.827 10.982  4.798   1.00 20.79 ? 8   ALA A O   1 
ATOM   53   C  CB  . ALA A 1 8   ? -13.366 9.685   6.168   1.00 11.22 ? 8   ALA A CB  1 
ATOM   54   N  N   . ALA A 1 9   ? -11.912 12.341  6.548   1.00 18.54 ? 9   ALA A N   1 
ATOM   55   C  CA  . ALA A 1 9   ? -11.480 13.520  5.982   1.00 15.80 ? 9   ALA A CA  1 
ATOM   56   C  C   . ALA A 1 9   ? -9.980  13.595  6.133   1.00 15.98 ? 9   ALA A C   1 
ATOM   57   O  O   . ALA A 1 9   ? -9.305  14.124  5.247   1.00 17.70 ? 9   ALA A O   1 
ATOM   58   C  CB  . ALA A 1 9   ? -12.257 14.752  6.724   1.00 19.27 ? 9   ALA A CB  1 
ATOM   59   N  N   . LEU A 1 10  ? -9.470  13.011  7.185   1.00 15.18 ? 10  LEU A N   1 
ATOM   60   C  CA  . LEU A 1 10  ? -8.034  12.966  7.405   1.00 17.07 ? 10  LEU A CA  1 
ATOM   61   C  C   . LEU A 1 10  ? -7.208  11.996  6.365   1.00 13.81 ? 10  LEU A C   1 
ATOM   62   O  O   . LEU A 1 10  ? -6.140  12.317  5.824   1.00 13.56 ? 10  LEU A O   1 
ATOM   63   C  CB  . LEU A 1 10  ? -7.717  12.652  8.894   1.00 10.90 ? 10  LEU A CB  1 
ATOM   64   C  CG  . LEU A 1 10  ? -8.222  13.792  9.969   1.00 17.43 ? 10  LEU A CG  1 
ATOM   65   C  CD1 . LEU A 1 10  ? -8.057  13.403  11.465  1.00 21.94 ? 10  LEU A CD1 1 
ATOM   66   C  CD2 . LEU A 1 10  ? -7.522  15.022  9.724   1.00 29.20 ? 10  LEU A CD2 1 
ATOM   67   N  N   . VAL A 1 11  ? -7.723  10.891  6.047   1.00 23.64 ? 11  VAL A N   1 
ATOM   68   C  CA  . VAL A 1 11  ? -7.057  9.948   4.961   1.00 20.21 ? 11  VAL A CA  1 
ATOM   69   C  C   . VAL A 1 11  ? -7.065  10.521  3.546   1.00 31.94 ? 11  VAL A C   1 
ATOM   70   O  O   . VAL A 1 11  ? -6.006  10.412  2.785   1.00 26.51 ? 11  VAL A O   1 
ATOM   71   C  CB  . VAL A 1 11  ? -7.705  8.655   4.872   1.00 12.85 ? 11  VAL A CB  1 
ATOM   72   C  CG1 . VAL A 1 11  ? -7.095  7.697   3.646   1.00 9.18  ? 11  VAL A CG1 1 
ATOM   73   C  CG2 . VAL A 1 11  ? -7.635  8.001   6.250   1.00 8.19  ? 11  VAL A CG2 1 
ATOM   74   N  N   . LYS A 1 12  ? -8.191  11.199  3.251   1.00 26.13 ? 12  LYS A N   1 
ATOM   75   C  CA  . LYS A 1 12  ? -8.313  11.762  1.905   1.00 4.33  ? 12  LYS A CA  1 
ATOM   76   C  C   . LYS A 1 12  ? -7.345  12.775  1.669   1.00 12.48 ? 12  LYS A C   1 
ATOM   77   O  O   . LYS A 1 12  ? -6.666  12.737  0.538   1.00 16.94 ? 12  LYS A O   1 
ATOM   78   C  CB  . LYS A 1 12  ? -9.757  12.346  1.691   1.00 7.96  ? 12  LYS A CB  1 
ATOM   79   C  CG  . LYS A 1 12  ? -9.857  12.858  0.240   1.00 14.28 ? 12  LYS A CG  1 
ATOM   80   C  CD  . LYS A 1 12  ? -11.313 13.200  -0.155  1.00 38.41 ? 12  LYS A CD  1 
ATOM   81   C  CE  . LYS A 1 12  ? -11.343 13.806  -1.569  1.00 41.61 ? 12  LYS A CE  1 
ATOM   82   N  NZ  . LYS A 1 12  ? -10.472 12.971  -2.609  0.00 0.00  ? 12  LYS A NZ  1 
ATOM   83   N  N   . SER A 1 13  ? -7.284  13.625  2.730   1.00 10.25 ? 13  SER A N   1 
ATOM   84   C  CA  . SER A 1 13  ? -6.422  14.680  2.683   1.00 13.22 ? 13  SER A CA  1 
ATOM   85   C  C   . SER A 1 13  ? -4.939  14.160  2.541   1.00 22.67 ? 13  SER A C   1 
ATOM   86   O  O   . SER A 1 13  ? -4.114  14.663  1.777   1.00 15.86 ? 13  SER A O   1 
ATOM   87   C  CB  . SER A 1 13  ? -6.685  15.564  4.045   1.00 7.79  ? 13  SER A CB  1 
ATOM   88   O  OG  . SER A 1 13  ? -5.823  16.583  4.029   1.00 50.17 ? 13  SER A OG  1 
ATOM   89   N  N   . SER A 1 14  ? -4.608  13.196  3.301   1.00 25.83 ? 14  SER A N   1 
ATOM   90   C  CA  . SER A 1 14  ? -3.214  12.621  3.284   1.00 14.03 ? 14  SER A CA  1 
ATOM   91   C  C   . SER A 1 14  ? -2.813  11.750  1.958   1.00 8.32  ? 14  SER A C   1 
ATOM   92   O  O   . SER A 1 14  ? -1.666  11.753  1.377   1.00 15.65 ? 14  SER A O   1 
ATOM   93   C  CB  . SER A 1 14  ? -2.971  11.863  4.574   1.00 16.79 ? 14  SER A CB  1 
ATOM   94   O  OG  . SER A 1 14  ? -3.848  10.860  4.596   1.00 26.38 ? 14  SER A OG  1 
ATOM   95   N  N   . TRP A 1 15  ? -3.797  11.202  1.380   1.00 12.98 ? 15  TRP A N   1 
ATOM   96   C  CA  . TRP A 1 15  ? -3.571  10.510  -0.003  1.00 5.74  ? 15  TRP A CA  1 
ATOM   97   C  C   . TRP A 1 15  ? -3.367  11.452  -1.124  1.00 27.01 ? 15  TRP A C   1 
ATOM   98   O  O   . TRP A 1 15  ? -2.476  11.173  -2.089  1.00 14.98 ? 15  TRP A O   1 
ATOM   99   C  CB  . TRP A 1 15  ? -4.711  9.652   -0.339  1.00 13.76 ? 15  TRP A CB  1 
ATOM   100  C  CG  . TRP A 1 15  ? -4.435  8.939   -1.795  1.00 39.57 ? 15  TRP A CG  1 
ATOM   101  C  CD1 . TRP A 1 15  ? -3.547  7.901   -2.228  1.00 24.07 ? 15  TRP A CD1 1 
ATOM   102  C  CD2 . TRP A 1 15  ? -5.010  9.357   -2.997  1.00 22.81 ? 15  TRP A CD2 1 
ATOM   103  N  NE1 . TRP A 1 15  ? -3.557  7.680   -3.684  1.00 26.75 ? 15  TRP A NE1 1 
ATOM   104  C  CE2 . TRP A 1 15  ? -4.405  8.538   -4.127  1.00 37.79 ? 15  TRP A CE2 1 
ATOM   105  C  CE3 . TRP A 1 15  ? -5.954  10.396  -3.173  1.00 20.81 ? 15  TRP A CE3 1 
ATOM   106  C  CZ2 . TRP A 1 15  ? -4.723  8.717   -5.484  1.00 29.19 ? 15  TRP A CZ2 1 
ATOM   107  C  CZ3 . TRP A 1 15  ? -6.266  10.581  -4.541  1.00 43.04 ? 15  TRP A CZ3 1 
ATOM   108  C  CH2 . TRP A 1 15  ? -5.670  9.766   -5.661  1.00 54.81 ? 15  TRP A CH2 1 
ATOM   109  N  N   . GLU A 1 16  ? -4.071  12.596  -0.933  1.00 29.51 ? 16  GLU A N   1 
ATOM   110  C  CA  . GLU A 1 16  ? -3.879  13.567  -1.934  1.00 24.11 ? 16  GLU A CA  1 
ATOM   111  C  C   . GLU A 1 16  ? -2.502  14.070  -1.878  1.00 18.78 ? 16  GLU A C   1 
ATOM   112  O  O   . GLU A 1 16  ? -1.832  14.138  -2.999  1.00 23.52 ? 16  GLU A O   1 
ATOM   113  C  CB  . GLU A 1 16  ? -5.017  14.692  -1.807  1.00 19.63 ? 16  GLU A CB  1 
ATOM   114  C  CG  . GLU A 1 16  ? -6.350  14.200  -2.240  1.00 25.18 ? 16  GLU A CG  1 
ATOM   115  C  CD  . GLU A 1 16  ? -7.495  15.290  -1.959  1.00 47.62 ? 16  GLU A CD  1 
ATOM   116  O  OE1 . GLU A 1 16  ? -7.447  16.114  -0.939  1.00 47.32 ? 16  GLU A OE1 1 
ATOM   117  O  OE2 . GLU A 1 16  ? -8.621  15.108  -2.413  1.00 42.85 ? 16  GLU A OE2 1 
ATOM   118  N  N   . GLU A 1 17  ? -2.017  14.212  -0.637  1.00 10.07 ? 17  GLU A N   1 
ATOM   119  C  CA  . GLU A 1 17  ? -0.630  14.535  -0.522  1.00 9.74  ? 17  GLU A CA  1 
ATOM   120  C  C   . GLU A 1 17  ? 0.393   13.439  -1.165  1.00 21.19 ? 17  GLU A C   1 
ATOM   121  O  O   . GLU A 1 17  ? 1.444   13.721  -1.779  1.00 16.07 ? 17  GLU A O   1 
ATOM   122  C  CB  . GLU A 1 17  ? -0.269  14.864  0.991   1.00 4.43  ? 17  GLU A CB  1 
ATOM   123  C  CG  . GLU A 1 17  ? -0.865  16.221  1.605   1.00 28.34 ? 17  GLU A CG  1 
ATOM   124  C  CD  . GLU A 1 17  ? -0.213  16.474  2.988   1.00 48.66 ? 17  GLU A CD  1 
ATOM   125  O  OE1 . GLU A 1 17  ? 0.910   16.920  2.970   1.00 42.89 ? 17  GLU A OE1 1 
ATOM   126  O  OE2 . GLU A 1 17  ? -0.477  15.767  3.947   1.00 48.81 ? 17  GLU A OE2 1 
ATOM   127  N  N   . PHE A 1 18  ? 0.092   12.238  -1.054  1.00 24.96 ? 18  PHE A N   1 
ATOM   128  C  CA  . PHE A 1 18  ? 0.994   11.113  -1.674  1.00 14.88 ? 18  PHE A CA  1 
ATOM   129  C  C   . PHE A 1 18  ? 1.111   11.138  -3.257  1.00 15.67 ? 18  PHE A C   1 
ATOM   130  O  O   . PHE A 1 18  ? 2.228   11.012  -3.928  1.00 22.01 ? 18  PHE A O   1 
ATOM   131  C  CB  . PHE A 1 18  ? 0.441   9.830   -1.301  1.00 14.61 ? 18  PHE A CB  1 
ATOM   132  C  CG  . PHE A 1 18  ? 1.262   8.600   -2.016  1.00 17.07 ? 18  PHE A CG  1 
ATOM   133  C  CD1 . PHE A 1 18  ? 2.431   8.104   -1.460  1.00 27.39 ? 18  PHE A CD1 1 
ATOM   134  C  CD2 . PHE A 1 18  ? 0.829   7.995   -3.214  1.00 19.28 ? 18  PHE A CD2 1 
ATOM   135  C  CE1 . PHE A 1 18  ? 3.183   7.006   -2.110  1.00 9.41  ? 18  PHE A CE1 1 
ATOM   136  C  CE2 . PHE A 1 18  ? 1.576   6.905   -3.870  1.00 6.94  ? 18  PHE A CE2 1 
ATOM   137  C  CZ  . PHE A 1 18  ? 2.758   6.410   -3.318  1.00 5.46  ? 18  PHE A CZ  1 
ATOM   138  N  N   . ASN A 1 19  ? -0.035  11.291  -3.831  1.00 13.20 ? 19  ASN A N   1 
ATOM   139  C  CA  . ASN A 1 19  ? -0.128  11.203  -5.340  1.00 13.78 ? 19  ASN A CA  1 
ATOM   140  C  C   . ASN A 1 19  ? 0.467   12.325  -6.005  1.00 9.80  ? 19  ASN A C   1 
ATOM   141  O  O   . ASN A 1 19  ? 0.746   12.264  -7.294  1.00 23.42 ? 19  ASN A O   1 
ATOM   142  C  CB  . ASN A 1 19  ? -1.619  11.192  -5.660  1.00 14.88 ? 19  ASN A CB  1 
ATOM   143  C  CG  . ASN A 1 19  ? -1.718  10.524  -7.106  1.00 34.25 ? 19  ASN A CG  1 
ATOM   144  O  OD1 . ASN A 1 19  ? -1.287  9.338   -7.314  1.00 45.11 ? 19  ASN A OD1 1 
ATOM   145  N  ND2 . ASN A 1 19  ? -2.645  11.102  -7.837  1.00 40.06 ? 19  ASN A ND2 1 
ATOM   146  N  N   . ALA A 1 20  ? 0.660   13.315  -5.114  1.00 15.38 ? 20  ALA A N   1 
ATOM   147  C  CA  . ALA A 1 20  ? 1.167   14.507  -5.546  1.00 11.81 ? 20  ALA A CA  1 
ATOM   148  C  C   . ALA A 1 20  ? 2.643   14.290  -6.011  1.00 23.14 ? 20  ALA A C   1 
ATOM   149  O  O   . ALA A 1 20  ? 3.168   15.115  -6.693  1.00 29.09 ? 20  ALA A O   1 
ATOM   150  C  CB  . ALA A 1 20  ? 0.973   15.609  -4.367  1.00 28.96 ? 20  ALA A CB  1 
ATOM   151  N  N   . ASN A 1 21  ? 3.279   13.209  -5.656  1.00 16.14 ? 21  ASN A N   1 
ATOM   152  C  CA  . ASN A 1 21  ? 4.695   12.861  -6.092  1.00 9.89  ? 21  ASN A CA  1 
ATOM   153  C  C   . ASN A 1 21  ? 5.063   11.393  -6.229  1.00 7.34  ? 21  ASN A C   1 
ATOM   154  O  O   . ASN A 1 21  ? 5.895   10.877  -5.443  1.00 17.95 ? 21  ASN A O   1 
ATOM   155  C  CB  . ASN A 1 21  ? 5.609   13.518  -5.074  1.00 11.15 ? 21  ASN A CB  1 
ATOM   156  C  CG  . ASN A 1 21  ? 7.005   13.529  -5.762  1.00 17.86 ? 21  ASN A CG  1 
ATOM   157  O  OD1 . ASN A 1 21  ? 7.801   14.275  -5.244  1.00 33.44 ? 21  ASN A OD1 1 
ATOM   158  N  ND2 . ASN A 1 21  ? 7.204   12.888  -6.995  1.00 16.41 ? 21  ASN A ND2 1 
ATOM   159  N  N   . ILE A 1 22  ? 4.382   10.771  -7.148  1.00 13.91 ? 22  ILE A N   1 
ATOM   160  C  CA  . ILE A 1 22  ? 4.615   9.360   -7.501  1.00 3.00  ? 22  ILE A CA  1 
ATOM   161  C  C   . ILE A 1 22  ? 6.092   8.822   -7.679  1.00 8.32  ? 22  ILE A C   1 
ATOM   162  O  O   . ILE A 1 22  ? 6.487   7.932   -6.931  1.00 15.43 ? 22  ILE A O   1 
ATOM   163  C  CB  . ILE A 1 22  ? 3.801   8.907   -8.738  1.00 11.17 ? 22  ILE A CB  1 
ATOM   164  C  CG1 . ILE A 1 22  ? 2.303   8.979   -8.287  1.00 14.59 ? 22  ILE A CG1 1 
ATOM   165  C  CG2 . ILE A 1 22  ? 4.324   7.530   -9.388  1.00 20.13 ? 22  ILE A CG2 1 
ATOM   166  C  CD1 . ILE A 1 22  ? 2.059   8.082   -7.113  1.00 8.14  ? 22  ILE A CD1 1 
ATOM   167  N  N   . PRO A 1 23  ? 6.927   9.354   -8.519  1.00 9.90  ? 23  PRO A N   1 
ATOM   168  C  CA  . PRO A 1 23  ? 8.314   8.762   -8.769  1.00 9.09  ? 23  PRO A CA  1 
ATOM   169  C  C   . PRO A 1 23  ? 9.108   8.791   -7.463  1.00 12.94 ? 23  PRO A C   1 
ATOM   170  O  O   . PRO A 1 23  ? 9.798   7.771   -7.177  1.00 25.96 ? 23  PRO A O   1 
ATOM   171  C  CB  . PRO A 1 23  ? 9.005   9.457   -9.915  1.00 13.13 ? 23  PRO A CB  1 
ATOM   172  C  CG  . PRO A 1 23  ? 7.891   10.345  -10.513 1.00 12.96 ? 23  PRO A CG  1 
ATOM   173  C  CD  . PRO A 1 23  ? 6.605   10.284  -9.591  1.00 14.28 ? 23  PRO A CD  1 
ATOM   174  N  N   . LYS A 1 24  ? 8.847   9.835   -6.603  1.00 9.74  ? 24  LYS A N   1 
ATOM   175  C  CA  . LYS A 1 24  ? 9.522   9.891   -5.287  1.00 12.18 ? 24  LYS A CA  1 
ATOM   176  C  C   . LYS A 1 24  ? 9.008   8.985   -4.253  1.00 23.54 ? 24  LYS A C   1 
ATOM   177  O  O   . LYS A 1 24  ? 9.830   8.197   -3.705  1.00 14.85 ? 24  LYS A O   1 
ATOM   178  C  CB  . LYS A 1 24  ? 9.472   11.298  -4.623  1.00 12.31 ? 24  LYS A CB  1 
ATOM   179  C  CG  . LYS A 1 24  ? 10.215  11.375  -3.255  1.00 23.50 ? 24  LYS A CG  1 
ATOM   180  C  CD  . LYS A 1 24  ? 10.269  12.790  -2.641  1.00 29.45 ? 24  LYS A CD  1 
ATOM   181  C  CE  . LYS A 1 24  ? 8.867   13.532  -2.332  0.00 0.00  ? 24  LYS A CE  1 
ATOM   182  N  NZ  . LYS A 1 24  ? 8.972   14.884  -1.804  0.00 0.00  ? 24  LYS A NZ  1 
ATOM   183  N  N   . HIS A 1 25  ? 7.693   9.064   -4.052  1.00 8.94  ? 25  HIS A N   1 
ATOM   184  C  CA  . HIS A 1 25  ? 7.054   8.351   -2.984  1.00 17.40 ? 25  HIS A CA  1 
ATOM   185  C  C   . HIS A 1 25  ? 7.132   6.871   -3.282  1.00 15.35 ? 25  HIS A C   1 
ATOM   186  O  O   . HIS A 1 25  ? 7.334   6.136   -2.311  1.00 12.26 ? 25  HIS A O   1 
ATOM   187  C  CB  . HIS A 1 25  ? 5.601   8.950   -2.649  1.00 3.00  ? 25  HIS A CB  1 
ATOM   188  C  CG  . HIS A 1 25  ? 5.563   10.387  -2.079  1.00 19.51 ? 25  HIS A CG  1 
ATOM   189  N  ND1 . HIS A 1 25  ? 6.593   10.838  -1.286  1.00 22.72 ? 25  HIS A ND1 1 
ATOM   190  C  CD2 . HIS A 1 25  ? 4.646   11.393  -2.235  1.00 12.42 ? 25  HIS A CD2 1 
ATOM   191  C  CE1 . HIS A 1 25  ? 6.275   12.187  -0.954  1.00 12.18 ? 25  HIS A CE1 1 
ATOM   192  N  NE2 . HIS A 1 25  ? 5.047   12.530  -1.564  1.00 17.52 ? 25  HIS A NE2 1 
ATOM   193  N  N   . THR A 1 26  ? 7.028   6.439   -4.582  1.00 9.43  ? 26  THR A N   1 
ATOM   194  C  CA  . THR A 1 26  ? 7.157   5.036   -4.998  1.00 11.23 ? 26  THR A CA  1 
ATOM   195  C  C   . THR A 1 26  ? 8.594   4.414   -4.923  1.00 10.07 ? 26  THR A C   1 
ATOM   196  O  O   . THR A 1 26  ? 8.814   3.272   -4.568  1.00 6.72  ? 26  THR A O   1 
ATOM   197  C  CB  . THR A 1 26  ? 6.665   4.752   -6.469  1.00 26.80 ? 26  THR A CB  1 
ATOM   198  O  OG1 . THR A 1 26  ? 7.459   5.335   -7.476  1.00 19.61 ? 26  THR A OG1 1 
ATOM   199  C  CG2 . THR A 1 26  ? 5.164   5.214   -6.559  1.00 14.62 ? 26  THR A CG2 1 
ATOM   200  N  N   . HIS A 1 27  ? 9.537   5.163   -5.208  1.00 11.43 ? 27  HIS A N   1 
ATOM   201  C  CA  . HIS A 1 27  ? 10.949  4.692   -5.102  1.00 7.99  ? 27  HIS A CA  1 
ATOM   202  C  C   . HIS A 1 27  ? 11.240  4.529   -3.582  1.00 16.32 ? 27  HIS A C   1 
ATOM   203  O  O   . HIS A 1 27  ? 11.841  3.486   -3.229  1.00 13.85 ? 27  HIS A O   1 
ATOM   204  C  CB  . HIS A 1 27  ? 11.832  5.678   -5.700  1.00 10.17 ? 27  HIS A CB  1 
ATOM   205  C  CG  . HIS A 1 27  ? 13.321  5.431   -5.357  1.00 6.02  ? 27  HIS A CG  1 
ATOM   206  N  ND1 . HIS A 1 27  ? 14.204  4.406   -6.054  1.00 23.51 ? 27  HIS A ND1 1 
ATOM   207  C  CD2 . HIS A 1 27  ? 14.004  6.090   -4.415  1.00 13.22 ? 27  HIS A CD2 1 
ATOM   208  C  CE1 . HIS A 1 27  ? 15.473  4.461   -5.478  1.00 15.94 ? 27  HIS A CE1 1 
ATOM   209  N  NE2 . HIS A 1 27  ? 15.342  5.522   -4.457  1.00 24.45 ? 27  HIS A NE2 1 
ATOM   210  N  N   . ARG A 1 28  ? 10.682  5.492   -2.711  1.00 14.50 ? 28  ARG A N   1 
ATOM   211  C  CA  . ARG A 1 28  ? 10.839  5.512   -1.210  1.00 9.42  ? 28  ARG A CA  1 
ATOM   212  C  C   . ARG A 1 28  ? 10.200  4.405   -0.563  1.00 13.00 ? 28  ARG A C   1 
ATOM   213  O  O   . ARG A 1 28  ? 10.818  3.781   0.324   1.00 17.87 ? 28  ARG A O   1 
ATOM   214  C  CB  . ARG A 1 28  ? 10.295  6.853   -0.477  1.00 16.45 ? 28  ARG A CB  1 
ATOM   215  C  CG  . ARG A 1 28  ? 10.566  6.953   1.091   1.00 27.29 ? 28  ARG A CG  1 
ATOM   216  C  CD  . ARG A 1 28  ? 12.076  6.791   1.376   1.00 31.13 ? 28  ARG A CD  1 
ATOM   217  N  NE  . ARG A 1 28  ? 12.231  6.842   2.889   1.00 53.71 ? 28  ARG A NE  1 
ATOM   218  C  CZ  . ARG A 1 28  ? 13.307  6.383   3.515   1.00 56.36 ? 28  ARG A CZ  1 
ATOM   219  N  NH1 . ARG A 1 28  ? 14.395  5.847   2.793   1.00 53.36 ? 28  ARG A NH1 1 
ATOM   220  N  NH2 . ARG A 1 28  ? 13.293  6.491   4.887   1.00 50.74 ? 28  ARG A NH2 1 
ATOM   221  N  N   . PHE A 1 29  ? 9.075   4.107   -1.112  1.00 12.86 ? 29  PHE A N   1 
ATOM   222  C  CA  . PHE A 1 29  ? 8.348   3.015   -0.699  1.00 9.21  ? 29  PHE A CA  1 
ATOM   223  C  C   . PHE A 1 29  ? 9.213   1.707   -0.919  1.00 19.87 ? 29  PHE A C   1 
ATOM   224  O  O   . PHE A 1 29  ? 9.329   0.978   0.067   1.00 19.07 ? 29  PHE A O   1 
ATOM   225  C  CB  . PHE A 1 29  ? 7.052   2.971   -1.505  1.00 5.74  ? 29  PHE A CB  1 
ATOM   226  C  CG  . PHE A 1 29  ? 6.378   1.705   -1.390  1.00 3.11  ? 29  PHE A CG  1 
ATOM   227  C  CD1 . PHE A 1 29  ? 5.728   1.458   -0.163  1.00 5.21  ? 29  PHE A CD1 1 
ATOM   228  C  CD2 . PHE A 1 29  ? 6.401   0.824   -2.539  1.00 3.00  ? 29  PHE A CD2 1 
ATOM   229  C  CE1 . PHE A 1 29  ? 5.088   0.332   -0.076  1.00 8.31  ? 29  PHE A CE1 1 
ATOM   230  C  CE2 . PHE A 1 29  ? 5.768   -0.307  -2.462  1.00 19.77 ? 29  PHE A CE2 1 
ATOM   231  C  CZ  . PHE A 1 29  ? 5.106   -0.552  -1.228  1.00 7.65  ? 29  PHE A CZ  1 
ATOM   232  N  N   . PHE A 1 30  ? 9.848   1.453   -2.149  1.00 18.28 ? 30  PHE A N   1 
ATOM   233  C  CA  . PHE A 1 30  ? 10.721  0.229   -2.482  1.00 13.22 ? 30  PHE A CA  1 
ATOM   234  C  C   . PHE A 1 30  ? 11.972  0.115   -1.643  1.00 8.94  ? 30  PHE A C   1 
ATOM   235  O  O   . PHE A 1 30  ? 12.343  -0.958  -1.178  1.00 12.21 ? 30  PHE A O   1 
ATOM   236  C  CB  . PHE A 1 30  ? 11.094  -0.024  -4.052  1.00 7.88  ? 30  PHE A CB  1 
ATOM   237  C  CG  . PHE A 1 30  ? 10.019  -0.770  -4.744  1.00 15.91 ? 30  PHE A CG  1 
ATOM   238  C  CD1 . PHE A 1 30  ? 9.049   -0.134  -5.490  1.00 17.58 ? 30  PHE A CD1 1 
ATOM   239  C  CD2 . PHE A 1 30  ? 9.994   -2.073  -4.546  1.00 22.31 ? 30  PHE A CD2 1 
ATOM   240  C  CE1 . PHE A 1 30  ? 8.048   -0.810  -6.058  1.00 23.96 ? 30  PHE A CE1 1 
ATOM   241  C  CE2 . PHE A 1 30  ? 9.000   -2.756  -5.105  1.00 17.17 ? 30  PHE A CE2 1 
ATOM   242  C  CZ  . PHE A 1 30  ? 8.029   -2.120  -5.864  1.00 37.08 ? 30  PHE A CZ  1 
ATOM   243  N  N   . ILE A 1 31  ? 12.513  1.211   -1.353  1.00 12.20 ? 31  ILE A N   1 
ATOM   244  C  CA  . ILE A 1 31  ? 13.665  1.238   -0.468  1.00 7.90  ? 31  ILE A CA  1 
ATOM   245  C  C   . ILE A 1 31  ? 13.272  0.844   0.966   1.00 3.00  ? 31  ILE A C   1 
ATOM   246  O  O   . ILE A 1 31  ? 14.059  0.077   1.568   1.00 9.54  ? 31  ILE A O   1 
ATOM   247  C  CB  . ILE A 1 31  ? 14.149  2.607   -0.295  1.00 9.46  ? 31  ILE A CB  1 
ATOM   248  C  CG1 . ILE A 1 31  ? 14.671  3.047   -1.688  1.00 20.51 ? 31  ILE A CG1 1 
ATOM   249  C  CG2 . ILE A 1 31  ? 15.228  2.673   0.793   1.00 3.00  ? 31  ILE A CG2 1 
ATOM   250  C  CD1 . ILE A 1 31  ? 15.960  2.198   -2.246  1.00 31.40 ? 31  ILE A CD1 1 
ATOM   251  N  N   . LEU A 1 32  ? 12.051  1.279   1.437   1.00 3.00  ? 32  LEU A N   1 
ATOM   252  C  CA  . LEU A 1 32  ? 11.559  0.988   2.819   1.00 3.00  ? 32  LEU A CA  1 
ATOM   253  C  C   . LEU A 1 32  ? 11.288  -0.429  2.860   1.00 7.91  ? 32  LEU A C   1 
ATOM   254  O  O   . LEU A 1 32  ? 11.606  -1.028  3.899   1.00 21.16 ? 32  LEU A O   1 
ATOM   255  C  CB  . LEU A 1 32  ? 10.259  1.866   3.262   1.00 7.16  ? 32  LEU A CB  1 
ATOM   256  C  CG  . LEU A 1 32  ? 10.525  3.302   3.556   1.00 13.37 ? 32  LEU A CG  1 
ATOM   257  C  CD1 . LEU A 1 32  ? 9.210   4.210   3.760   1.00 19.71 ? 32  LEU A CD1 1 
ATOM   258  C  CD2 . LEU A 1 32  ? 11.405  3.473   4.813   1.00 21.08 ? 32  LEU A CD2 1 
ATOM   259  N  N   . VAL A 1 33  ? 10.768  -0.952  1.753   1.00 13.36 ? 33  VAL A N   1 
ATOM   260  C  CA  . VAL A 1 33  ? 10.532  -2.330  1.681   1.00 11.45 ? 33  VAL A CA  1 
ATOM   261  C  C   . VAL A 1 33  ? 11.845  -3.183  1.815   1.00 3.13  ? 33  VAL A C   1 
ATOM   262  O  O   . VAL A 1 33  ? 11.892  -4.085  2.623   1.00 23.65 ? 33  VAL A O   1 
ATOM   263  C  CB  . VAL A 1 33  ? 9.912   -2.743  0.301   1.00 9.24  ? 33  VAL A CB  1 
ATOM   264  C  CG1 . VAL A 1 33  ? 9.943   -4.234  0.069   1.00 10.96 ? 33  VAL A CG1 1 
ATOM   265  C  CG2 . VAL A 1 33  ? 8.480   -2.069  0.183   1.00 7.39  ? 33  VAL A CG2 1 
ATOM   266  N  N   . LEU A 1 34  ? 12.870  -2.841  1.075   1.00 18.22 ? 34  LEU A N   1 
ATOM   267  C  CA  . LEU A 1 34  ? 14.206  -3.586  0.957   1.00 11.61 ? 34  LEU A CA  1 
ATOM   268  C  C   . LEU A 1 34  ? 14.954  -3.415  2.286   1.00 15.88 ? 34  LEU A C   1 
ATOM   269  O  O   . LEU A 1 34  ? 15.648  -4.385  2.682   1.00 18.01 ? 34  LEU A O   1 
ATOM   270  C  CB  . LEU A 1 34  ? 15.045  -3.204  -0.300  1.00 7.55  ? 34  LEU A CB  1 
ATOM   271  C  CG  . LEU A 1 34  ? 14.952  -4.092  -1.652  1.00 9.22  ? 34  LEU A CG  1 
ATOM   272  C  CD1 . LEU A 1 34  ? 13.614  -4.684  -1.797  1.00 11.30 ? 34  LEU A CD1 1 
ATOM   273  C  CD2 . LEU A 1 34  ? 15.351  -3.438  -2.971  1.00 8.55  ? 34  LEU A CD2 1 
ATOM   274  N  N   . GLU A 1 35  ? 14.636  -2.296  3.046   1.00 13.08 ? 35  GLU A N   1 
ATOM   275  C  CA  . GLU A 1 35  ? 15.149  -2.074  4.440   1.00 7.15  ? 35  GLU A CA  1 
ATOM   276  C  C   . GLU A 1 35  ? 14.557  -2.919  5.482   1.00 10.10 ? 35  GLU A C   1 
ATOM   277  O  O   . GLU A 1 35  ? 15.226  -3.254  6.492   1.00 17.40 ? 35  GLU A O   1 
ATOM   278  C  CB  . GLU A 1 35  ? 14.845  -0.639  5.001   1.00 28.62 ? 35  GLU A CB  1 
ATOM   279  C  CG  . GLU A 1 35  ? 15.683  0.241   4.181   1.00 55.68 ? 35  GLU A CG  1 
ATOM   280  C  CD  . GLU A 1 35  ? 15.461  1.640   4.830   1.00 50.12 ? 35  GLU A CD  1 
ATOM   281  O  OE1 . GLU A 1 35  ? 16.215  2.440   4.399   1.00 46.79 ? 35  GLU A OE1 1 
ATOM   282  O  OE2 . GLU A 1 35  ? 14.895  1.867   6.027   1.00 44.92 ? 35  GLU A OE2 1 
ATOM   283  N  N   . ILE A 1 36  ? 13.330  -3.215  5.264   1.00 15.78 ? 36  ILE A N   1 
ATOM   284  C  CA  . ILE A 1 36  ? 12.627  -3.974  6.235   1.00 15.86 ? 36  ILE A CA  1 
ATOM   285  C  C   . ILE A 1 36  ? 12.983  -5.435  5.898   1.00 18.25 ? 36  ILE A C   1 
ATOM   286  O  O   . ILE A 1 36  ? 13.217  -6.180  6.853   1.00 12.03 ? 36  ILE A O   1 
ATOM   287  C  CB  . ILE A 1 36  ? 11.090  -3.629  6.245   1.00 17.79 ? 36  ILE A CB  1 
ATOM   288  C  CG1 . ILE A 1 36  ? 10.674  -2.181  6.718   1.00 11.11 ? 36  ILE A CG1 1 
ATOM   289  C  CG2 . ILE A 1 36  ? 10.319  -4.521  7.134   1.00 7.36  ? 36  ILE A CG2 1 
ATOM   290  C  CD1 . ILE A 1 36  ? 9.160   -1.815  6.574   1.00 10.49 ? 36  ILE A CD1 1 
ATOM   291  N  N   . ALA A 1 37  ? 13.127  -5.807  4.569   1.00 9.29  ? 37  ALA A N   1 
ATOM   292  C  CA  . ALA A 1 37  ? 13.514  -7.177  4.064   1.00 12.54 ? 37  ALA A CA  1 
ATOM   293  C  C   . ALA A 1 37  ? 14.239  -7.322  2.631   1.00 12.53 ? 37  ALA A C   1 
ATOM   294  O  O   . ALA A 1 37  ? 13.579  -7.344  1.546   1.00 9.49  ? 37  ALA A O   1 
ATOM   295  C  CB  . ALA A 1 37  ? 12.257  -7.928  4.004   1.00 14.32 ? 37  ALA A CB  1 
ATOM   296  N  N   . PRO A 1 38  ? 15.547  -7.311  2.643   1.00 17.66 ? 38  PRO A N   1 
ATOM   297  C  CA  . PRO A 1 38  ? 16.437  -7.391  1.373   1.00 18.09 ? 38  PRO A CA  1 
ATOM   298  C  C   . PRO A 1 38  ? 16.245  -8.534  0.333   1.00 20.92 ? 38  PRO A C   1 
ATOM   299  O  O   . PRO A 1 38  ? 16.393  -8.412  -0.951  1.00 23.61 ? 38  PRO A O   1 
ATOM   300  C  CB  . PRO A 1 38  ? 17.891  -7.496  1.838   1.00 10.24 ? 38  PRO A CB  1 
ATOM   301  C  CG  . PRO A 1 38  ? 17.820  -7.336  3.437   1.00 4.79  ? 38  PRO A CG  1 
ATOM   302  C  CD  . PRO A 1 38  ? 16.328  -7.249  3.911   1.00 9.42  ? 38  PRO A CD  1 
ATOM   303  N  N   . ALA A 1 39  ? 15.851  -9.574  0.885   1.00 12.06 ? 39  ALA A N   1 
ATOM   304  C  CA  . ALA A 1 39  ? 15.611  -10.782 0.073   1.00 12.32 ? 39  ALA A CA  1 
ATOM   305  C  C   . ALA A 1 39  ? 14.498  -10.575 -0.939  1.00 8.18  ? 39  ALA A C   1 
ATOM   306  O  O   . ALA A 1 39  ? 14.440  -11.363 -1.989  1.00 15.75 ? 39  ALA A O   1 
ATOM   307  C  CB  . ALA A 1 39  ? 15.242  -11.813 1.058   1.00 15.05 ? 39  ALA A CB  1 
ATOM   308  N  N   . ALA A 1 40  ? 13.612  -9.568  -0.579  1.00 13.33 ? 40  ALA A N   1 
ATOM   309  C  CA  . ALA A 1 40  ? 12.430  -9.281  -1.388  1.00 16.32 ? 40  ALA A CA  1 
ATOM   310  C  C   . ALA A 1 40  ? 12.816  -8.948  -2.851  1.00 17.40 ? 40  ALA A C   1 
ATOM   311  O  O   . ALA A 1 40  ? 11.969  -8.967  -3.773  1.00 16.48 ? 40  ALA A O   1 
ATOM   312  C  CB  . ALA A 1 40  ? 11.503  -8.124  -0.675  1.00 10.32 ? 40  ALA A CB  1 
ATOM   313  N  N   . LYS A 1 41  ? 14.013  -8.545  -3.001  1.00 9.76  ? 41  LYS A N   1 
ATOM   314  C  CA  . LYS A 1 41  ? 14.473  -8.051  -4.308  1.00 13.50 ? 41  LYS A CA  1 
ATOM   315  C  C   . LYS A 1 41  ? 14.360  -9.016  -5.563  1.00 20.52 ? 41  LYS A C   1 
ATOM   316  O  O   . LYS A 1 41  ? 13.887  -8.634  -6.666  1.00 20.51 ? 41  LYS A O   1 
ATOM   317  C  CB  . LYS A 1 41  ? 15.947  -7.772  -4.222  1.00 23.49 ? 41  LYS A CB  1 
ATOM   318  C  CG  . LYS A 1 41  ? 16.499  -7.267  -5.574  1.00 42.18 ? 41  LYS A CG  1 
ATOM   319  C  CD  . LYS A 1 41  ? 17.962  -6.955  -5.443  1.00 52.08 ? 41  LYS A CD  1 
ATOM   320  C  CE  . LYS A 1 41  ? 18.570  -6.518  -6.803  1.00 39.25 ? 41  LYS A CE  1 
ATOM   321  N  NZ  . LYS A 1 41  ? 18.718  -7.594  -7.900  0.00 0.00  ? 41  LYS A NZ  1 
ATOM   322  N  N   . ASP A 1 42  ? 14.668  -10.241 -5.322  1.00 23.51 ? 42  ASP A N   1 
ATOM   323  C  CA  . ASP A 1 42  ? 14.618  -11.332 -6.370  1.00 25.97 ? 42  ASP A CA  1 
ATOM   324  C  C   . ASP A 1 42  ? 13.227  -11.477 -6.900  1.00 35.32 ? 42  ASP A C   1 
ATOM   325  O  O   . ASP A 1 42  ? 13.130  -12.165 -8.013  1.00 25.90 ? 42  ASP A O   1 
ATOM   326  C  CB  . ASP A 1 42  ? 15.171  -12.616 -5.789  1.00 32.11 ? 42  ASP A CB  1 
ATOM   327  C  CG  . ASP A 1 42  ? 16.636  -12.504 -5.478  1.00 53.84 ? 42  ASP A CG  1 
ATOM   328  O  OD1 . ASP A 1 42  ? 16.936  -12.329 -4.229  1.00 55.06 ? 42  ASP A OD1 1 
ATOM   329  O  OD2 . ASP A 1 42  ? 17.385  -12.109 -6.402  1.00 49.45 ? 42  ASP A OD2 1 
ATOM   330  N  N   . LEU A 1 43  ? 12.191  -10.862 -6.147  1.00 17.43 ? 43  LEU A N   1 
ATOM   331  C  CA  . LEU A 1 43  ? 10.810  -10.979 -6.576  1.00 14.86 ? 43  LEU A CA  1 
ATOM   332  C  C   . LEU A 1 43  ? 10.446  -10.164 -7.785  1.00 24.77 ? 43  LEU A C   1 
ATOM   333  O  O   . LEU A 1 43  ? 9.473   -10.417 -8.501  1.00 21.10 ? 43  LEU A O   1 
ATOM   334  C  CB  . LEU A 1 43  ? 9.760   -10.563 -5.373  1.00 19.64 ? 43  LEU A CB  1 
ATOM   335  C  CG  . LEU A 1 43  ? 9.924   -11.411 -4.133  1.00 10.43 ? 43  LEU A CG  1 
ATOM   336  C  CD1 . LEU A 1 43  ? 8.910   -10.888 -2.932  1.00 14.94 ? 43  LEU A CD1 1 
ATOM   337  C  CD2 . LEU A 1 43  ? 9.795   -12.856 -4.570  1.00 20.68 ? 43  LEU A CD2 1 
ATOM   338  N  N   . PHE A 1 44  ? 11.062  -9.106  -7.851  1.00 13.25 ? 44  PHE A N   1 
ATOM   339  C  CA  . PHE A 1 44  ? 10.616  -8.085  -8.764  1.00 20.72 ? 44  PHE A CA  1 
ATOM   340  C  C   . PHE A 1 44  ? 11.493  -8.135  -10.099 1.00 32.19 ? 44  PHE A C   1 
ATOM   341  O  O   . PHE A 1 44  ? 12.729  -8.055  -10.012 1.00 22.12 ? 44  PHE A O   1 
ATOM   342  C  CB  . PHE A 1 44  ? 10.597  -6.725  -7.989  1.00 13.10 ? 44  PHE A CB  1 
ATOM   343  C  CG  . PHE A 1 44  ? 9.668   -6.587  -6.661  1.00 17.35 ? 44  PHE A CG  1 
ATOM   344  C  CD1 . PHE A 1 44  ? 10.195  -6.775  -5.387  1.00 11.47 ? 44  PHE A CD1 1 
ATOM   345  C  CD2 . PHE A 1 44  ? 8.308   -6.279  -6.744  1.00 19.25 ? 44  PHE A CD2 1 
ATOM   346  C  CE1 . PHE A 1 44  ? 9.363   -6.661  -4.189  1.00 27.47 ? 44  PHE A CE1 1 
ATOM   347  C  CE2 . PHE A 1 44  ? 7.467   -6.166  -5.545  1.00 15.02 ? 44  PHE A CE2 1 
ATOM   348  C  CZ  . PHE A 1 44  ? 7.993   -6.359  -4.269  1.00 24.74 ? 44  PHE A CZ  1 
ATOM   349  N  N   . SER A 1 45  ? 10.876  -8.380  -11.255 1.00 26.15 ? 45  SER A N   1 
ATOM   350  C  CA  . SER A 1 45  ? 11.550  -8.556  -12.656 1.00 31.21 ? 45  SER A CA  1 
ATOM   351  C  C   . SER A 1 45  ? 12.351  -7.431  -12.996 1.00 24.41 ? 45  SER A C   1 
ATOM   352  O  O   . SER A 1 45  ? 13.468  -7.648  -13.658 1.00 23.99 ? 45  SER A O   1 
ATOM   353  C  CB  . SER A 1 45  ? 10.507  -8.731  -13.769 1.00 45.40 ? 45  SER A CB  1 
ATOM   354  O  OG  . SER A 1 45  ? 9.521   -7.611  -13.699 1.00 42.85 ? 45  SER A OG  1 
ATOM   355  N  N   . PHE A 1 46  ? 11.818  -6.268  -12.516 1.00 24.99 ? 46  PHE A N   1 
ATOM   356  C  CA  . PHE A 1 46  ? 12.469  -5.092  -12.776 1.00 22.05 ? 46  PHE A CA  1 
ATOM   357  C  C   . PHE A 1 46  ? 13.523  -4.771  -11.740 1.00 39.94 ? 46  PHE A C   1 
ATOM   358  O  O   . PHE A 1 46  ? 14.226  -3.851  -11.928 1.00 23.16 ? 46  PHE A O   1 
ATOM   359  C  CB  . PHE A 1 46  ? 11.415  -3.915  -12.886 1.00 16.33 ? 46  PHE A CB  1 
ATOM   360  C  CG  . PHE A 1 46  ? 10.345  -3.758  -11.672 1.00 23.20 ? 46  PHE A CG  1 
ATOM   361  C  CD1 . PHE A 1 46  ? 9.094   -4.162  -11.879 1.00 19.59 ? 46  PHE A CD1 1 
ATOM   362  C  CD2 . PHE A 1 46  ? 10.622  -3.188  -10.395 1.00 23.08 ? 46  PHE A CD2 1 
ATOM   363  C  CE1 . PHE A 1 46  ? 8.113   -4.008  -10.802 1.00 24.34 ? 46  PHE A CE1 1 
ATOM   364  C  CE2 . PHE A 1 46  ? 9.646   -3.028  -9.311  1.00 26.49 ? 46  PHE A CE2 1 
ATOM   365  C  CZ  . PHE A 1 46  ? 8.387   -3.435  -9.516  1.00 20.15 ? 46  PHE A CZ  1 
ATOM   366  N  N   . LEU A 1 47  ? 13.678  -5.533  -10.710 1.00 39.04 ? 47  LEU A N   1 
ATOM   367  C  CA  . LEU A 1 47  ? 14.728  -5.358  -9.710  1.00 18.33 ? 47  LEU A CA  1 
ATOM   368  C  C   . LEU A 1 47  ? 15.830  -6.491  -9.922  1.00 32.80 ? 47  LEU A C   1 
ATOM   369  O  O   . LEU A 1 47  ? 17.015  -6.324  -9.642  1.00 20.12 ? 47  LEU A O   1 
ATOM   370  C  CB  . LEU A 1 47  ? 14.184  -5.307  -8.184  1.00 25.60 ? 47  LEU A CB  1 
ATOM   371  C  CG  . LEU A 1 47  ? 13.076  -4.187  -7.763  1.00 47.84 ? 47  LEU A CG  1 
ATOM   372  C  CD1 . LEU A 1 47  ? 12.578  -4.234  -6.234  1.00 31.34 ? 47  LEU A CD1 1 
ATOM   373  C  CD2 . LEU A 1 47  ? 13.527  -2.842  -8.028  1.00 31.88 ? 47  LEU A CD2 1 
ATOM   374  N  N   . LYS A 1 48  ? 15.420  -7.610  -10.387 1.00 59.13 ? 48  LYS A N   1 
ATOM   375  C  CA  . LYS A 1 48  ? 16.366  -8.779  -10.720 1.00 60.26 ? 48  LYS A CA  1 
ATOM   376  C  C   . LYS A 1 48  ? 17.426  -8.491  -11.795 1.00 48.59 ? 48  LYS A C   1 
ATOM   377  O  O   . LYS A 1 48  ? 17.079  -8.067  -12.928 1.00 52.45 ? 48  LYS A O   1 
ATOM   378  C  CB  . LYS A 1 48  ? 15.678  -9.931  -11.371 1.00 49.61 ? 48  LYS A CB  1 
ATOM   379  C  CG  . LYS A 1 48  ? 14.778  -10.563 -10.343 0.00 0.00  ? 48  LYS A CG  1 
ATOM   380  C  CD  . LYS A 1 48  ? 14.269  -11.790 -11.056 0.00 0.00  ? 48  LYS A CD  1 
ATOM   381  C  CE  . LYS A 1 48  ? 13.560  -11.501 -12.401 0.00 0.00  ? 48  LYS A CE  1 
ATOM   382  N  NZ  . LYS A 1 48  ? 13.109  -12.700 -13.050 0.00 0.00  ? 48  LYS A NZ  1 
ATOM   383  N  N   . GLY A 1 49  ? 18.666  -8.689  -11.444 1.00 48.11 ? 49  GLY A N   1 
ATOM   384  C  CA  . GLY A 1 49  ? 19.755  -8.505  -12.441 1.00 58.75 ? 49  GLY A CA  1 
ATOM   385  C  C   . GLY A 1 49  ? 20.244  -7.165  -12.226 1.00 46.69 ? 49  GLY A C   1 
ATOM   386  O  O   . GLY A 1 49  ? 21.442  -7.029  -12.574 1.00 54.53 ? 49  GLY A O   1 
ATOM   387  N  N   . THR A 1 50  ? 19.420  -6.253  -11.517 1.00 44.61 ? 50  THR A N   1 
ATOM   388  C  CA  . THR A 1 50  ? 19.916  -5.000  -11.084 1.00 59.60 ? 50  THR A CA  1 
ATOM   389  C  C   . THR A 1 50  ? 20.808  -5.139  -9.848  1.00 59.26 ? 50  THR A C   1 
ATOM   390  O  O   . THR A 1 50  ? 20.827  -6.148  -9.195  1.00 55.93 ? 50  THR A O   1 
ATOM   391  C  CB  . THR A 1 50  ? 18.770  -3.906  -10.674 1.00 43.45 ? 50  THR A CB  1 
ATOM   392  O  OG1 . THR A 1 50  ? 18.233  -4.031  -9.293  1.00 38.21 ? 50  THR A OG1 1 
ATOM   393  C  CG2 . THR A 1 50  ? 17.638  -3.847  -11.706 1.00 40.21 ? 50  THR A CG2 1 
ATOM   394  N  N   . SER A 1 51  ? 21.348  -4.096  -9.397  1.00 45.37 ? 51  SER A N   1 
ATOM   395  C  CA  . SER A 1 51  ? 21.998  -4.023  -8.062  1.00 52.19 ? 51  SER A CA  1 
ATOM   396  C  C   . SER A 1 51  ? 21.187  -3.029  -7.035  1.00 67.66 ? 51  SER A C   1 
ATOM   397  O  O   . SER A 1 51  ? 20.685  -3.354  -5.910  1.00 55.84 ? 51  SER A O   1 
ATOM   398  C  CB  . SER A 1 51  ? 23.401  -3.563  -8.241  1.00 54.64 ? 51  SER A CB  1 
ATOM   399  O  OG  . SER A 1 51  ? 23.924  -3.347  -6.891  0.00 0.00  ? 51  SER A OG  1 
ATOM   400  N  N   . GLU A 1 52  ? 20.951  -1.893  -7.538  1.00 45.45 ? 52  GLU A N   1 
ATOM   401  C  CA  . GLU A 1 52  ? 20.060  -0.826  -6.833  1.00 49.26 ? 52  GLU A CA  1 
ATOM   402  C  C   . GLU A 1 52  ? 18.683  -0.748  -7.451  1.00 56.66 ? 52  GLU A C   1 
ATOM   403  O  O   . GLU A 1 52  ? 18.585  -1.077  -8.723  1.00 41.75 ? 52  GLU A O   1 
ATOM   404  C  CB  . GLU A 1 52  ? 20.667  0.467   -6.987  1.00 32.95 ? 52  GLU A CB  1 
ATOM   405  C  CG  . GLU A 1 52  ? 22.063  0.461   -6.375  0.00 0.00  ? 52  GLU A CG  1 
ATOM   406  C  CD  . GLU A 1 52  ? 22.574  1.785   -6.525  0.00 0.00  ? 52  GLU A CD  1 
ATOM   407  O  OE1 . GLU A 1 52  ? 21.747  2.757   -6.676  0.00 0.00  ? 52  GLU A OE1 1 
ATOM   408  O  OE2 . GLU A 1 52  ? 23.733  1.972   -6.155  0.00 0.00  ? 52  GLU A OE2 1 
ATOM   409  N  N   . VAL A 1 53  ? 17.682  -0.250  -6.587  1.00 26.69 ? 53  VAL A N   1 
ATOM   410  C  CA  . VAL A 1 53  ? 16.327  0.067   -7.050  1.00 35.26 ? 53  VAL A CA  1 
ATOM   411  C  C   . VAL A 1 53  ? 16.325  1.144   -8.052  1.00 34.81 ? 53  VAL A C   1 
ATOM   412  O  O   . VAL A 1 53  ? 16.831  2.182   -7.714  1.00 16.75 ? 53  VAL A O   1 
ATOM   413  C  CB  . VAL A 1 53  ? 15.357  0.474   -5.768  1.00 31.82 ? 53  VAL A CB  1 
ATOM   414  C  CG1 . VAL A 1 53  ? 13.899  0.857   -6.147  1.00 16.73 ? 53  VAL A CG1 1 
ATOM   415  C  CG2 . VAL A 1 53  ? 15.413  -0.582  -4.722  1.00 25.51 ? 53  VAL A CG2 1 
ATOM   416  N  N   . PRO A 1 54  ? 15.977  0.809   -9.325  1.00 22.26 ? 54  PRO A N   1 
ATOM   417  C  CA  . PRO A 1 54  ? 15.853  1.712   -10.441 1.00 10.40 ? 54  PRO A CA  1 
ATOM   418  C  C   . PRO A 1 54  ? 14.909  2.933   -9.985  1.00 26.75 ? 54  PRO A C   1 
ATOM   419  O  O   . PRO A 1 54  ? 13.943  2.885   -9.119  1.00 23.58 ? 54  PRO A O   1 
ATOM   420  C  CB  . PRO A 1 54  ? 15.229  1.004   -11.665 1.00 5.37  ? 54  PRO A CB  1 
ATOM   421  C  CG  . PRO A 1 54  ? 14.843  -0.290  -11.175 1.00 13.79 ? 54  PRO A CG  1 
ATOM   422  C  CD  . PRO A 1 54  ? 15.420  -0.421  -9.736  1.00 17.56 ? 54  PRO A CD  1 
ATOM   423  N  N   . GLN A 1 55  ? 15.234  4.023   -10.446 1.00 16.62 ? 55  GLN A N   1 
ATOM   424  C  CA  . GLN A 1 55  ? 14.474  5.263   -9.952  1.00 19.71 ? 55  GLN A CA  1 
ATOM   425  C  C   . GLN A 1 55  ? 13.465  5.807   -10.958 1.00 13.73 ? 55  GLN A C   1 
ATOM   426  O  O   . GLN A 1 55  ? 12.468  6.585   -10.512 1.00 29.87 ? 55  GLN A O   1 
ATOM   427  C  CB  . GLN A 1 55  ? 15.480  6.242   -9.598  1.00 22.23 ? 55  GLN A CB  1 
ATOM   428  C  CG  . GLN A 1 55  ? 16.625  5.561   -8.820  1.00 34.72 ? 55  GLN A CG  1 
ATOM   429  C  CD  . GLN A 1 55  ? 17.558  6.550   -8.321  1.00 48.31 ? 55  GLN A CD  1 
ATOM   430  O  OE1 . GLN A 1 55  ? 17.068  7.704   -7.995  1.00 56.61 ? 55  GLN A OE1 1 
ATOM   431  N  NE2 . GLN A 1 55  ? 18.676  6.017   -7.834  1.00 54.12 ? 55  GLN A NE2 1 
ATOM   432  N  N   . ASN A 1 56  ? 13.718  5.435   -12.282 1.00 16.09 ? 56  ASN A N   1 
ATOM   433  C  CA  . ASN A 1 56  ? 12.821  5.865   -13.364 1.00 9.31  ? 56  ASN A CA  1 
ATOM   434  C  C   . ASN A 1 56  ? 12.375  4.708   -14.231 1.00 10.84 ? 56  ASN A C   1 
ATOM   435  O  O   . ASN A 1 56  ? 12.342  4.703   -15.534 1.00 13.63 ? 56  ASN A O   1 
ATOM   436  C  CB  . ASN A 1 56  ? 13.500  6.759   -14.334 1.00 9.57  ? 56  ASN A CB  1 
ATOM   437  C  CG  . ASN A 1 56  ? 13.777  8.009   -13.504 1.00 42.57 ? 56  ASN A CG  1 
ATOM   438  O  OD1 . ASN A 1 56  ? 14.884  8.041   -12.935 1.00 27.08 ? 56  ASN A OD1 1 
ATOM   439  N  ND2 . ASN A 1 56  ? 12.670  8.714   -12.999 1.00 21.63 ? 56  ASN A ND2 1 
ATOM   440  N  N   . ASN A 1 57  ? 12.039  3.751   -13.518 1.00 9.30  ? 57  ASN A N   1 
ATOM   441  C  CA  . ASN A 1 57  ? 11.562  2.583   -14.195 1.00 7.36  ? 57  ASN A CA  1 
ATOM   442  C  C   . ASN A 1 57  ? 10.038  2.691   -14.174 1.00 12.10 ? 57  ASN A C   1 
ATOM   443  O  O   . ASN A 1 57  ? 9.391   2.736   -13.026 1.00 15.49 ? 57  ASN A O   1 
ATOM   444  C  CB  . ASN A 1 57  ? 12.063  1.352   -13.483 1.00 14.36 ? 57  ASN A CB  1 
ATOM   445  C  CG  . ASN A 1 57  ? 11.754  0.154   -14.387 1.00 11.85 ? 57  ASN A CG  1 
ATOM   446  O  OD1 . ASN A 1 57  ? 10.592  -0.205  -14.352 1.00 21.26 ? 57  ASN A OD1 1 
ATOM   447  N  ND2 . ASN A 1 57  ? 12.823  -0.601  -14.916 1.00 13.23 ? 57  ASN A ND2 1 
ATOM   448  N  N   . PRO A 1 58  ? 9.508   2.725   -15.398 1.00 30.11 ? 58  PRO A N   1 
ATOM   449  C  CA  . PRO A 1 58  ? 8.054   2.898   -15.588 1.00 23.51 ? 58  PRO A CA  1 
ATOM   450  C  C   . PRO A 1 58  ? 7.278   1.828   -15.040 1.00 13.13 ? 58  PRO A C   1 
ATOM   451  O  O   . PRO A 1 58  ? 6.064   2.110   -14.655 1.00 15.83 ? 58  PRO A O   1 
ATOM   452  C  CB  . PRO A 1 58  ? 7.838   2.988   -17.153 1.00 14.50 ? 58  PRO A CB  1 
ATOM   453  C  CG  . PRO A 1 58  ? 9.240   2.845   -17.888 1.00 22.65 ? 58  PRO A CG  1 
ATOM   454  C  CD  . PRO A 1 58  ? 10.267  2.704   -16.751 1.00 35.37 ? 58  PRO A CD  1 
ATOM   455  N  N   . GLU A 1 59  ? 7.913   0.639   -15.046 1.00 13.21 ? 59  GLU A N   1 
ATOM   456  C  CA  . GLU A 1 59  ? 7.200   -0.430  -14.552 1.00 17.14 ? 59  GLU A CA  1 
ATOM   457  C  C   . GLU A 1 59  ? 7.011   -0.279  -12.979 1.00 16.07 ? 59  GLU A C   1 
ATOM   458  O  O   . GLU A 1 59  ? 5.869   -0.325  -12.405 1.00 16.40 ? 59  GLU A O   1 
ATOM   459  C  CB  . GLU A 1 59  ? 7.962   -1.785  -14.910 1.00 14.29 ? 59  GLU A CB  1 
ATOM   460  C  CG  . GLU A 1 59  ? 7.749   -2.361  -16.389 1.00 61.57 ? 59  GLU A CG  1 
ATOM   461  C  CD  . GLU A 1 59  ? 8.121   -3.832  -16.418 1.00 69.29 ? 59  GLU A CD  1 
ATOM   462  O  OE1 . GLU A 1 59  ? 7.339   -4.505  -15.800 1.00 58.49 ? 59  GLU A OE1 1 
ATOM   463  O  OE2 . GLU A 1 59  ? 9.329   -4.287  -16.650 1.00 54.18 ? 59  GLU A OE2 1 
ATOM   464  N  N   . LEU A 1 60  ? 8.111   -0.033  -12.369 1.00 10.45 ? 60  LEU A N   1 
ATOM   465  C  CA  . LEU A 1 60  ? 8.163   0.234   -10.872 1.00 12.78 ? 60  LEU A CA  1 
ATOM   466  C  C   . LEU A 1 60  ? 7.093   1.344   -10.370 1.00 22.29 ? 60  LEU A C   1 
ATOM   467  O  O   . LEU A 1 60  ? 6.310   1.211   -9.350  1.00 16.34 ? 60  LEU A O   1 
ATOM   468  C  CB  . LEU A 1 60  ? 9.597   0.569   -10.537 1.00 17.21 ? 60  LEU A CB  1 
ATOM   469  C  CG  . LEU A 1 60  ? 9.872   0.783   -8.973  1.00 20.18 ? 60  LEU A CG  1 
ATOM   470  C  CD1 . LEU A 1 60  ? 11.367  0.430   -8.729  1.00 13.44 ? 60  LEU A CD1 1 
ATOM   471  C  CD2 . LEU A 1 60  ? 9.425   2.185   -8.342  1.00 14.60 ? 60  LEU A CD2 1 
ATOM   472  N  N   . GLN A 1 61  ? 7.055   2.377   -11.102 1.00 19.21 ? 61  GLN A N   1 
ATOM   473  C  CA  . GLN A 1 61  ? 6.135   3.552   -10.706 1.00 5.73  ? 61  GLN A CA  1 
ATOM   474  C  C   . GLN A 1 61  ? 4.670   3.314   -10.825 1.00 13.79 ? 61  GLN A C   1 
ATOM   475  O  O   . GLN A 1 61  ? 3.823   3.714   -9.843  1.00 8.10  ? 61  GLN A O   1 
ATOM   476  C  CB  . GLN A 1 61  ? 6.459   4.685   -11.574 1.00 8.70  ? 61  GLN A CB  1 
ATOM   477  C  CG  . GLN A 1 61  ? 7.821   5.161   -11.210 1.00 6.68  ? 61  GLN A CG  1 
ATOM   478  C  CD  . GLN A 1 61  ? 8.131   6.252   -12.118 1.00 15.77 ? 61  GLN A CD  1 
ATOM   479  O  OE1 . GLN A 1 61  ? 9.271   6.662   -12.083 1.00 19.02 ? 61  GLN A OE1 1 
ATOM   480  N  NE2 . GLN A 1 61  ? 7.373   6.355   -13.188 1.00 8.87  ? 61  GLN A NE2 1 
ATOM   481  N  N   . ALA A 1 62  ? 4.414   2.673   -11.996 1.00 15.26 ? 62  ALA A N   1 
ATOM   482  C  CA  . ALA A 1 62  ? 3.050   2.392   -12.305 1.00 15.27 ? 62  ALA A CA  1 
ATOM   483  C  C   . ALA A 1 62  ? 2.517   1.447   -11.330 1.00 25.27 ? 62  ALA A C   1 
ATOM   484  O  O   . ALA A 1 62  ? 1.329   1.619   -10.837 1.00 14.85 ? 62  ALA A O   1 
ATOM   485  C  CB  . ALA A 1 62  ? 3.018   1.804   -13.812 1.00 10.85 ? 62  ALA A CB  1 
ATOM   486  N  N   . HIS A 1 63  ? 3.384   0.495   -11.033 1.00 7.05  ? 63  HIS A N   1 
ATOM   487  C  CA  . HIS A 1 63  ? 2.987   -0.497  -10.136 1.00 9.76  ? 63  HIS A CA  1 
ATOM   488  C  C   . HIS A 1 63  ? 2.814   -0.022  -8.592  1.00 19.81 ? 63  HIS A C   1 
ATOM   489  O  O   . HIS A 1 63  ? 1.746   -0.176  -7.917  1.00 12.78 ? 63  HIS A O   1 
ATOM   490  C  CB  . HIS A 1 63  ? 4.017   -1.700  -10.370 1.00 12.28 ? 63  HIS A CB  1 
ATOM   491  C  CG  . HIS A 1 63  ? 3.815   -2.519  -11.732 1.00 44.52 ? 63  HIS A CG  1 
ATOM   492  N  ND1 . HIS A 1 63  ? 4.691   -3.642  -12.178 1.00 47.58 ? 63  HIS A ND1 1 
ATOM   493  C  CD2 . HIS A 1 63  ? 2.859   -2.350  -12.662 1.00 48.14 ? 63  HIS A CD2 1 
ATOM   494  C  CE1 . HIS A 1 63  ? 4.234   -4.173  -13.440 1.00 43.54 ? 63  HIS A CE1 1 
ATOM   495  N  NE2 . HIS A 1 63  ? 3.084   -3.356  -13.738 1.00 48.62 ? 63  HIS A NE2 1 
ATOM   496  N  N   . ALA A 1 64  ? 3.801   0.584   -8.061  1.00 15.13 ? 64  ALA A N   1 
ATOM   497  C  CA  . ALA A 1 64  ? 3.714   1.120   -6.600  1.00 10.67 ? 64  ALA A CA  1 
ATOM   498  C  C   . ALA A 1 64  ? 2.551   2.191   -6.324  1.00 10.18 ? 64  ALA A C   1 
ATOM   499  O  O   . ALA A 1 64  ? 1.845   2.272   -5.208  1.00 19.94 ? 64  ALA A O   1 
ATOM   500  C  CB  . ALA A 1 64  ? 5.022   1.669   -6.179  1.00 13.49 ? 64  ALA A CB  1 
ATOM   501  N  N   . GLY A 1 65  ? 2.294   2.904   -7.378  1.00 17.11 ? 65  GLY A N   1 
ATOM   502  C  CA  . GLY A 1 65  ? 1.162   3.926   -7.324  1.00 14.83 ? 65  GLY A CA  1 
ATOM   503  C  C   . GLY A 1 65  ? -0.193  3.387   -7.131  1.00 30.49 ? 65  GLY A C   1 
ATOM   504  O  O   . GLY A 1 65  ? -1.070  3.988   -6.283  1.00 18.42 ? 65  GLY A O   1 
ATOM   505  N  N   . LYS A 1 66  ? -0.318  2.262   -7.853  1.00 24.65 ? 66  LYS A N   1 
ATOM   506  C  CA  . LYS A 1 66  ? -1.547  1.584   -7.763  1.00 11.16 ? 66  LYS A CA  1 
ATOM   507  C  C   . LYS A 1 66  ? -1.796  1.078   -6.343  1.00 14.16 ? 66  LYS A C   1 
ATOM   508  O  O   . LYS A 1 66  ? -2.983  0.976   -5.923  1.00 20.87 ? 66  LYS A O   1 
ATOM   509  C  CB  . LYS A 1 66  ? -1.519  0.404   -8.840  1.00 13.14 ? 66  LYS A CB  1 
ATOM   510  C  CG  . LYS A 1 66  ? -1.584  0.789   -10.348 1.00 59.43 ? 66  LYS A CG  1 
ATOM   511  C  CD  . LYS A 1 66  ? -1.455  -0.424  -11.394 1.00 63.14 ? 66  LYS A CD  1 
ATOM   512  C  CE  . LYS A 1 66  ? -2.583  -1.300  -11.133 1.00 65.03 ? 66  LYS A CE  1 
ATOM   513  N  NZ  . LYS A 1 66  ? -2.474  -2.417  -12.181 0.00 0.00  ? 66  LYS A NZ  1 
ATOM   514  N  N   . VAL A 1 67  ? -0.715  0.662   -5.703  1.00 16.13 ? 67  VAL A N   1 
ATOM   515  C  CA  . VAL A 1 67  ? -0.836  0.164   -4.316  1.00 22.00 ? 67  VAL A CA  1 
ATOM   516  C  C   . VAL A 1 67  ? -1.561  1.216   -3.289  1.00 6.94  ? 67  VAL A C   1 
ATOM   517  O  O   . VAL A 1 67  ? -2.581  0.982   -2.582  1.00 22.92 ? 67  VAL A O   1 
ATOM   518  C  CB  . VAL A 1 67  ? 0.552   -0.227  -3.746  1.00 14.92 ? 67  VAL A CB  1 
ATOM   519  C  CG1 . VAL A 1 67  ? 0.444   -0.625  -2.239  1.00 12.56 ? 67  VAL A CG1 1 
ATOM   520  C  CG2 . VAL A 1 67  ? 1.354   -1.312  -4.690  1.00 18.05 ? 67  VAL A CG2 1 
ATOM   521  N  N   . PHE A 1 68  ? -1.043  2.339   -3.274  1.00 17.38 ? 68  PHE A N   1 
ATOM   522  C  CA  . PHE A 1 68  ? -1.550  3.468   -2.322  1.00 4.44  ? 68  PHE A CA  1 
ATOM   523  C  C   . PHE A 1 68  ? -2.983  3.969   -2.597  1.00 13.57 ? 68  PHE A C   1 
ATOM   524  O  O   . PHE A 1 68  ? -3.795  4.341   -1.581  1.00 23.13 ? 68  PHE A O   1 
ATOM   525  C  CB  . PHE A 1 68  ? -0.653  4.579   -2.431  1.00 3.00  ? 68  PHE A CB  1 
ATOM   526  C  CG  . PHE A 1 68  ? 0.603   4.344   -1.580  1.00 19.23 ? 68  PHE A CG  1 
ATOM   527  C  CD1 . PHE A 1 68  ? 0.638   4.980   -0.278  1.00 17.96 ? 68  PHE A CD1 1 
ATOM   528  C  CD2 . PHE A 1 68  ? 1.695   3.515   -2.119  1.00 9.37  ? 68  PHE A CD2 1 
ATOM   529  C  CE1 . PHE A 1 68  ? 1.773   4.798   0.492   1.00 10.67 ? 68  PHE A CE1 1 
ATOM   530  C  CE2 . PHE A 1 68  ? 2.834   3.329   -1.360  1.00 11.41 ? 68  PHE A CE2 1 
ATOM   531  C  CZ  . PHE A 1 68  ? 2.875   3.973   -0.054  1.00 26.37 ? 68  PHE A CZ  1 
ATOM   532  N  N   . LYS A 1 69  ? -3.270  3.879   -3.923  1.00 11.06 ? 69  LYS A N   1 
ATOM   533  C  CA  . LYS A 1 69  ? -4.609  4.312   -4.359  1.00 8.74  ? 69  LYS A CA  1 
ATOM   534  C  C   . LYS A 1 69  ? -5.651  3.435   -3.902  1.00 4.61  ? 69  LYS A C   1 
ATOM   535  O  O   . LYS A 1 69  ? -6.812  3.922   -3.504  1.00 13.62 ? 69  LYS A O   1 
ATOM   536  C  CB  . LYS A 1 69  ? -4.652  4.380   -5.943  1.00 19.11 ? 69  LYS A CB  1 
ATOM   537  C  CG  . LYS A 1 69  ? -5.952  5.185   -6.310  1.00 17.45 ? 69  LYS A CG  1 
ATOM   538  C  CD  . LYS A 1 69  ? -6.425  4.728   -7.743  1.00 48.12 ? 69  LYS A CD  1 
ATOM   539  C  CE  . LYS A 1 69  ? -6.697  3.287   -7.780  1.00 62.83 ? 69  LYS A CE  1 
ATOM   540  N  NZ  . LYS A 1 69  ? -7.438  2.945   -9.011  0.00 0.00  ? 69  LYS A NZ  1 
ATOM   541  N  N   . LEU A 1 70  ? -5.224  2.195   -3.909  1.00 3.85  ? 70  LEU A N   1 
ATOM   542  C  CA  . LEU A 1 70  ? -6.112  1.248   -3.461  1.00 5.70  ? 70  LEU A CA  1 
ATOM   543  C  C   . LEU A 1 70  ? -6.406  1.379   -1.895  1.00 15.95 ? 70  LEU A C   1 
ATOM   544  O  O   . LEU A 1 70  ? -7.571  1.256   -1.429  1.00 12.74 ? 70  LEU A O   1 
ATOM   545  C  CB  . LEU A 1 70  ? -5.511  -0.160  -3.887  1.00 10.15 ? 70  LEU A CB  1 
ATOM   546  C  CG  . LEU A 1 70  ? -5.614  -0.510  -5.453  1.00 6.84  ? 70  LEU A CG  1 
ATOM   547  C  CD1 . LEU A 1 70  ? -4.904  -1.880  -5.893  1.00 24.77 ? 70  LEU A CD1 1 
ATOM   548  C  CD2 . LEU A 1 70  ? -7.085  -0.377  -5.865  1.00 23.91 ? 70  LEU A CD2 1 
ATOM   549  N  N   . VAL A 1 71  ? -5.406  1.655   -1.117  1.00 9.87  ? 71  VAL A N   1 
ATOM   550  C  CA  . VAL A 1 71  ? -5.641  1.864   0.402   1.00 11.06 ? 71  VAL A CA  1 
ATOM   551  C  C   . VAL A 1 71  ? -6.553  3.115   0.836   1.00 15.97 ? 71  VAL A C   1 
ATOM   552  O  O   . VAL A 1 71  ? -7.477  3.117   1.765   1.00 15.95 ? 71  VAL A O   1 
ATOM   553  C  CB  . VAL A 1 71  ? -4.309  1.838   1.143   1.00 7.93  ? 71  VAL A CB  1 
ATOM   554  C  CG1 . VAL A 1 71  ? -4.552  2.152   2.732   1.00 13.30 ? 71  VAL A CG1 1 
ATOM   555  C  CG2 . VAL A 1 71  ? -3.444  0.518   0.824   1.00 4.62  ? 71  VAL A CG2 1 
ATOM   556  N  N   . TYR A 1 72  ? -6.384  4.097   0.066   1.00 20.78 ? 72  TYR A N   1 
ATOM   557  C  CA  . TYR A 1 72  ? -7.256  5.335   0.233   1.00 20.81 ? 72  TYR A CA  1 
ATOM   558  C  C   . TYR A 1 72  ? -8.703  5.142   -0.099  1.00 25.56 ? 72  TYR A C   1 
ATOM   559  O  O   . TYR A 1 72  ? -9.659  5.643   0.721   1.00 22.87 ? 72  TYR A O   1 
ATOM   560  C  CB  . TYR A 1 72  ? -6.664  6.346   -0.660  1.00 13.09 ? 72  TYR A CB  1 
ATOM   561  C  CG  . TYR A 1 72  ? -7.716  7.404   -1.115  1.00 8.73  ? 72  TYR A CG  1 
ATOM   562  C  CD1 . TYR A 1 72  ? -7.995  7.407   -2.502  1.00 21.01 ? 72  TYR A CD1 1 
ATOM   563  C  CD2 . TYR A 1 72  ? -8.395  8.321   -0.156  1.00 15.89 ? 72  TYR A CD2 1 
ATOM   564  C  CE1 . TYR A 1 72  ? -8.953  8.326   -2.942  1.00 21.64 ? 72  TYR A CE1 1 
ATOM   565  C  CE2 . TYR A 1 72  ? -9.361  9.242   -0.586  1.00 23.61 ? 72  TYR A CE2 1 
ATOM   566  C  CZ  . TYR A 1 72  ? -9.636  9.241   -1.980  1.00 21.85 ? 72  TYR A CZ  1 
ATOM   567  O  OH  . TYR A 1 72  ? -10.622 10.196  -2.439  1.00 30.32 ? 72  TYR A OH  1 
ATOM   568  N  N   . GLU A 1 73  ? -8.861  4.377   -1.222  1.00 19.72 ? 73  GLU A N   1 
ATOM   569  C  CA  . GLU A 1 73  ? -10.214 4.140   -1.624  1.00 20.67 ? 73  GLU A CA  1 
ATOM   570  C  C   . GLU A 1 73  ? -10.912 3.308   -0.636  1.00 19.63 ? 73  GLU A C   1 
ATOM   571  O  O   . GLU A 1 73  ? -12.148 3.573   -0.334  1.00 19.05 ? 73  GLU A O   1 
ATOM   572  C  CB  . GLU A 1 73  ? -10.191 3.508   -3.117  1.00 19.12 ? 73  GLU A CB  1 
ATOM   573  C  CG  . GLU A 1 73  ? -9.801  4.459   -4.178  1.00 29.33 ? 73  GLU A CG  1 
ATOM   574  C  CD  . GLU A 1 73  ? -9.780  3.782   -5.639  1.00 48.76 ? 73  GLU A CD  1 
ATOM   575  O  OE1 . GLU A 1 73  ? -9.780  4.460   -6.671  1.00 35.98 ? 73  GLU A OE1 1 
ATOM   576  O  OE2 . GLU A 1 73  ? -10.037 2.614   -5.805  1.00 36.90 ? 73  GLU A OE2 1 
ATOM   577  N  N   . ALA A 1 74  ? -10.113 2.407   -0.092  1.00 11.87 ? 74  ALA A N   1 
ATOM   578  C  CA  . ALA A 1 74  ? -10.597 1.580   0.960   1.00 12.13 ? 74  ALA A CA  1 
ATOM   579  C  C   . ALA A 1 74  ? -11.139 2.401   2.274   1.00 12.47 ? 74  ALA A C   1 
ATOM   580  O  O   . ALA A 1 74  ? -12.179 2.127   2.914   1.00 13.31 ? 74  ALA A O   1 
ATOM   581  C  CB  . ALA A 1 74  ? -9.447  0.603   1.376   1.00 19.16 ? 74  ALA A CB  1 
ATOM   582  N  N   . ALA A 1 75  ? -10.451 3.390   2.615   1.00 17.23 ? 75  ALA A N   1 
ATOM   583  C  CA  . ALA A 1 75  ? -10.812 4.295   3.854   1.00 10.58 ? 75  ALA A CA  1 
ATOM   584  C  C   . ALA A 1 75  ? -12.134 5.136   3.720   1.00 10.16 ? 75  ALA A C   1 
ATOM   585  O  O   . ALA A 1 75  ? -13.008 5.288   4.711   1.00 15.79 ? 75  ALA A O   1 
ATOM   586  C  CB  . ALA A 1 75  ? -9.695  5.183   4.143   1.00 4.95  ? 75  ALA A CB  1 
ATOM   587  N  N   . ILE A 1 76  ? -12.328 5.554   2.487   1.00 15.45 ? 76  ILE A N   1 
ATOM   588  C  CA  . ILE A 1 76  ? -13.614 6.274   2.196   1.00 11.07 ? 76  ILE A CA  1 
ATOM   589  C  C   . ILE A 1 76  ? -14.748 5.393   2.183   1.00 22.74 ? 76  ILE A C   1 
ATOM   590  O  O   . ILE A 1 76  ? -15.846 5.748   2.847   1.00 20.92 ? 76  ILE A O   1 
ATOM   591  C  CB  . ILE A 1 76  ? -13.483 6.871   0.787   1.00 20.36 ? 76  ILE A CB  1 
ATOM   592  C  CG1 . ILE A 1 76  ? -12.362 7.786   0.789   1.00 19.19 ? 76  ILE A CG1 1 
ATOM   593  C  CG2 . ILE A 1 76  ? -14.819 7.582   0.382   1.00 9.25  ? 76  ILE A CG2 1 
ATOM   594  C  CD1 . ILE A 1 76  ? -12.731 9.011   1.793   1.00 17.58 ? 76  ILE A CD1 1 
ATOM   595  N  N   . GLN A 1 77  ? -14.440 4.232   1.552   1.00 9.74  ? 77  GLN A N   1 
ATOM   596  C  CA  . GLN A 1 77  ? -15.418 3.280   1.486   1.00 3.32  ? 77  GLN A CA  1 
ATOM   597  C  C   . GLN A 1 77  ? -15.829 2.854   2.911   1.00 9.91  ? 77  GLN A C   1 
ATOM   598  O  O   . GLN A 1 77  ? -17.052 2.857   3.238   1.00 19.28 ? 77  GLN A O   1 
ATOM   599  C  CB  . GLN A 1 77  ? -14.898 2.100   0.475   1.00 9.05  ? 77  GLN A CB  1 
ATOM   600  C  CG  . GLN A 1 77  ? -16.007 1.214   0.162   1.00 16.19 ? 77  GLN A CG  1 
ATOM   601  C  CD  . GLN A 1 77  ? -15.549 0.319   -1.129  1.00 19.62 ? 77  GLN A CD  1 
ATOM   602  O  OE1 . GLN A 1 77  ? -16.098 0.487   -2.259  1.00 20.41 ? 77  GLN A OE1 1 
ATOM   603  N  NE2 . GLN A 1 77  ? -14.598 -0.612  -0.948  1.00 8.16  ? 77  GLN A NE2 1 
ATOM   604  N  N   . LEU A 1 78  ? -14.885 2.720   3.812   1.00 11.13 ? 78  LEU A N   1 
ATOM   605  C  CA  . LEU A 1 78  ? -15.209 2.477   5.270   1.00 8.37  ? 78  LEU A CA  1 
ATOM   606  C  C   . LEU A 1 78  ? -16.105 3.616   6.014   1.00 12.60 ? 78  LEU A C   1 
ATOM   607  O  O   . LEU A 1 78  ? -17.084 3.408   6.789   1.00 17.00 ? 78  LEU A O   1 
ATOM   608  C  CB  . LEU A 1 78  ? -13.927 2.300   6.082   1.00 10.91 ? 78  LEU A CB  1 
ATOM   609  C  CG  . LEU A 1 78  ? -13.187 0.924   5.863   1.00 13.07 ? 78  LEU A CG  1 
ATOM   610  C  CD1 . LEU A 1 78  ? -11.761 0.920   6.408   1.00 22.27 ? 78  LEU A CD1 1 
ATOM   611  C  CD2 . LEU A 1 78  ? -13.984 -0.074  6.565   1.00 5.21  ? 78  LEU A CD2 1 
ATOM   612  N  N   . GLU A 1 79  ? -15.804 4.778   5.753   1.00 10.34 ? 79  GLU A N   1 
ATOM   613  C  CA  . GLU A 1 79  ? -16.576 5.933   6.450   1.00 8.63  ? 79  GLU A CA  1 
ATOM   614  C  C   . GLU A 1 79  ? -18.022 6.081   6.006   1.00 14.67 ? 79  GLU A C   1 
ATOM   615  O  O   . GLU A 1 79  ? -18.971 6.287   6.912   1.00 21.14 ? 79  GLU A O   1 
ATOM   616  C  CB  . GLU A 1 79  ? -15.854 7.155   6.227   1.00 20.66 ? 79  GLU A CB  1 
ATOM   617  C  CG  . GLU A 1 79  ? -16.442 8.381   7.147   1.00 12.56 ? 79  GLU A CG  1 
ATOM   618  C  CD  . GLU A 1 79  ? -17.400 9.240   6.328   1.00 30.03 ? 79  GLU A CD  1 
ATOM   619  O  OE1 . GLU A 1 79  ? -17.101 9.368   5.066   1.00 37.02 ? 79  GLU A OE1 1 
ATOM   620  O  OE2 . GLU A 1 79  ? -18.609 9.457   6.759   1.00 28.35 ? 79  GLU A OE2 1 
ATOM   621  N  N   . VAL A 1 80  ? -18.168 5.878   4.669   1.00 11.99 ? 80  VAL A N   1 
ATOM   622  C  CA  . VAL A 1 80  ? -19.484 5.968   4.053   1.00 17.96 ? 80  VAL A CA  1 
ATOM   623  C  C   . VAL A 1 80  ? -20.312 4.843   4.324   1.00 20.45 ? 80  VAL A C   1 
ATOM   624  O  O   . VAL A 1 80  ? -21.549 5.064   4.634   1.00 24.53 ? 80  VAL A O   1 
ATOM   625  C  CB  . VAL A 1 80  ? -19.307 6.098   2.475   1.00 8.65  ? 80  VAL A CB  1 
ATOM   626  C  CG1 . VAL A 1 80  ? -20.649 6.101   1.750   1.00 14.76 ? 80  VAL A CG1 1 
ATOM   627  C  CG2 . VAL A 1 80  ? -18.654 7.348   2.214   1.00 9.12  ? 80  VAL A CG2 1 
ATOM   628  N  N   . THR A 1 81  ? -19.720 3.675   3.973   1.00 12.12 ? 81  THR A N   1 
ATOM   629  C  CA  . THR A 1 81  ? -20.507 2.561   3.884   1.00 7.39  ? 81  THR A CA  1 
ATOM   630  C  C   . THR A 1 81  ? -20.395 1.801   5.165   1.00 3.00  ? 81  THR A C   1 
ATOM   631  O  O   . THR A 1 81  ? -21.258 1.046   5.422   1.00 16.35 ? 81  THR A O   1 
ATOM   632  C  CB  . THR A 1 81  ? -20.054 1.631   2.590   1.00 7.51  ? 81  THR A CB  1 
ATOM   633  O  OG1 . THR A 1 81  ? -18.753 0.985   2.783   1.00 19.04 ? 81  THR A OG1 1 
ATOM   634  C  CG2 . THR A 1 81  ? -20.027 2.332   1.235   1.00 7.95  ? 81  THR A CG2 1 
ATOM   635  N  N   . GLY A 1 82  ? -19.300 1.897   5.854   1.00 11.78 ? 82  GLY A N   1 
ATOM   636  C  CA  . GLY A 1 82  ? -19.019 1.116   7.042   1.00 18.63 ? 82  GLY A CA  1 
ATOM   637  C  C   . GLY A 1 82  ? -18.077 -0.127  6.667   1.00 13.00 ? 82  GLY A C   1 
ATOM   638  O  O   . GLY A 1 82  ? -17.665 -0.830  7.601   1.00 19.79 ? 82  GLY A O   1 
ATOM   639  N  N   . VAL A 1 83  ? -17.835 -0.470  5.339   1.00 19.62 ? 83  VAL A N   1 
ATOM   640  C  CA  . VAL A 1 83  ? -16.989 -1.681  4.862   1.00 23.22 ? 83  VAL A CA  1 
ATOM   641  C  C   . VAL A 1 83  ? -15.934 -1.474  3.725   1.00 23.66 ? 83  VAL A C   1 
ATOM   642  O  O   . VAL A 1 83  ? -16.154 -0.551  2.961   1.00 25.12 ? 83  VAL A O   1 
ATOM   643  C  CB  . VAL A 1 83  ? -17.878 -2.732  4.311   1.00 13.59 ? 83  VAL A CB  1 
ATOM   644  C  CG1 . VAL A 1 83  ? -18.864 -3.137  5.430   1.00 15.60 ? 83  VAL A CG1 1 
ATOM   645  C  CG2 . VAL A 1 83  ? -18.613 -2.367  2.999   1.00 13.73 ? 83  VAL A CG2 1 
ATOM   646  N  N   . VAL A 1 84  ? -14.978 -2.445  3.427   1.00 19.12 ? 84  VAL A N   1 
ATOM   647  C  CA  . VAL A 1 84  ? -14.170 -2.591  2.101   1.00 10.79 ? 84  VAL A CA  1 
ATOM   648  C  C   . VAL A 1 84  ? -14.693 -3.648  1.137   1.00 7.12  ? 84  VAL A C   1 
ATOM   649  O  O   . VAL A 1 84  ? -14.770 -4.766  1.553   1.00 18.38 ? 84  VAL A O   1 
ATOM   650  C  CB  . VAL A 1 84  ? -12.656 -2.950  2.317   1.00 12.90 ? 84  VAL A CB  1 
ATOM   651  C  CG1 . VAL A 1 84  ? -11.801 -3.192  0.935   1.00 13.24 ? 84  VAL A CG1 1 
ATOM   652  C  CG2 . VAL A 1 84  ? -12.072 -1.941  3.312   1.00 19.00 ? 84  VAL A CG2 1 
ATOM   653  N  N   . VAL A 1 85  ? -15.184 -3.264  -0.030  1.00 14.50 ? 85  VAL A N   1 
ATOM   654  C  CA  . VAL A 1 85  ? -15.814 -4.108  -1.052  1.00 21.50 ? 85  VAL A CA  1 
ATOM   655  C  C   . VAL A 1 85  ? -14.797 -4.906  -2.087  1.00 21.82 ? 85  VAL A C   1 
ATOM   656  O  O   . VAL A 1 85  ? -14.069 -4.345  -2.901  1.00 21.31 ? 85  VAL A O   1 
ATOM   657  C  CB  . VAL A 1 85  ? -16.818 -3.261  -1.862  1.00 23.61 ? 85  VAL A CB  1 
ATOM   658  C  CG1 . VAL A 1 85  ? -17.623 -4.070  -2.874  1.00 24.60 ? 85  VAL A CG1 1 
ATOM   659  C  CG2 . VAL A 1 85  ? -17.747 -2.300  -0.868  1.00 35.63 ? 85  VAL A CG2 1 
ATOM   660  N  N   . THR A 1 86  ? -14.769 -6.174  -2.048  1.00 25.42 ? 86  THR A N   1 
ATOM   661  C  CA  . THR A 1 86  ? -13.903 -7.110  -2.986  1.00 44.07 ? 86  THR A CA  1 
ATOM   662  C  C   . THR A 1 86  ? -14.411 -7.156  -4.451  1.00 25.41 ? 86  THR A C   1 
ATOM   663  O  O   . THR A 1 86  ? -15.408 -7.763  -4.714  1.00 37.58 ? 86  THR A O   1 
ATOM   664  C  CB  . THR A 1 86  ? -13.909 -8.504  -2.512  1.00 53.92 ? 86  THR A CB  1 
ATOM   665  O  OG1 . THR A 1 86  ? -13.764 -8.524  -1.039  1.00 46.12 ? 86  THR A OG1 1 
ATOM   666  C  CG2 . THR A 1 86  ? -12.824 -9.469  -3.322  1.00 47.30 ? 86  THR A CG2 1 
ATOM   667  N  N   . ASP A 1 87  ? -13.784 -6.509  -5.352  1.00 31.59 ? 87  ASP A N   1 
ATOM   668  C  CA  . ASP A 1 87  ? -14.142 -6.556  -6.812  1.00 17.20 ? 87  ASP A CA  1 
ATOM   669  C  C   . ASP A 1 87  ? -13.107 -7.406  -7.777  1.00 37.47 ? 87  ASP A C   1 
ATOM   670  O  O   . ASP A 1 87  ? -12.144 -8.052  -7.262  1.00 37.37 ? 87  ASP A O   1 
ATOM   671  C  CB  . ASP A 1 87  ? -14.401 -5.189  -7.340  1.00 15.06 ? 87  ASP A CB  1 
ATOM   672  C  CG  . ASP A 1 87  ? -13.083 -4.596  -7.553  1.00 44.96 ? 87  ASP A CG  1 
ATOM   673  O  OD1 . ASP A 1 87  ? -12.121 -4.902  -6.803  1.00 47.03 ? 87  ASP A OD1 1 
ATOM   674  O  OD2 . ASP A 1 87  ? -13.125 -3.516  -8.076  1.00 44.58 ? 87  ASP A OD2 1 
ATOM   675  N  N   . ALA A 1 88  ? -13.370 -7.456  -9.106  1.00 35.63 ? 88  ALA A N   1 
ATOM   676  C  CA  . ALA A 1 88  ? -12.542 -8.273  -10.190 1.00 45.38 ? 88  ALA A CA  1 
ATOM   677  C  C   . ALA A 1 88  ? -11.063 -8.072  -10.105 1.00 49.41 ? 88  ALA A C   1 
ATOM   678  O  O   . ALA A 1 88  ? -10.183 -9.035  -10.166 1.00 41.68 ? 88  ALA A O   1 
ATOM   679  C  CB  . ALA A 1 88  ? -12.985 -7.928  -11.636 1.00 44.39 ? 88  ALA A CB  1 
ATOM   680  N  N   . THR A 1 89  ? -10.848 -6.846  -9.873  1.00 34.80 ? 89  THR A N   1 
ATOM   681  C  CA  . THR A 1 89  ? -9.508  -6.427  -9.751  1.00 45.36 ? 89  THR A CA  1 
ATOM   682  C  C   . THR A 1 89  ? -8.782  -7.026  -8.564  1.00 40.60 ? 89  THR A C   1 
ATOM   683  O  O   . THR A 1 89  ? -7.585  -7.521  -8.741  1.00 36.47 ? 89  THR A O   1 
ATOM   684  C  CB  . THR A 1 89  ? -9.631  -4.934  -9.509  1.00 47.68 ? 89  THR A CB  1 
ATOM   685  O  OG1 . THR A 1 89  ? -10.341 -4.394  -10.630 1.00 50.05 ? 89  THR A OG1 1 
ATOM   686  C  CG2 . THR A 1 89  ? -8.258  -4.392  -9.399  1.00 41.34 ? 89  THR A CG2 1 
ATOM   687  N  N   . LEU A 1 90  ? -9.490  -7.001  -7.395  1.00 31.17 ? 90  LEU A N   1 
ATOM   688  C  CA  . LEU A 1 90  ? -8.812  -7.474  -6.197  1.00 14.24 ? 90  LEU A CA  1 
ATOM   689  C  C   . LEU A 1 90  ? -8.538  -8.953  -6.326  1.00 28.96 ? 90  LEU A C   1 
ATOM   690  O  O   . LEU A 1 90  ? -7.463  -9.487  -5.899  1.00 30.62 ? 90  LEU A O   1 
ATOM   691  C  CB  . LEU A 1 90  ? -9.581  -6.961  -4.815  1.00 11.36 ? 90  LEU A CB  1 
ATOM   692  C  CG  . LEU A 1 90  ? -9.704  -5.458  -4.616  1.00 22.18 ? 90  LEU A CG  1 
ATOM   693  C  CD1 . LEU A 1 90  ? -10.369 -4.945  -3.184  1.00 32.38 ? 90  LEU A CD1 1 
ATOM   694  C  CD2 . LEU A 1 90  ? -8.344  -4.906  -4.851  1.00 28.61 ? 90  LEU A CD2 1 
ATOM   695  N  N   . LYS A 1 91  ? -9.415  -9.561  -7.038  1.00 29.56 ? 91  LYS A N   1 
ATOM   696  C  CA  . LYS A 1 91  ? -9.230  -10.983 -7.347  1.00 46.94 ? 91  LYS A CA  1 
ATOM   697  C  C   . LYS A 1 91  ? -8.025  -11.374 -8.360  1.00 34.69 ? 91  LYS A C   1 
ATOM   698  O  O   . LYS A 1 91  ? -7.263  -12.403 -8.265  1.00 40.88 ? 91  LYS A O   1 
ATOM   699  C  CB  . LYS A 1 91  ? -10.489 -11.492 -7.971  1.00 43.69 ? 91  LYS A CB  1 
ATOM   700  C  CG  . LYS A 1 91  ? -11.756 -11.133 -7.001  1.00 23.12 ? 91  LYS A CG  1 
ATOM   701  C  CD  . LYS A 1 91  ? -12.976 -11.777 -7.536  0.00 0.00  ? 91  LYS A CD  1 
ATOM   702  C  CE  . LYS A 1 91  ? -14.236 -11.386 -6.568  0.00 0.00  ? 91  LYS A CE  1 
ATOM   703  N  NZ  . LYS A 1 91  ? -14.589 -9.970  -6.524  0.00 0.00  ? 91  LYS A NZ  1 
ATOM   704  N  N   . ASN A 1 92  ? -7.799  -10.505 -9.227  1.00 26.14 ? 92  ASN A N   1 
ATOM   705  C  CA  . ASN A 1 92  ? -6.658  -10.740 -10.227 1.00 20.26 ? 92  ASN A CA  1 
ATOM   706  C  C   . ASN A 1 92  ? -5.353  -10.467 -9.563  1.00 32.91 ? 92  ASN A C   1 
ATOM   707  O  O   . ASN A 1 92  ? -4.322  -11.259 -9.836  1.00 28.47 ? 92  ASN A O   1 
ATOM   708  C  CB  . ASN A 1 92  ? -6.876  -9.920  -11.475 1.00 40.01 ? 92  ASN A CB  1 
ATOM   709  C  CG  . ASN A 1 92  ? -5.725  -10.346 -12.547 1.00 65.25 ? 92  ASN A CG  1 
ATOM   710  O  OD1 . ASN A 1 92  ? -5.612  -11.502 -13.082 1.00 56.11 ? 92  ASN A OD1 1 
ATOM   711  N  ND2 . ASN A 1 92  ? -4.696  -9.651  -12.419 1.00 56.34 ? 92  ASN A ND2 1 
ATOM   712  N  N   . LEU A 1 93  ? -5.469  -9.476  -8.599  1.00 18.25 ? 93  LEU A N   1 
ATOM   713  C  CA  . LEU A 1 93  ? -4.334  -9.173  -7.758  1.00 16.53 ? 93  LEU A CA  1 
ATOM   714  C  C   . LEU A 1 93  ? -3.865  -10.309 -6.927  1.00 11.20 ? 93  LEU A C   1 
ATOM   715  O  O   . LEU A 1 93  ? -2.636  -10.661 -6.895  1.00 21.09 ? 93  LEU A O   1 
ATOM   716  C  CB  . LEU A 1 93  ? -4.618  -7.932  -6.756  1.00 19.45 ? 93  LEU A CB  1 
ATOM   717  C  CG  . LEU A 1 93  ? -4.411  -6.679  -7.474  1.00 29.12 ? 93  LEU A CG  1 
ATOM   718  C  CD1 . LEU A 1 93  ? -4.521  -5.477  -6.419  1.00 32.23 ? 93  LEU A CD1 1 
ATOM   719  C  CD2 . LEU A 1 93  ? -3.073  -6.816  -8.344  1.00 37.90 ? 93  LEU A CD2 1 
ATOM   720  N  N   . GLY A 1 94  ? -4.809  -10.966 -6.445  1.00 24.14 ? 94  GLY A N   1 
ATOM   721  C  CA  . GLY A 1 94  ? -4.464  -12.106 -5.668  1.00 14.33 ? 94  GLY A CA  1 
ATOM   722  C  C   . GLY A 1 94  ? -3.625  -13.192 -6.563  1.00 18.18 ? 94  GLY A C   1 
ATOM   723  O  O   . GLY A 1 94  ? -2.654  -13.843 -6.068  1.00 25.35 ? 94  GLY A O   1 
ATOM   724  N  N   . SER A 1 95  ? -3.972  -13.326 -7.859  1.00 28.33 ? 95  SER A N   1 
ATOM   725  C  CA  . SER A 1 95  ? -3.269  -14.319 -8.869  1.00 37.07 ? 95  SER A CA  1 
ATOM   726  C  C   . SER A 1 95  ? -1.829  -14.046 -9.206  1.00 38.12 ? 95  SER A C   1 
ATOM   727  O  O   . SER A 1 95  ? -0.878  -14.920 -9.104  1.00 33.33 ? 95  SER A O   1 
ATOM   728  C  CB  . SER A 1 95  ? -4.017  -14.370 -10.230 1.00 33.41 ? 95  SER A CB  1 
ATOM   729  O  OG  . SER A 1 95  ? -3.227  -15.222 -11.260 1.00 51.16 ? 95  SER A OG  1 
ATOM   730  N  N   . VAL A 1 96  ? -1.699  -12.861 -9.573  1.00 16.21 ? 96  VAL A N   1 
ATOM   731  C  CA  . VAL A 1 96  ? -0.375  -12.442 -9.908  1.00 14.20 ? 96  VAL A CA  1 
ATOM   732  C  C   . VAL A 1 96  ? 0.592   -12.531 -8.728  1.00 38.49 ? 96  VAL A C   1 
ATOM   733  O  O   . VAL A 1 96  ? 1.804   -12.949 -9.008  1.00 28.28 ? 96  VAL A O   1 
ATOM   734  C  CB  . VAL A 1 96  ? -0.441  -11.101 -10.535 1.00 16.20 ? 96  VAL A CB  1 
ATOM   735  C  CG1 . VAL A 1 96  ? -1.593  -10.110 -9.930  1.00 44.81 ? 96  VAL A CG1 1 
ATOM   736  C  CG2 . VAL A 1 96  ? 0.902   -10.492 -10.517 1.00 34.91 ? 96  VAL A CG2 1 
ATOM   737  N  N   . HIS A 1 97  ? 0.064   -12.283 -7.447  1.00 23.98 ? 97  HIS A N   1 
ATOM   738  C  CA  . HIS A 1 97  ? 0.936   -12.366 -6.261  1.00 9.99  ? 97  HIS A CA  1 
ATOM   739  C  C   . HIS A 1 97  ? 1.458   -13.753 -6.007  1.00 7.74  ? 97  HIS A C   1 
ATOM   740  O  O   . HIS A 1 97  ? 2.685   -14.013 -5.804  1.00 22.89 ? 97  HIS A O   1 
ATOM   741  C  CB  . HIS A 1 97  ? 0.270   -11.656 -4.909  1.00 25.86 ? 97  HIS A CB  1 
ATOM   742  C  CG  . HIS A 1 97  ? 0.206   -10.179 -5.029  1.00 12.48 ? 97  HIS A CG  1 
ATOM   743  N  ND1 . HIS A 1 97  ? -0.961  -9.451  -5.380  1.00 25.54 ? 97  HIS A ND1 1 
ATOM   744  C  CD2 . HIS A 1 97  ? 1.177   -9.398  -4.891  1.00 17.11 ? 97  HIS A CD2 1 
ATOM   745  C  CE1 . HIS A 1 97  ? -0.693  -8.166  -5.460  1.00 20.36 ? 97  HIS A CE1 1 
ATOM   746  N  NE2 . HIS A 1 97  ? 0.657   -8.138  -5.149  1.00 7.43  ? 97  HIS A NE2 1 
ATOM   747  N  N   . VAL A 1 98  ? 0.579   -14.613 -6.158  1.00 12.21 ? 98  VAL A N   1 
ATOM   748  C  CA  . VAL A 1 98  ? 0.994   -16.002 -6.082  1.00 6.12  ? 98  VAL A CA  1 
ATOM   749  C  C   . VAL A 1 98  ? 2.111   -16.473 -7.184  1.00 20.29 ? 98  VAL A C   1 
ATOM   750  O  O   . VAL A 1 98  ? 3.163   -17.114 -6.842  1.00 30.96 ? 98  VAL A O   1 
ATOM   751  C  CB  . VAL A 1 98  ? -0.220  -16.787 -6.270  1.00 5.76  ? 98  VAL A CB  1 
ATOM   752  C  CG1 . VAL A 1 98  ? 0.185   -18.259 -6.559  1.00 30.22 ? 98  VAL A CG1 1 
ATOM   753  C  CG2 . VAL A 1 98  ? -1.210  -16.523 -4.996  1.00 12.90 ? 98  VAL A CG2 1 
ATOM   754  N  N   . SER A 1 99  ? 1.958   -15.999 -8.407  1.00 24.48 ? 99  SER A N   1 
ATOM   755  C  CA  . SER A 1 99  ? 2.933   -16.337 -9.599  1.00 25.24 ? 99  SER A CA  1 
ATOM   756  C  C   . SER A 1 99  ? 4.282   -15.823 -9.374  1.00 28.45 ? 99  SER A C   1 
ATOM   757  O  O   . SER A 1 99  ? 5.344   -16.534 -9.749  1.00 35.53 ? 99  SER A O   1 
ATOM   758  C  CB  . SER A 1 99  ? 2.378   -15.810 -10.930 1.00 32.10 ? 99  SER A CB  1 
ATOM   759  O  OG  . SER A 1 99  ? 1.105   -16.290 -11.165 1.00 56.01 ? 99  SER A OG  1 
ATOM   760  N  N   . LYS A 1 100 ? 4.235   -14.658 -8.724  1.00 23.75 ? 100 LYS A N   1 
ATOM   761  C  CA  . LYS A 1 100 ? 5.465   -14.060 -8.408  1.00 19.61 ? 100 LYS A CA  1 
ATOM   762  C  C   . LYS A 1 100 ? 6.128   -14.597 -7.145  1.00 15.92 ? 100 LYS A C   1 
ATOM   763  O  O   . LYS A 1 100 ? 7.242   -14.253 -6.797  1.00 31.84 ? 100 LYS A O   1 
ATOM   764  C  CB  . LYS A 1 100 ? 5.165   -12.567 -8.178  1.00 22.36 ? 100 LYS A CB  1 
ATOM   765  C  CG  . LYS A 1 100 ? 4.804   -11.955 -9.542  1.00 34.42 ? 100 LYS A CG  1 
ATOM   766  C  CD  . LYS A 1 100 ? 6.016   -12.088 -10.604 1.00 44.11 ? 100 LYS A CD  1 
ATOM   767  C  CE  . LYS A 1 100 ? 5.643   -11.530 -11.990 1.00 38.35 ? 100 LYS A CE  1 
ATOM   768  N  NZ  . LYS A 1 100 ? 6.859   -11.475 -12.884 0.00 0.00  ? 100 LYS A NZ  1 
ATOM   769  N  N   . GLY A 1 101 ? 5.513   -15.492 -6.547  1.00 33.00 ? 101 GLY A N   1 
ATOM   770  C  CA  . GLY A 1 101 ? 6.083   -16.150 -5.374  1.00 15.78 ? 101 GLY A CA  1 
ATOM   771  C  C   . GLY A 1 101 ? 5.953   -15.289 -4.009  1.00 20.55 ? 101 GLY A C   1 
ATOM   772  O  O   . GLY A 1 101 ? 6.712   -15.551 -3.040  1.00 19.10 ? 101 GLY A O   1 
ATOM   773  N  N   . VAL A 1 102 ? 4.948   -14.354 -3.903  1.00 23.07 ? 102 VAL A N   1 
ATOM   774  C  CA  . VAL A 1 102 ? 4.590   -13.536 -2.606  1.00 12.34 ? 102 VAL A CA  1 
ATOM   775  C  C   . VAL A 1 102 ? 3.802   -14.270 -1.591  1.00 9.49  ? 102 VAL A C   1 
ATOM   776  O  O   . VAL A 1 102 ? 2.854   -14.855 -2.034  1.00 21.00 ? 102 VAL A O   1 
ATOM   777  C  CB  . VAL A 1 102 ? 3.717   -12.296 -2.939  1.00 19.85 ? 102 VAL A CB  1 
ATOM   778  C  CG1 . VAL A 1 102 ? 3.157   -11.442 -1.620  1.00 14.37 ? 102 VAL A CG1 1 
ATOM   779  C  CG2 . VAL A 1 102 ? 4.472   -11.512 -3.958  1.00 13.42 ? 102 VAL A CG2 1 
ATOM   780  N  N   . ALA A 1 103 ? 4.144   -14.224 -0.290  1.00 9.47  ? 103 ALA A N   1 
ATOM   781  C  CA  . ALA A 1 103 ? 3.405   -14.793 0.828   1.00 3.22  ? 103 ALA A CA  1 
ATOM   782  C  C   . ALA A 1 103 ? 2.756   -13.755 1.930   1.00 13.49 ? 103 ALA A C   1 
ATOM   783  O  O   . ALA A 1 103 ? 3.038   -12.601 1.908   1.00 10.96 ? 103 ALA A O   1 
ATOM   784  C  CB  . ALA A 1 103 ? 4.377   -15.753 1.537   1.00 6.15  ? 103 ALA A CB  1 
ATOM   785  N  N   . ASP A 1 104 ? 1.895   -14.152 2.844   1.00 9.46  ? 104 ASP A N   1 
ATOM   786  C  CA  . ASP A 1 104 ? 1.208   -13.305 4.005   1.00 11.43 ? 104 ASP A CA  1 
ATOM   787  C  C   . ASP A 1 104 ? 2.156   -12.564 4.892   1.00 17.00 ? 104 ASP A C   1 
ATOM   788  O  O   . ASP A 1 104 ? 1.773   -11.433 5.416   1.00 24.70 ? 104 ASP A O   1 
ATOM   789  C  CB  . ASP A 1 104 ? 0.429   -14.119 4.973   1.00 19.12 ? 104 ASP A CB  1 
ATOM   790  C  CG  . ASP A 1 104 ? -0.789  -14.582 4.261   1.00 30.65 ? 104 ASP A CG  1 
ATOM   791  O  OD1 . ASP A 1 104 ? -1.498  -15.338 4.851   1.00 43.98 ? 104 ASP A OD1 1 
ATOM   792  O  OD2 . ASP A 1 104 ? -0.932  -14.431 2.994   1.00 45.16 ? 104 ASP A OD2 1 
ATOM   793  N  N   . ALA A 1 105 ? 3.326   -13.199 5.112   1.00 5.93  ? 105 ALA A N   1 
ATOM   794  C  CA  . ALA A 1 105 ? 4.300   -12.630 6.006   1.00 8.65  ? 105 ALA A CA  1 
ATOM   795  C  C   . ALA A 1 105 ? 4.975   -11.545 5.358   1.00 6.32  ? 105 ALA A C   1 
ATOM   796  O  O   . ALA A 1 105 ? 5.534   -10.747 6.121   1.00 18.12 ? 105 ALA A O   1 
ATOM   797  C  CB  . ALA A 1 105 ? 5.368   -13.680 6.425   1.00 8.46  ? 105 ALA A CB  1 
ATOM   798  N  N   . HIS A 1 106 ? 4.720   -11.382 4.051   1.00 11.96 ? 106 HIS A N   1 
ATOM   799  C  CA  . HIS A 1 106 ? 5.176   -10.279 3.357   1.00 15.70 ? 106 HIS A CA  1 
ATOM   800  C  C   . HIS A 1 106 ? 4.347   -8.982  3.793   1.00 23.46 ? 106 HIS A C   1 
ATOM   801  O  O   . HIS A 1 106 ? 4.897   -7.944  3.786   1.00 17.05 ? 106 HIS A O   1 
ATOM   802  C  CB  . HIS A 1 106 ? 5.197   -10.526 1.762   1.00 22.28 ? 106 HIS A CB  1 
ATOM   803  C  CG  . HIS A 1 106 ? 6.462   -11.400 1.182   1.00 12.67 ? 106 HIS A CG  1 
ATOM   804  N  ND1 . HIS A 1 106 ? 6.383   -12.567 0.369   1.00 15.61 ? 106 HIS A ND1 1 
ATOM   805  C  CD2 . HIS A 1 106 ? 7.760   -11.219 1.318   1.00 21.39 ? 106 HIS A CD2 1 
ATOM   806  C  CE1 . HIS A 1 106 ? 7.699   -13.119 0.000   1.00 20.81 ? 106 HIS A CE1 1 
ATOM   807  N  NE2 . HIS A 1 106 ? 8.562   -12.268 0.600   1.00 16.74 ? 106 HIS A NE2 1 
ATOM   808  N  N   . PHE A 1 107 ? 3.054   -9.040  4.045   1.00 22.41 ? 107 PHE A N   1 
ATOM   809  C  CA  . PHE A 1 107 ? 2.086   -7.861  4.353   1.00 27.89 ? 107 PHE A CA  1 
ATOM   810  C  C   . PHE A 1 107 ? 2.438   -6.798  5.431   1.00 3.71  ? 107 PHE A C   1 
ATOM   811  O  O   . PHE A 1 107 ? 2.328   -5.641  5.112   1.00 9.16  ? 107 PHE A O   1 
ATOM   812  C  CB  . PHE A 1 107 ? 0.600   -8.139  4.484   1.00 12.06 ? 107 PHE A CB  1 
ATOM   813  C  CG  . PHE A 1 107 ? 0.082   -8.610  3.069   1.00 4.43  ? 107 PHE A CG  1 
ATOM   814  C  CD1 . PHE A 1 107 ? 0.349   -9.897  2.565   1.00 13.72 ? 107 PHE A CD1 1 
ATOM   815  C  CD2 . PHE A 1 107 ? -0.594  -7.729  2.271   1.00 13.46 ? 107 PHE A CD2 1 
ATOM   816  C  CE1 . PHE A 1 107 ? -0.054  -10.310 1.258   1.00 17.14 ? 107 PHE A CE1 1 
ATOM   817  C  CE2 . PHE A 1 107 ? -1.001  -8.134  0.962   1.00 15.61 ? 107 PHE A CE2 1 
ATOM   818  C  CZ  . PHE A 1 107 ? -0.726  -9.429  0.452   1.00 7.29  ? 107 PHE A CZ  1 
ATOM   819  N  N   . PRO A 1 108 ? 2.970   -7.128  6.605   1.00 13.46 ? 108 PRO A N   1 
ATOM   820  C  CA  . PRO A 1 108 ? 3.417   -6.143  7.608   1.00 6.00  ? 108 PRO A CA  1 
ATOM   821  C  C   . PRO A 1 108 ? 4.581   -5.435  7.076   1.00 22.85 ? 108 PRO A C   1 
ATOM   822  O  O   . PRO A 1 108 ? 4.664   -4.286  7.565   1.00 16.27 ? 108 PRO A O   1 
ATOM   823  C  CB  . PRO A 1 108 ? 3.796   -6.814  8.925   1.00 21.93 ? 108 PRO A CB  1 
ATOM   824  C  CG  . PRO A 1 108 ? 3.388   -8.196  8.733   1.00 4.95  ? 108 PRO A CG  1 
ATOM   825  C  CD  . PRO A 1 108 ? 2.998   -8.395  7.224   1.00 3.00  ? 108 PRO A CD  1 
ATOM   826  N  N   . VAL A 1 109 ? 5.409   -6.067  6.080   1.00 12.36 ? 109 VAL A N   1 
ATOM   827  C  CA  . VAL A 1 109 ? 6.507   -5.434  5.433   1.00 7.65  ? 109 VAL A CA  1 
ATOM   828  C  C   . VAL A 1 109 ? 5.962   -4.265  4.681   1.00 15.18 ? 109 VAL A C   1 
ATOM   829  O  O   . VAL A 1 109 ? 6.315   -3.154  5.013   1.00 21.46 ? 109 VAL A O   1 
ATOM   830  C  CB  . VAL A 1 109 ? 7.409   -6.381  4.391   1.00 22.72 ? 109 VAL A CB  1 
ATOM   831  C  CG1 . VAL A 1 109 ? 8.449   -5.698  3.557   1.00 7.74  ? 109 VAL A CG1 1 
ATOM   832  C  CG2 . VAL A 1 109 ? 8.085   -7.540  5.103   1.00 12.74 ? 109 VAL A CG2 1 
ATOM   833  N  N   . VAL A 1 110 ? 5.082   -4.510  3.744   1.00 12.49 ? 110 VAL A N   1 
ATOM   834  C  CA  . VAL A 1 110 ? 4.505   -3.465  2.936   1.00 20.31 ? 110 VAL A CA  1 
ATOM   835  C  C   . VAL A 1 110 ? 3.622   -2.414  3.845   1.00 9.03  ? 110 VAL A C   1 
ATOM   836  O  O   . VAL A 1 110 ? 3.704   -1.230  3.677   1.00 14.47 ? 110 VAL A O   1 
ATOM   837  C  CB  . VAL A 1 110 ? 3.783   -4.018  1.670   1.00 22.59 ? 110 VAL A CB  1 
ATOM   838  C  CG1 . VAL A 1 110 ? 2.946   -2.966  0.925   1.00 12.40 ? 110 VAL A CG1 1 
ATOM   839  C  CG2 . VAL A 1 110 ? 4.789   -4.845  0.627   1.00 3.00  ? 110 VAL A CG2 1 
ATOM   840  N  N   . LYS A 1 111 ? 2.993   -2.824  4.932   1.00 12.97 ? 111 LYS A N   1 
ATOM   841  C  CA  . LYS A 1 111 ? 2.199   -1.905  5.963   1.00 7.03  ? 111 LYS A CA  1 
ATOM   842  C  C   . LYS A 1 111 ? 3.027   -0.910  6.668   1.00 7.09  ? 111 LYS A C   1 
ATOM   843  O  O   . LYS A 1 111 ? 2.665   0.290   6.633   1.00 11.26 ? 111 LYS A O   1 
ATOM   844  C  CB  . LYS A 1 111 ? 1.565   -2.671  7.080   1.00 5.47  ? 111 LYS A CB  1 
ATOM   845  C  CG  . LYS A 1 111 ? 0.614   -1.821  8.160   1.00 18.40 ? 111 LYS A CG  1 
ATOM   846  C  CD  . LYS A 1 111 ? -0.023  -2.720  9.147   1.00 6.93  ? 111 LYS A CD  1 
ATOM   847  C  CE  . LYS A 1 111 ? -0.983  -1.985  10.286  1.00 40.85 ? 111 LYS A CE  1 
ATOM   848  N  NZ  . LYS A 1 111 ? -1.605  -2.956  11.065  1.00 34.08 ? 111 LYS A NZ  1 
ATOM   849  N  N   . GLU A 1 112 ? 4.131   -1.394  7.232   1.00 9.60  ? 112 GLU A N   1 
ATOM   850  C  CA  . GLU A 1 112 ? 4.986   -0.507  7.925   1.00 3.00  ? 112 GLU A CA  1 
ATOM   851  C  C   . GLU A 1 112 ? 5.599   0.380   6.942   1.00 7.15  ? 112 GLU A C   1 
ATOM   852  O  O   . GLU A 1 112 ? 5.643   1.562   7.325   1.00 15.05 ? 112 GLU A O   1 
ATOM   853  C  CB  . GLU A 1 112 ? 6.087   -1.203  8.753   1.00 3.16  ? 112 GLU A CB  1 
ATOM   854  C  CG  . GLU A 1 112 ? 5.502   -1.966  9.906   1.00 33.43 ? 112 GLU A CG  1 
ATOM   855  C  CD  . GLU A 1 112 ? 4.572   -1.031  10.901  1.00 46.87 ? 112 GLU A CD  1 
ATOM   856  O  OE1 . GLU A 1 112 ? 4.948   0.047   11.332  1.00 23.27 ? 112 GLU A OE1 1 
ATOM   857  O  OE2 . GLU A 1 112 ? 3.362   -1.234  11.101  1.00 19.95 ? 112 GLU A OE2 1 
ATOM   858  N  N   . ALA A 1 113 ? 5.941   -0.164  5.685   1.00 13.60 ? 113 ALA A N   1 
ATOM   859  C  CA  . ALA A 1 113 ? 6.557   0.557   4.625   1.00 3.00  ? 113 ALA A CA  1 
ATOM   860  C  C   . ALA A 1 113 ? 5.598   1.685   4.221   1.00 3.00  ? 113 ALA A C   1 
ATOM   861  O  O   . ALA A 1 113 ? 6.033   2.764   4.043   1.00 11.26 ? 113 ALA A O   1 
ATOM   862  C  CB  . ALA A 1 113 ? 6.997   -0.367  3.320   1.00 11.59 ? 113 ALA A CB  1 
ATOM   863  N  N   . ILE A 1 114 ? 4.330   1.437   4.153   1.00 5.97  ? 114 ILE A N   1 
ATOM   864  C  CA  . ILE A 1 114 ? 3.247   2.436   3.841   1.00 14.86 ? 114 ILE A CA  1 
ATOM   865  C  C   . ILE A 1 114 ? 2.959   3.507   5.026   1.00 13.64 ? 114 ILE A C   1 
ATOM   866  O  O   . ILE A 1 114 ? 2.819   4.682   4.751   1.00 12.63 ? 114 ILE A O   1 
ATOM   867  C  CB  . ILE A 1 114 ? 1.939   1.834   3.480   1.00 7.61  ? 114 ILE A CB  1 
ATOM   868  C  CG1 . ILE A 1 114 ? 2.096   1.056   2.049   1.00 7.67  ? 114 ILE A CG1 1 
ATOM   869  C  CG2 . ILE A 1 114 ? 0.694   2.850   3.546   1.00 3.45  ? 114 ILE A CG2 1 
ATOM   870  C  CD1 . ILE A 1 114 ? 0.803   0.454   1.673   1.00 4.67  ? 114 ILE A CD1 1 
ATOM   871  N  N   . LEU A 1 115 ? 2.937   3.104   6.297   1.00 11.91 ? 115 LEU A N   1 
ATOM   872  C  CA  . LEU A 1 115 ? 2.659   4.012   7.545   1.00 10.61 ? 115 LEU A CA  1 
ATOM   873  C  C   . LEU A 1 115 ? 3.756   4.916   7.740   1.00 6.96  ? 115 LEU A C   1 
ATOM   874  O  O   . LEU A 1 115 ? 3.449   6.127   7.964   1.00 16.17 ? 115 LEU A O   1 
ATOM   875  C  CB  . LEU A 1 115 ? 2.484   3.278   8.867   1.00 10.53 ? 115 LEU A CB  1 
ATOM   876  C  CG  . LEU A 1 115 ? 1.184   2.593   8.899   1.00 7.60  ? 115 LEU A CG  1 
ATOM   877  C  CD1 . LEU A 1 115 ? 1.069   1.809   10.189  1.00 8.70  ? 115 LEU A CD1 1 
ATOM   878  C  CD2 . LEU A 1 115 ? -0.068  3.570   8.821   1.00 6.45  ? 115 LEU A CD2 1 
ATOM   879  N  N   . LYS A 1 116 ? 4.986   4.350   7.490   1.00 6.18  ? 116 LYS A N   1 
ATOM   880  C  CA  . LYS A 1 116 ? 6.136   5.109   7.527   1.00 3.00  ? 116 LYS A CA  1 
ATOM   881  C  C   . LYS A 1 116 ? 6.185   6.030   6.369   1.00 10.23 ? 116 LYS A C   1 
ATOM   882  O  O   . LYS A 1 116 ? 6.525   7.152   6.657   1.00 14.14 ? 116 LYS A O   1 
ATOM   883  C  CB  . LYS A 1 116 ? 7.466   4.235   7.525   1.00 5.12  ? 116 LYS A CB  1 
ATOM   884  C  CG  . LYS A 1 116 ? 7.565   3.476   8.841   1.00 35.52 ? 116 LYS A CG  1 
ATOM   885  C  CD  . LYS A 1 116 ? 8.909   2.607   8.831   1.00 38.29 ? 116 LYS A CD  1 
ATOM   886  C  CE  . LYS A 1 116 ? 8.990   1.766   10.082  1.00 40.38 ? 116 LYS A CE  1 
ATOM   887  N  NZ  . LYS A 1 116 ? 10.306  0.995   10.049  0.00 0.00  ? 116 LYS A NZ  1 
ATOM   888  N  N   . THR A 1 117 ? 5.828   5.582   5.129   1.00 7.07  ? 117 THR A N   1 
ATOM   889  C  CA  . THR A 1 117 ? 5.778   6.383   3.931   1.00 12.53 ? 117 THR A CA  1 
ATOM   890  C  C   . THR A 1 117 ? 4.743   7.568   4.219   1.00 21.84 ? 117 THR A C   1 
ATOM   891  O  O   . THR A 1 117 ? 5.083   8.684   4.048   1.00 14.93 ? 117 THR A O   1 
ATOM   892  C  CB  . THR A 1 117 ? 5.471   5.610   2.558   1.00 10.48 ? 117 THR A CB  1 
ATOM   893  O  OG1 . THR A 1 117 ? 6.536   4.609   2.146   1.00 9.70  ? 117 THR A OG1 1 
ATOM   894  C  CG2 . THR A 1 117 ? 5.259   6.475   1.330   1.00 9.57  ? 117 THR A CG2 1 
ATOM   895  N  N   . ILE A 1 118 ? 3.549   7.331   4.710   1.00 20.22 ? 118 ILE A N   1 
ATOM   896  C  CA  . ILE A 1 118 ? 2.477   8.399   5.021   1.00 11.98 ? 118 ILE A CA  1 
ATOM   897  C  C   . ILE A 1 118 ? 2.840   9.370   6.176   1.00 12.99 ? 118 ILE A C   1 
ATOM   898  O  O   . ILE A 1 118 ? 2.644   10.572  6.024   1.00 15.21 ? 118 ILE A O   1 
ATOM   899  C  CB  . ILE A 1 118 ? 1.113   7.897   5.370   1.00 7.93  ? 118 ILE A CB  1 
ATOM   900  C  CG1 . ILE A 1 118 ? 0.613   7.126   4.096   1.00 3.00  ? 118 ILE A CG1 1 
ATOM   901  C  CG2 . ILE A 1 118 ? 0.049   9.017   5.931   1.00 22.71 ? 118 ILE A CG2 1 
ATOM   902  C  CD1 . ILE A 1 118 ? 0.372   7.983   2.864   1.00 9.01  ? 118 ILE A CD1 1 
ATOM   903  N  N   . LYS A 1 119 ? 3.612   8.860   7.113   1.00 13.83 ? 119 LYS A N   1 
ATOM   904  C  CA  . LYS A 1 119 ? 4.145   9.691   8.210   1.00 16.14 ? 119 LYS A CA  1 
ATOM   905  C  C   . LYS A 1 119 ? 5.085   10.623  7.653   1.00 22.53 ? 119 LYS A C   1 
ATOM   906  O  O   . LYS A 1 119 ? 4.933   11.811  8.080   1.00 11.32 ? 119 LYS A O   1 
ATOM   907  C  CB  . LYS A 1 119 ? 4.835   8.897   9.320   1.00 17.89 ? 119 LYS A CB  1 
ATOM   908  C  CG  . LYS A 1 119 ? 5.053   9.789   10.622  1.00 23.27 ? 119 LYS A CG  1 
ATOM   909  C  CD  . LYS A 1 119 ? 5.711   9.041   11.779  1.00 24.42 ? 119 LYS A CD  1 
ATOM   910  C  CE  . LYS A 1 119 ? 4.932   7.900   12.173  0.00 0.00  ? 119 LYS A CE  1 
ATOM   911  N  NZ  . LYS A 1 119 ? 5.559   7.262   13.330  0.00 0.00  ? 119 LYS A NZ  1 
ATOM   912  N  N   . GLU A 1 120 ? 5.923   10.127  6.618   1.00 20.46 ? 120 GLU A N   1 
ATOM   913  C  CA  . GLU A 1 120 ? 6.843   10.943  5.965   1.00 12.24 ? 120 GLU A CA  1 
ATOM   914  C  C   . GLU A 1 120 ? 6.147   11.889  5.019   1.00 14.76 ? 120 GLU A C   1 
ATOM   915  O  O   . GLU A 1 120 ? 6.575   12.975  4.885   1.00 23.06 ? 120 GLU A O   1 
ATOM   916  C  CB  . GLU A 1 120 ? 8.044   10.112  5.181   1.00 15.84 ? 120 GLU A CB  1 
ATOM   917  C  CG  . GLU A 1 120 ? 8.827   9.249   6.168   1.00 42.13 ? 120 GLU A CG  1 
ATOM   918  C  CD  . GLU A 1 120 ? 10.001  8.434   5.356   1.00 49.24 ? 120 GLU A CD  1 
ATOM   919  O  OE1 . GLU A 1 120 ? 10.793  7.702   6.000   1.00 37.40 ? 120 GLU A OE1 1 
ATOM   920  O  OE2 . GLU A 1 120 ? 10.381  8.760   4.183   1.00 38.30 ? 120 GLU A OE2 1 
ATOM   921  N  N   . VAL A 1 121 ? 5.097   11.502  4.412   1.00 11.05 ? 121 VAL A N   1 
ATOM   922  C  CA  . VAL A 1 121 ? 4.362   12.337  3.479   1.00 11.46 ? 121 VAL A CA  1 
ATOM   923  C  C   . VAL A 1 121 ? 3.613   13.546  4.267   1.00 18.02 ? 121 VAL A C   1 
ATOM   924  O  O   . VAL A 1 121 ? 3.609   14.638  3.767   1.00 20.70 ? 121 VAL A O   1 
ATOM   925  C  CB  . VAL A 1 121 ? 3.383   11.579  2.621   1.00 9.80  ? 121 VAL A CB  1 
ATOM   926  C  CG1 . VAL A 1 121 ? 2.456   12.482  1.797   1.00 9.47  ? 121 VAL A CG1 1 
ATOM   927  C  CG2 . VAL A 1 121 ? 4.114   10.457  1.638   1.00 13.43 ? 121 VAL A CG2 1 
ATOM   928  N  N   . VAL A 1 122 ? 2.940   13.352  5.428   1.00 16.40 ? 122 VAL A N   1 
ATOM   929  C  CA  . VAL A 1 122 ? 2.024   14.418  6.143   1.00 3.00  ? 122 VAL A CA  1 
ATOM   930  C  C   . VAL A 1 122 ? 2.718   15.250  7.197   1.00 11.99 ? 122 VAL A C   1 
ATOM   931  O  O   . VAL A 1 122 ? 2.215   16.388  7.596   1.00 18.06 ? 122 VAL A O   1 
ATOM   932  C  CB  . VAL A 1 122 ? 0.783   13.903  6.812   1.00 8.10  ? 122 VAL A CB  1 
ATOM   933  C  CG1 . VAL A 1 122 ? -0.024  13.214  5.704   1.00 9.38  ? 122 VAL A CG1 1 
ATOM   934  C  CG2 . VAL A 1 122 ? 1.155   13.017  7.979   1.00 9.45  ? 122 VAL A CG2 1 
ATOM   935  N  N   . GLY A 1 123 ? 3.918   14.724  7.474   1.00 11.80 ? 123 GLY A N   1 
ATOM   936  C  CA  . GLY A 1 123 ? 4.781   15.360  8.433   1.00 22.32 ? 123 GLY A CA  1 
ATOM   937  C  C   . GLY A 1 123 ? 4.033   15.869  9.807   1.00 27.09 ? 123 GLY A C   1 
ATOM   938  O  O   . GLY A 1 123 ? 3.470   15.102  10.538  1.00 22.70 ? 123 GLY A O   1 
ATOM   939  N  N   . ALA A 1 124 ? 4.041   17.126  10.117  1.00 21.81 ? 124 ALA A N   1 
ATOM   940  C  CA  . ALA A 1 124 ? 3.491   17.798  11.443  1.00 16.63 ? 124 ALA A CA  1 
ATOM   941  C  C   . ALA A 1 124 ? 1.994   17.727  11.704  1.00 14.36 ? 124 ALA A C   1 
ATOM   942  O  O   . ALA A 1 124 ? 1.484   17.974  12.921  1.00 19.36 ? 124 ALA A O   1 
ATOM   943  C  CB  . ALA A 1 124 ? 3.758   19.236  11.534  1.00 17.80 ? 124 ALA A CB  1 
ATOM   944  N  N   . LYS A 1 125 ? 1.335   17.378  10.604  1.00 14.96 ? 125 LYS A N   1 
ATOM   945  C  CA  . LYS A 1 125 ? -0.111  17.253  10.723  1.00 11.96 ? 125 LYS A CA  1 
ATOM   946  C  C   . LYS A 1 125 ? -0.424  15.936  11.186  1.00 11.73 ? 125 LYS A C   1 
ATOM   947  O  O   . LYS A 1 125 ? -1.608  15.638  11.205  1.00 15.41 ? 125 LYS A O   1 
ATOM   948  C  CB  . LYS A 1 125 ? -0.794  17.509  9.357   1.00 19.08 ? 125 LYS A CB  1 
ATOM   949  C  CG  . LYS A 1 125 ? -0.513  18.843  8.865   1.00 36.69 ? 125 LYS A CG  1 
ATOM   950  C  CD  . LYS A 1 125 ? -1.328  19.204  7.606   1.00 30.97 ? 125 LYS A CD  1 
ATOM   951  C  CE  . LYS A 1 125 ? -1.008  18.210  6.338   1.00 36.65 ? 125 LYS A CE  1 
ATOM   952  N  NZ  . LYS A 1 125 ? 0.403   18.183  5.824   1.00 36.70 ? 125 LYS A NZ  1 
ATOM   953  N  N   . TRP A 1 126 ? 0.620   15.153  11.498  1.00 12.59 ? 126 TRP A N   1 
ATOM   954  C  CA  . TRP A 1 126 ? 0.431   13.835  11.879  1.00 13.50 ? 126 TRP A CA  1 
ATOM   955  C  C   . TRP A 1 126 ? -0.313  13.847  13.296  1.00 19.96 ? 126 TRP A C   1 
ATOM   956  O  O   . TRP A 1 126 ? -0.117  14.699  14.243  1.00 21.83 ? 126 TRP A O   1 
ATOM   957  C  CB  . TRP A 1 126 ? 1.798   13.000  11.853  1.00 8.24  ? 126 TRP A CB  1 
ATOM   958  C  CG  . TRP A 1 126 ? 1.632   11.547  11.954  1.00 19.46 ? 126 TRP A CG  1 
ATOM   959  C  CD1 . TRP A 1 126 ? 1.348   10.646  10.957  1.00 27.40 ? 126 TRP A CD1 1 
ATOM   960  C  CD2 . TRP A 1 126 ? 1.759   10.890  13.161  1.00 21.64 ? 126 TRP A CD2 1 
ATOM   961  N  NE1 . TRP A 1 126 ? 1.307   9.433   11.527  1.00 28.16 ? 126 TRP A NE1 1 
ATOM   962  C  CE2 . TRP A 1 126 ? 1.550   9.584   12.811  1.00 18.15 ? 126 TRP A CE2 1 
ATOM   963  C  CE3 . TRP A 1 126 ? 2.021   11.335  14.499  1.00 23.14 ? 126 TRP A CE3 1 
ATOM   964  C  CZ2 . TRP A 1 126 ? 1.595   8.667   13.783  1.00 32.56 ? 126 TRP A CZ2 1 
ATOM   965  C  CZ3 . TRP A 1 126 ? 2.060   10.412  15.477  1.00 41.68 ? 126 TRP A CZ3 1 
ATOM   966  C  CH2 . TRP A 1 126 ? 1.854   9.120   15.132  1.00 44.46 ? 126 TRP A CH2 1 
ATOM   967  N  N   . SER A 1 127 ? -1.211  13.004  13.401  1.00 15.14 ? 127 SER A N   1 
ATOM   968  C  CA  . SER A 1 127 ? -1.990  12.869  14.702  1.00 10.66 ? 127 SER A CA  1 
ATOM   969  C  C   . SER A 1 127 ? -2.219  11.459  14.899  1.00 24.76 ? 127 SER A C   1 
ATOM   970  O  O   . SER A 1 127 ? -2.151  10.642  13.858  1.00 15.97 ? 127 SER A O   1 
ATOM   971  C  CB  . SER A 1 127 ? -3.380  13.654  14.717  1.00 6.98  ? 127 SER A CB  1 
ATOM   972  O  OG  . SER A 1 127 ? -4.207  13.006  13.772  1.00 12.95 ? 127 SER A OG  1 
ATOM   973  N  N   . GLU A 1 128 ? -2.555  11.207  16.177  1.00 22.86 ? 128 GLU A N   1 
ATOM   974  C  CA  . GLU A 1 128 ? -2.870  9.907   16.509  1.00 10.28 ? 128 GLU A CA  1 
ATOM   975  C  C   . GLU A 1 128 ? -4.102  9.509   15.791  1.00 8.61  ? 128 GLU A C   1 
ATOM   976  O  O   . GLU A 1 128 ? -4.130  8.346   15.330  1.00 24.48 ? 128 GLU A O   1 
ATOM   977  C  CB  . GLU A 1 128 ? -3.112  9.831   18.085  1.00 23.78 ? 128 GLU A CB  1 
ATOM   978  C  CG  . GLU A 1 128 ? -1.847  10.072  18.877  1.00 58.90 ? 128 GLU A CG  1 
ATOM   979  C  CD  . GLU A 1 128 ? -2.174  10.025  20.430  0.00 0.00  ? 128 GLU A CD  1 
ATOM   980  O  OE1 . GLU A 1 128 ? -1.637  10.750  21.300  0.00 0.00  ? 128 GLU A OE1 1 
ATOM   981  O  OE2 . GLU A 1 128 ? -2.785  9.112   20.853  0.00 0.00  ? 128 GLU A OE2 1 
ATOM   982  N  N   . GLU A 1 129 ? -5.056  10.463  15.696  1.00 4.45  ? 129 GLU A N   1 
ATOM   983  C  CA  . GLU A 1 129 ? -6.296  10.304  14.982  1.00 5.41  ? 129 GLU A CA  1 
ATOM   984  C  C   . GLU A 1 129 ? -5.989  9.808   13.462  1.00 12.80 ? 129 GLU A C   1 
ATOM   985  O  O   . GLU A 1 129 ? -6.677  9.002   12.870  1.00 10.98 ? 129 GLU A O   1 
ATOM   986  C  CB  . GLU A 1 129 ? -7.125  11.646  15.007  1.00 14.25 ? 129 GLU A CB  1 
ATOM   987  C  CG  . GLU A 1 129 ? -8.545  11.556  14.478  1.00 35.61 ? 129 GLU A CG  1 
ATOM   988  C  CD  . GLU A 1 129 ? -9.443  11.133  15.642  1.00 41.59 ? 129 GLU A CD  1 
ATOM   989  O  OE1 . GLU A 1 129 ? -10.526 11.819  16.005  1.00 49.07 ? 129 GLU A OE1 1 
ATOM   990  O  OE2 . GLU A 1 129 ? -9.225  10.020  16.079  1.00 36.24 ? 129 GLU A OE2 1 
ATOM   991  N  N   . LEU A 1 130 ? -5.009  10.332  12.850  1.00 19.90 ? 130 LEU A N   1 
ATOM   992  C  CA  . LEU A 1 130 ? -4.614  10.005  11.377  1.00 23.90 ? 130 LEU A CA  1 
ATOM   993  C  C   . LEU A 1 130 ? -3.910  8.623   11.160  1.00 5.39  ? 130 LEU A C   1 
ATOM   994  O  O   . LEU A 1 130 ? -4.240  7.849   10.203  1.00 14.68 ? 130 LEU A O   1 
ATOM   995  C  CB  . LEU A 1 130 ? -3.653  10.979  10.904  1.00 12.57 ? 130 LEU A CB  1 
ATOM   996  C  CG  . LEU A 1 130 ? -3.160  10.726  9.367   1.00 7.63  ? 130 LEU A CG  1 
ATOM   997  C  CD1 . LEU A 1 130 ? -4.323  10.858  8.377   1.00 15.66 ? 130 LEU A CD1 1 
ATOM   998  C  CD2 . LEU A 1 130 ? -2.081  11.627  9.008   1.00 24.92 ? 130 LEU A CD2 1 
ATOM   999  N  N   . ASN A 1 131 ? -3.011  8.338   12.076  1.00 17.05 ? 131 ASN A N   1 
ATOM   1000 C  CA  . ASN A 1 131 ? -2.277  7.046   12.084  1.00 10.66 ? 131 ASN A CA  1 
ATOM   1001 C  C   . ASN A 1 131 ? -3.241  6.017   12.255  1.00 12.26 ? 131 ASN A C   1 
ATOM   1002 O  O   . ASN A 1 131 ? -3.078  4.960   11.511  1.00 18.03 ? 131 ASN A O   1 
ATOM   1003 C  CB  . ASN A 1 131 ? -1.373  7.011   13.331  1.00 4.26  ? 131 ASN A CB  1 
ATOM   1004 C  CG  . ASN A 1 131 ? -0.611  5.658   13.287  1.00 23.44 ? 131 ASN A CG  1 
ATOM   1005 O  OD1 . ASN A 1 131 ? -0.829  4.905   14.217  1.00 24.46 ? 131 ASN A OD1 1 
ATOM   1006 N  ND2 . ASN A 1 131 ? 0.302   5.405   12.261  1.00 23.03 ? 131 ASN A ND2 1 
ATOM   1007 N  N   . SER A 1 132 ? -4.247  6.356   13.172  1.00 6.89  ? 132 SER A N   1 
ATOM   1008 C  CA  . SER A 1 132 ? -5.235  5.446   13.434  1.00 3.38  ? 132 SER A CA  1 
ATOM   1009 C  C   . SER A 1 132 ? -6.091  5.213   12.195  1.00 5.65  ? 132 SER A C   1 
ATOM   1010 O  O   . SER A 1 132 ? -6.434  4.093   11.893  1.00 19.12 ? 132 SER A O   1 
ATOM   1011 C  CB  . SER A 1 132 ? -6.156  5.892   14.733  1.00 3.44  ? 132 SER A CB  1 
ATOM   1012 O  OG  A SER A 1 132 ? -7.078  6.988   14.472  0.33 10.38 ? 132 SER A OG  1 
ATOM   1013 O  OG  B SER A 1 132 ? -5.352  6.108   15.901  0.33 3.00  ? 132 SER A OG  1 
ATOM   1014 O  OG  C SER A 1 132 ? -7.528  5.794   14.405  0.33 15.02 ? 132 SER A OG  1 
ATOM   1015 N  N   . ALA A 1 133 ? -6.406  6.235   11.502  1.00 14.13 ? 133 ALA A N   1 
ATOM   1016 C  CA  . ALA A 1 133 ? -7.233  6.129   10.288  1.00 20.39 ? 133 ALA A CA  1 
ATOM   1017 C  C   . ALA A 1 133 ? -6.533  5.257   9.065   1.00 12.66 ? 133 ALA A C   1 
ATOM   1018 O  O   . ALA A 1 133 ? -7.149  4.410   8.435   1.00 15.87 ? 133 ALA A O   1 
ATOM   1019 C  CB  . ALA A 1 133 ? -7.683  7.485   9.815   1.00 10.03 ? 133 ALA A CB  1 
ATOM   1020 N  N   . TRP A 1 134 ? -5.262  5.413   8.781   1.00 13.03 ? 134 TRP A N   1 
ATOM   1021 C  CA  . TRP A 1 134 ? -4.486  4.610   7.648   1.00 3.00  ? 134 TRP A CA  1 
ATOM   1022 C  C   . TRP A 1 134 ? -4.249  3.197   8.000   1.00 13.99 ? 134 TRP A C   1 
ATOM   1023 O  O   . TRP A 1 134 ? -4.266  2.299   7.052   1.00 17.82 ? 134 TRP A O   1 
ATOM   1024 C  CB  . TRP A 1 134 ? -3.120  5.122   7.325   1.00 8.11  ? 134 TRP A CB  1 
ATOM   1025 C  CG  . TRP A 1 134 ? -3.227  6.277   6.395   1.00 3.47  ? 134 TRP A CG  1 
ATOM   1026 C  CD1 . TRP A 1 134 ? -3.356  7.563   6.770   1.00 4.80  ? 134 TRP A CD1 1 
ATOM   1027 C  CD2 . TRP A 1 134 ? -3.204  6.178   4.935   1.00 4.40  ? 134 TRP A CD2 1 
ATOM   1028 N  NE1 . TRP A 1 134 ? -3.417  8.264   5.574   1.00 9.94  ? 134 TRP A NE1 1 
ATOM   1029 C  CE2 . TRP A 1 134 ? -3.318  7.453   4.507   1.00 14.56 ? 134 TRP A CE2 1 
ATOM   1030 C  CE3 . TRP A 1 134 ? -3.099  5.102   3.982   1.00 19.93 ? 134 TRP A CE3 1 
ATOM   1031 C  CZ2 . TRP A 1 134 ? -3.314  7.709   3.116   1.00 13.20 ? 134 TRP A CZ2 1 
ATOM   1032 C  CZ3 . TRP A 1 134 ? -3.109  5.359   2.583   1.00 6.22  ? 134 TRP A CZ3 1 
ATOM   1033 C  CH2 . TRP A 1 134 ? -3.214  6.624   2.160   1.00 10.29 ? 134 TRP A CH2 1 
ATOM   1034 N  N   . THR A 1 135 ? -4.138  3.031   9.338   1.00 11.52 ? 135 THR A N   1 
ATOM   1035 C  CA  . THR A 1 135 ? -3.922  1.731   9.866   1.00 10.92 ? 135 THR A CA  1 
ATOM   1036 C  C   . THR A 1 135 ? -5.121  0.939   9.707   1.00 3.00  ? 135 THR A C   1 
ATOM   1037 O  O   . THR A 1 135 ? -4.951  -0.206  9.151   1.00 17.79 ? 135 THR A O   1 
ATOM   1038 C  CB  . THR A 1 135 ? -3.527  1.841   11.388  1.00 9.61  ? 135 THR A CB  1 
ATOM   1039 O  OG1 . THR A 1 135 ? -2.267  2.385   11.474  1.00 10.51 ? 135 THR A OG1 1 
ATOM   1040 C  CG2 . THR A 1 135 ? -3.412  0.524   12.040  1.00 23.70 ? 135 THR A CG2 1 
ATOM   1041 N  N   . ILE A 1 136 ? -6.302  1.571   10.054  1.00 10.74 ? 136 ILE A N   1 
ATOM   1042 C  CA  . ILE A 1 136 ? -7.545  0.962   9.889   1.00 8.41  ? 136 ILE A CA  1 
ATOM   1043 C  C   . ILE A 1 136 ? -7.778  0.610   8.363   1.00 3.00  ? 136 ILE A C   1 
ATOM   1044 O  O   . ILE A 1 136 ? -8.009  -0.530  7.979   1.00 18.42 ? 136 ILE A O   1 
ATOM   1045 C  CB  . ILE A 1 136 ? -8.745  1.880   10.559  1.00 21.03 ? 136 ILE A CB  1 
ATOM   1046 C  CG1 . ILE A 1 136 ? -8.596  2.149   12.138  1.00 27.52 ? 136 ILE A CG1 1 
ATOM   1047 C  CG2 . ILE A 1 136 ? -10.105 1.359   10.285  1.00 16.59 ? 136 ILE A CG2 1 
ATOM   1048 C  CD1 . ILE A 1 136 ? -9.706  3.180   12.790  1.00 18.68 ? 136 ILE A CD1 1 
ATOM   1049 N  N   . ALA A 1 137 ? -7.629  1.546   7.532   1.00 9.42  ? 137 ALA A N   1 
ATOM   1050 C  CA  . ALA A 1 137 ? -7.788  1.375   6.029   1.00 6.38  ? 137 ALA A CA  1 
ATOM   1051 C  C   . ALA A 1 137 ? -6.826  0.246   5.341   1.00 21.60 ? 137 ALA A C   1 
ATOM   1052 O  O   . ALA A 1 137 ? -7.230  -0.540  4.433   1.00 11.03 ? 137 ALA A O   1 
ATOM   1053 C  CB  . ALA A 1 137 ? -7.517  2.634   5.361   1.00 8.40  ? 137 ALA A CB  1 
ATOM   1054 N  N   . TYR A 1 138 ? -5.606  0.143   5.807   1.00 5.99  ? 138 TYR A N   1 
ATOM   1055 C  CA  . TYR A 1 138 ? -4.611  -0.917  5.238   1.00 4.63  ? 138 TYR A CA  1 
ATOM   1056 C  C   . TYR A 1 138 ? -4.978  -2.233  5.673   1.00 9.43  ? 138 TYR A C   1 
ATOM   1057 O  O   . TYR A 1 138 ? -5.075  -3.140  4.752   1.00 22.11 ? 138 TYR A O   1 
ATOM   1058 C  CB  . TYR A 1 138 ? -3.180  -0.688  5.667   1.00 7.89  ? 138 TYR A CB  1 
ATOM   1059 C  CG  . TYR A 1 138 ? -2.123  -1.753  4.962   1.00 19.69 ? 138 TYR A CG  1 
ATOM   1060 C  CD1 . TYR A 1 138 ? -1.870  -2.925  5.548   1.00 10.80 ? 138 TYR A CD1 1 
ATOM   1061 C  CD2 . TYR A 1 138 ? -1.449  -1.545  3.735   1.00 19.24 ? 138 TYR A CD2 1 
ATOM   1062 C  CE1 . TYR A 1 138 ? -0.953  -3.902  4.905   1.00 4.39  ? 138 TYR A CE1 1 
ATOM   1063 C  CE2 . TYR A 1 138 ? -0.509  -2.512  3.091   1.00 8.03  ? 138 TYR A CE2 1 
ATOM   1064 C  CZ  . TYR A 1 138 ? -0.269  -3.689  3.681   1.00 8.68  ? 138 TYR A CZ  1 
ATOM   1065 O  OH  . TYR A 1 138 ? 0.711   -4.684  3.046   1.00 11.52 ? 138 TYR A OH  1 
ATOM   1066 N  N   . ASP A 1 139 ? -5.208  -2.310  7.025   1.00 20.87 ? 139 ASP A N   1 
ATOM   1067 C  CA  . ASP A 1 139 ? -5.570  -3.509  7.610   1.00 12.90 ? 139 ASP A CA  1 
ATOM   1068 C  C   . ASP A 1 139 ? -6.789  -4.027  6.964   1.00 6.98  ? 139 ASP A C   1 
ATOM   1069 O  O   . ASP A 1 139 ? -6.795  -5.226  6.667   1.00 10.77 ? 139 ASP A O   1 
ATOM   1070 C  CB  . ASP A 1 139 ? -5.885  -3.308  9.191   1.00 6.52  ? 139 ASP A CB  1 
ATOM   1071 C  CG  . ASP A 1 139 ? -4.571  -3.309  9.917   1.00 9.31  ? 139 ASP A CG  1 
ATOM   1072 O  OD1 . ASP A 1 139 ? -3.503  -3.468  9.168   1.00 12.38 ? 139 ASP A OD1 1 
ATOM   1073 O  OD2 . ASP A 1 139 ? -4.570  -2.737  11.113  1.00 19.93 ? 139 ASP A OD2 1 
ATOM   1074 N  N   . GLU A 1 140 ? -7.807  -3.169  6.816   1.00 5.97  ? 140 GLU A N   1 
ATOM   1075 C  CA  . GLU A 1 140 ? -9.021  -3.595  6.229   1.00 8.38  ? 140 GLU A CA  1 
ATOM   1076 C  C   . GLU A 1 140 ? -8.794  -4.054  4.690   1.00 26.26 ? 140 GLU A C   1 
ATOM   1077 O  O   . GLU A 1 140 ? -9.312  -5.035  4.200   1.00 15.04 ? 140 GLU A O   1 
ATOM   1078 C  CB  . GLU A 1 140 ? -10.176 -2.488  6.416   1.00 3.36  ? 140 GLU A CB  1 
ATOM   1079 C  CG  . GLU A 1 140 ? -10.589 -2.105  7.966   1.00 22.38 ? 140 GLU A CG  1 
ATOM   1080 C  CD  . GLU A 1 140 ? -11.026 -3.263  8.702   1.00 26.14 ? 140 GLU A CD  1 
ATOM   1081 O  OE1 . GLU A 1 140 ? -11.673 -4.086  8.072   1.00 15.81 ? 140 GLU A OE1 1 
ATOM   1082 O  OE2 . GLU A 1 140 ? -11.070 -3.198  10.010  1.00 22.24 ? 140 GLU A OE2 1 
ATOM   1083 N  N   . LEU A 1 141 ? -7.983  -3.408  3.967   1.00 16.65 ? 141 LEU A N   1 
ATOM   1084 C  CA  . LEU A 1 141 ? -7.674  -3.812  2.491   1.00 9.58  ? 141 LEU A CA  1 
ATOM   1085 C  C   . LEU A 1 141 ? -6.770  -5.104  2.298   1.00 16.31 ? 141 LEU A C   1 
ATOM   1086 O  O   . LEU A 1 141 ? -6.984  -5.970  1.372   1.00 17.79 ? 141 LEU A O   1 
ATOM   1087 C  CB  . LEU A 1 141 ? -7.032  -2.717  1.783   1.00 6.68  ? 141 LEU A CB  1 
ATOM   1088 C  CG  . LEU A 1 141 ? -6.802  -2.992  0.193   1.00 3.55  ? 141 LEU A CG  1 
ATOM   1089 C  CD1 . LEU A 1 141 ? -8.087  -3.321  -0.518  1.00 4.69  ? 141 LEU A CD1 1 
ATOM   1090 C  CD2 . LEU A 1 141 ? -6.217  -1.834  -0.435  1.00 3.00  ? 141 LEU A CD2 1 
ATOM   1091 N  N   . ALA A 1 142 ? -5.889  -5.275  3.253   1.00 8.52  ? 142 ALA A N   1 
ATOM   1092 C  CA  . ALA A 1 142 ? -4.970  -6.467  3.247   1.00 15.61 ? 142 ALA A CA  1 
ATOM   1093 C  C   . ALA A 1 142 ? -5.693  -7.652  3.543   1.00 30.79 ? 142 ALA A C   1 
ATOM   1094 O  O   . ALA A 1 142 ? -5.324  -8.722  2.865   1.00 20.40 ? 142 ALA A O   1 
ATOM   1095 C  CB  . ALA A 1 142 ? -3.859  -6.309  4.281   1.00 8.39  ? 142 ALA A CB  1 
ATOM   1096 N  N   . ILE A 1 143 ? -6.741  -7.436  4.436   1.00 21.21 ? 143 ILE A N   1 
ATOM   1097 C  CA  . ILE A 1 143 ? -7.574  -8.482  4.765   1.00 17.22 ? 143 ILE A CA  1 
ATOM   1098 C  C   . ILE A 1 143 ? -8.234  -9.025  3.484   1.00 18.67 ? 143 ILE A C   1 
ATOM   1099 O  O   . ILE A 1 143 ? -8.225  -10.238 3.227   1.00 20.15 ? 143 ILE A O   1 
ATOM   1100 C  CB  . ILE A 1 143 ? -8.648  -8.004  5.938   1.00 14.70 ? 143 ILE A CB  1 
ATOM   1101 C  CG1 . ILE A 1 143 ? -8.006  -7.846  7.352   1.00 13.48 ? 143 ILE A CG1 1 
ATOM   1102 C  CG2 . ILE A 1 143 ? -9.776  -8.908  6.037   1.00 22.15 ? 143 ILE A CG2 1 
ATOM   1103 C  CD1 . ILE A 1 143 ? -9.066  -7.367  8.532   1.00 28.00 ? 143 ILE A CD1 1 
ATOM   1104 N  N   . VAL A 1 144 ? -8.644  -8.159  2.627   1.00 20.77 ? 144 VAL A N   1 
ATOM   1105 C  CA  . VAL A 1 144 ? -9.289  -8.554  1.354   1.00 19.02 ? 144 VAL A CA  1 
ATOM   1106 C  C   . VAL A 1 144 ? -8.292  -9.266  0.248   1.00 23.31 ? 144 VAL A C   1 
ATOM   1107 O  O   . VAL A 1 144 ? -8.561  -10.307 -0.383  1.00 31.04 ? 144 VAL A O   1 
ATOM   1108 C  CB  . VAL A 1 144 ? -10.049 -7.372  0.746   1.00 27.39 ? 144 VAL A CB  1 
ATOM   1109 C  CG1 . VAL A 1 144 ? -10.709 -7.781  -0.605  1.00 14.88 ? 144 VAL A CG1 1 
ATOM   1110 C  CG2 . VAL A 1 144 ? -11.090 -6.613  1.811   1.00 25.09 ? 144 VAL A CG2 1 
ATOM   1111 N  N   . ILE A 1 145 ? -7.173  -8.732  0.035   1.00 20.66 ? 145 ILE A N   1 
ATOM   1112 C  CA  . ILE A 1 145 ? -6.161  -9.328  -1.027  1.00 23.96 ? 145 ILE A CA  1 
ATOM   1113 C  C   . ILE A 1 145 ? -5.549  -10.664 -0.665  1.00 24.64 ? 145 ILE A C   1 
ATOM   1114 O  O   . ILE A 1 145 ? -5.458  -11.611 -1.573  1.00 28.60 ? 145 ILE A O   1 
ATOM   1115 C  CB  . ILE A 1 145 ? -5.082  -8.396  -1.307  1.00 29.61 ? 145 ILE A CB  1 
ATOM   1116 C  CG1 . ILE A 1 145 ? -5.722  -7.139  -1.885  1.00 6.88  ? 145 ILE A CG1 1 
ATOM   1117 C  CG2 . ILE A 1 145 ? -3.918  -9.046  -2.298  1.00 23.29 ? 145 ILE A CG2 1 
ATOM   1118 C  CD1 . ILE A 1 145 ? -4.703  -6.135  -2.056  1.00 14.10 ? 145 ILE A CD1 1 
ATOM   1119 N  N   . LYS A 1 146 ? -5.338  -10.764 0.662   1.00 15.16 ? 146 LYS A N   1 
ATOM   1120 C  CA  . LYS A 1 146 ? -4.837  -11.993 1.219   1.00 3.74  ? 146 LYS A CA  1 
ATOM   1121 C  C   . LYS A 1 146 ? -5.841  -12.994 1.072   1.00 27.79 ? 146 LYS A C   1 
ATOM   1122 O  O   . LYS A 1 146 ? -5.433  -14.187 0.880   1.00 35.57 ? 146 LYS A O   1 
ATOM   1123 C  CB  . LYS A 1 146 ? -4.524  -11.757 2.764   1.00 14.83 ? 146 LYS A CB  1 
ATOM   1124 C  CG  . LYS A 1 146 ? -3.041  -11.523 2.929   1.00 14.96 ? 146 LYS A CG  1 
ATOM   1125 C  CD  . LYS A 1 146 ? -2.818  -10.629 4.231   1.00 11.40 ? 146 LYS A CD  1 
ATOM   1126 C  CE  . LYS A 1 146 ? -3.388  -11.081 5.592   1.00 25.19 ? 146 LYS A CE  1 
ATOM   1127 N  NZ  . LYS A 1 146 ? -3.113  -10.154 6.753   1.00 40.68 ? 146 LYS A NZ  1 
ATOM   1128 N  N   . LYS A 1 147 ? -7.103  -12.515 1.125   1.00 26.66 ? 147 LYS A N   1 
ATOM   1129 C  CA  . LYS A 1 147 ? -8.137  -13.403 0.944   1.00 29.74 ? 147 LYS A CA  1 
ATOM   1130 C  C   . LYS A 1 147 ? -8.061  -13.988 -0.554  1.00 28.46 ? 147 LYS A C   1 
ATOM   1131 O  O   . LYS A 1 147 ? -8.041  -15.200 -0.815  1.00 30.12 ? 147 LYS A O   1 
ATOM   1132 C  CB  . LYS A 1 147 ? -9.546  -12.692 1.325   1.00 39.17 ? 147 LYS A CB  1 
ATOM   1133 C  CG  . LYS A 1 147 ? -10.649 -13.629 1.249   1.00 39.18 ? 147 LYS A CG  1 
ATOM   1134 C  CD  . LYS A 1 147 ? -12.039 -12.948 1.770   0.00 0.00  ? 147 LYS A CD  1 
ATOM   1135 C  CE  . LYS A 1 147 ? -12.484 -11.782 0.931   0.00 0.00  ? 147 LYS A CE  1 
ATOM   1136 N  NZ  . LYS A 1 147 ? -13.828 -11.194 1.440   0.00 0.00  ? 147 LYS A NZ  1 
ATOM   1137 N  N   . GLU A 1 148 ? -7.924  -13.135 -1.488  1.00 17.51 ? 148 GLU A N   1 
ATOM   1138 C  CA  . GLU A 1 148 ? -7.821  -13.526 -2.980  1.00 10.07 ? 148 GLU A CA  1 
ATOM   1139 C  C   . GLU A 1 148 ? -6.546  -14.404 -3.445  1.00 40.27 ? 148 GLU A C   1 
ATOM   1140 O  O   . GLU A 1 148 ? -6.558  -15.223 -4.474  1.00 35.18 ? 148 GLU A O   1 
ATOM   1141 C  CB  . GLU A 1 148 ? -7.960  -12.333 -3.841  1.00 7.74  ? 148 GLU A CB  1 
ATOM   1142 C  CG  . GLU A 1 148 ? -9.249  -11.434 -3.406  1.00 29.34 ? 148 GLU A CG  1 
ATOM   1143 C  CD  . GLU A 1 148 ? -10.421 -12.264 -3.324  1.00 51.42 ? 148 GLU A CD  1 
ATOM   1144 O  OE1 . GLU A 1 148 ? -10.667 -12.971 -4.378  1.00 41.40 ? 148 GLU A OE1 1 
ATOM   1145 O  OE2 . GLU A 1 148 ? -10.899 -12.497 -2.149  1.00 49.94 ? 148 GLU A OE2 1 
ATOM   1146 N  N   . MET A 1 149 ? -5.526  -14.264 -2.651  1.00 29.21 ? 149 MET A N   1 
ATOM   1147 C  CA  . MET A 1 149 ? -4.241  -15.073 -2.882  1.00 22.42 ? 149 MET A CA  1 
ATOM   1148 C  C   . MET A 1 149 ? -4.366  -16.459 -2.512  1.00 38.51 ? 149 MET A C   1 
ATOM   1149 O  O   . MET A 1 149 ? -3.791  -17.400 -3.288  1.00 28.71 ? 149 MET A O   1 
ATOM   1150 C  CB  . MET A 1 149 ? -3.177  -14.516 -1.971  1.00 21.53 ? 149 MET A CB  1 
ATOM   1151 C  CG  . MET A 1 149 ? -2.696  -13.294 -2.561  1.00 19.30 ? 149 MET A CG  1 
ATOM   1152 S  SD  . MET A 1 149 ? -1.463  -12.530 -1.578  1.00 21.29 ? 149 MET A SD  1 
ATOM   1153 C  CE  . MET A 1 149 ? -0.301  -13.948 -1.414  1.00 16.41 ? 149 MET A CE  1 
ATOM   1154 N  N   . ASP A 1 150 ? -5.000  -16.549 -1.307  1.00 35.54 ? 150 ASP A N   1 
ATOM   1155 C  CA  . ASP A 1 150 ? -5.155  -17.825 -0.787  1.00 56.14 ? 150 ASP A CA  1 
ATOM   1156 C  C   . ASP A 1 150 ? -6.029  -18.574 -1.741  1.00 49.46 ? 150 ASP A C   1 
ATOM   1157 O  O   . ASP A 1 150 ? -5.642  -19.721 -2.222  1.00 47.29 ? 150 ASP A O   1 
ATOM   1158 C  CB  . ASP A 1 150 ? -5.790  -17.677 0.710   1.00 54.28 ? 150 ASP A CB  1 
ATOM   1159 C  CG  . ASP A 1 150 ? -4.746  -17.277 1.721   1.00 51.98 ? 150 ASP A CG  1 
ATOM   1160 O  OD1 . ASP A 1 150 ? -3.665  -16.915 1.247   0.00 0.00  ? 150 ASP A OD1 1 
ATOM   1161 O  OD2 . ASP A 1 150 ? -4.789  -17.646 2.934   0.00 0.00  ? 150 ASP A OD2 1 
ATOM   1162 N  N   . ASP A 1 151 ? -7.043  -17.840 -2.185  1.00 41.04 ? 151 ASP A N   1 
ATOM   1163 C  CA  . ASP A 1 151 ? -7.910  -18.343 -3.236  1.00 55.69 ? 151 ASP A CA  1 
ATOM   1164 C  C   . ASP A 1 151 ? -7.193  -18.648 -4.668  1.00 61.98 ? 151 ASP A C   1 
ATOM   1165 O  O   . ASP A 1 151 ? -7.554  -19.534 -5.488  1.00 57.30 ? 151 ASP A O   1 
ATOM   1166 C  CB  . ASP A 1 151 ? -9.191  -17.401 -3.331  1.00 55.87 ? 151 ASP A CB  1 
ATOM   1167 C  CG  . ASP A 1 151 ? -10.145 -17.495 -2.072  1.00 52.18 ? 151 ASP A CG  1 
ATOM   1168 O  OD1 . ASP A 1 151 ? -9.686  -17.517 -0.878  0.00 0.00  ? 151 ASP A OD1 1 
ATOM   1169 O  OD2 . ASP A 1 151 ? -11.248 -17.944 -2.262  0.00 0.00  ? 151 ASP A OD2 1 
ATOM   1170 N  N   . ALA A 1 152 ? -6.150  -18.014 -4.945  1.00 58.34 ? 152 ALA A N   1 
ATOM   1171 C  CA  . ALA A 1 152 ? -5.395  -18.307 -6.295  1.00 51.67 ? 152 ALA A CA  1 
ATOM   1172 C  C   . ALA A 1 152 ? -4.296  -19.432 -6.267  1.00 57.95 ? 152 ALA A C   1 
ATOM   1173 O  O   . ALA A 1 152 ? -3.601  -19.829 -7.363  1.00 53.59 ? 152 ALA A O   1 
ATOM   1174 C  CB  . ALA A 1 152 ? -4.743  -17.115 -6.762  1.00 50.44 ? 152 ALA A CB  1 
ATOM   1175 N  N   . ALA A 1 153 ? -4.030  -19.788 -5.015  1.00 60.11 ? 153 ALA A N   1 
ATOM   1176 C  CA  . ALA A 1 153 ? -2.842  -20.678 -4.759  1.00 62.99 ? 153 ALA A CA  1 
ATOM   1177 C  C   . ALA A 1 153 ? -3.045  -22.124 -4.917  1.00 44.98 ? 153 ALA A C   1 
ATOM   1178 O  O   . ALA A 1 153 ? -3.477  -22.670 -3.889  0.00 0.00  ? 153 ALA A O   1 
ATOM   1179 C  CB  . ALA A 1 153 ? -2.349  -20.333 -3.299  1.00 54.56 ? 153 ALA A CB  1 
ATOM   1180 O  OXT . ALA A 1 153 ? -2.999  -22.716 -6.108  0.00 0.00  ? 153 ALA A OXT 1 
HETATM 1181 C  CHA . HEM B 2 .   ? 2.212   -6.706  -8.272  1.00 13.15 ? 154 HEM A CHA 1 
HETATM 1182 C  CHB . HEM B 2 .   ? -1.118  -4.143  -5.096  1.00 19.27 ? 154 HEM A CHB 1 
HETATM 1183 C  CHC . HEM B 2 .   ? 0.946   -6.088  -1.185  1.00 7.46  ? 154 HEM A CHC 1 
HETATM 1184 C  CHD . HEM B 2 .   ? 4.633   -8.109  -4.316  1.00 27.49 ? 154 HEM A CHD 1 
HETATM 1185 C  C1A . HEM B 2 .   ? 1.076   -5.903  -7.755  1.00 15.86 ? 154 HEM A C1A 1 
HETATM 1186 C  C2A . HEM B 2 .   ? 0.139   -5.165  -8.600  1.00 32.50 ? 154 HEM A C2A 1 
HETATM 1187 C  C3A . HEM B 2 .   ? -0.756  -4.408  -7.711  1.00 24.78 ? 154 HEM A C3A 1 
HETATM 1188 C  C4A . HEM B 2 .   ? -0.411  -4.688  -6.302  1.00 39.87 ? 154 HEM A C4A 1 
HETATM 1189 C  CMA . HEM B 2 .   ? -1.947  -3.441  -8.057  1.00 24.84 ? 154 HEM A CMA 1 
HETATM 1190 C  CAA . HEM B 2 .   ? 0.189   -5.280  -10.203 1.00 43.51 ? 154 HEM A CAA 1 
HETATM 1191 C  CBA . HEM B 2 .   ? 0.565   -4.046  -10.862 1.00 39.38 ? 154 HEM A CBA 1 
HETATM 1192 C  CGA . HEM B 2 .   ? 0.367   -4.269  -12.422 0.00 0.00  ? 154 HEM A CGA 1 
HETATM 1193 O  O1A . HEM B 2 .   ? 0.125   -5.380  -12.902 0.00 0.00  ? 154 HEM A O1A 1 
HETATM 1194 O  O2A . HEM B 2 .   ? 0.100   -3.317  -13.137 0.00 0.00  ? 154 HEM A O2A 1 
HETATM 1195 C  C1B . HEM B 2 .   ? -0.862  -4.439  -3.750  1.00 15.61 ? 154 HEM A C1B 1 
HETATM 1196 C  C2B . HEM B 2 .   ? -1.702  -3.941  -2.526  1.00 12.99 ? 154 HEM A C2B 1 
HETATM 1197 C  C3B . HEM B 2 .   ? -1.171  -4.517  -1.415  1.00 23.09 ? 154 HEM A C3B 1 
HETATM 1198 C  C4B . HEM B 2 .   ? 0.049   -5.345  -1.957  1.00 10.63 ? 154 HEM A C4B 1 
HETATM 1199 C  CMB . HEM B 2 .   ? -2.958  -2.963  -2.587  1.00 3.00  ? 154 HEM A CMB 1 
HETATM 1200 C  CAB . HEM B 2 .   ? -1.684  -4.344  0.132   1.00 22.10 ? 154 HEM A CAB 1 
HETATM 1201 C  CBB . HEM B 2 .   ? -2.993  -4.112  0.499   1.00 11.89 ? 154 HEM A CBB 1 
HETATM 1202 C  C1C . HEM B 2 .   ? 2.140   -6.812  -1.682  1.00 29.14 ? 154 HEM A C1C 1 
HETATM 1203 C  C2C . HEM B 2 .   ? 3.091   -7.546  -0.850  1.00 7.46  ? 154 HEM A C2C 1 
HETATM 1204 C  C3C . HEM B 2 .   ? 4.153   -8.044  -1.707  1.00 24.58 ? 154 HEM A C3C 1 
HETATM 1205 C  C4C . HEM B 2 .   ? 3.843   -7.698  -3.111  1.00 30.77 ? 154 HEM A C4C 1 
HETATM 1206 C  CMC . HEM B 2 .   ? 2.915   -7.688  0.723   1.00 4.01  ? 154 HEM A CMC 1 
HETATM 1207 C  CAC . HEM B 2 .   ? 5.439   -8.860  -1.318  1.00 10.77 ? 154 HEM A CAC 1 
HETATM 1208 C  CBC . HEM B 2 .   ? 6.579   -8.313  -1.175  1.00 3.00  ? 154 HEM A CBC 1 
HETATM 1209 C  C1D . HEM B 2 .   ? 4.327   -7.916  -5.681  1.00 27.73 ? 154 HEM A C1D 1 
HETATM 1210 C  C2D . HEM B 2 .   ? 5.122   -8.470  -6.936  1.00 13.59 ? 154 HEM A C2D 1 
HETATM 1211 C  C3D . HEM B 2 .   ? 4.446   -8.076  -8.047  1.00 17.83 ? 154 HEM A C3D 1 
HETATM 1212 C  C4D . HEM B 2 .   ? 3.209   -7.297  -7.499  1.00 24.80 ? 154 HEM A C4D 1 
HETATM 1213 C  CMD . HEM B 2 .   ? 6.472   -9.331  -6.944  1.00 9.97  ? 154 HEM A CMD 1 
HETATM 1214 C  CAD . HEM B 2 .   ? 4.886   -8.372  -9.598  1.00 19.01 ? 154 HEM A CAD 1 
HETATM 1215 C  CBD . HEM B 2 .   ? 5.679   -7.291  -10.139 1.00 20.60 ? 154 HEM A CBD 1 
HETATM 1216 C  CGD . HEM B 2 .   ? 6.444   -7.807  -11.506 1.00 56.50 ? 154 HEM A CGD 1 
HETATM 1217 O  O1D . HEM B 2 .   ? 7.252   -8.823  -11.529 1.00 46.54 ? 154 HEM A O1D 1 
HETATM 1218 O  O2D . HEM B 2 .   ? 6.569   -7.052  -12.460 1.00 47.53 ? 154 HEM A O2D 1 
HETATM 1219 N  NA  . HEM B 2 .   ? 0.701   -5.598  -6.364  1.00 21.53 ? 154 HEM A NA  1 
HETATM 1220 N  NB  . HEM B 2 .   ? 0.191   -5.266  -3.370  1.00 18.03 ? 154 HEM A NB  1 
HETATM 1221 N  NC  . HEM B 2 .   ? 2.624   -6.941  -3.049  1.00 12.45 ? 154 HEM A NC  1 
HETATM 1222 N  ND  . HEM B 2 .   ? 3.191   -7.214  -6.068  1.00 34.17 ? 154 HEM A ND  1 
HETATM 1223 FE FE  . HEM B 2 .   ? 1.761   -6.319  -4.704  1.00 17.54 ? 154 HEM A FE  1 
HETATM 1224 C  C1  . NBE C 3 .   ? 3.507   -4.084  -5.393  1.00 50.04 ? 155 NBE A C1  1 
HETATM 1225 N  N   . NBE C 3 .   ? 2.826   -4.573  -4.236  1.00 19.46 ? 155 NBE A N   1 
HETATM 1226 O  O   . NBE C 3 .   ? 3.203   -4.350  -3.059  1.00 23.56 ? 155 NBE A O   1 
HETATM 1227 C  C2  . NBE C 3 .   ? 2.821   -3.787  -6.562  1.00 47.19 ? 155 NBE A C2  1 
HETATM 1228 C  C3  . NBE C 3 .   ? 3.473   -3.402  -7.723  1.00 33.81 ? 155 NBE A C3  1 
HETATM 1229 C  C4  . NBE C 3 .   ? 4.828   -3.296  -7.720  1.00 26.55 ? 155 NBE A C4  1 
HETATM 1230 C  C5  . NBE C 3 .   ? 5.518   -3.569  -6.549  1.00 53.67 ? 155 NBE A C5  1 
HETATM 1231 C  C6  . NBE C 3 .   ? 4.861   -3.962  -5.380  1.00 58.71 ? 155 NBE A C6  1 
HETATM 1232 O  O   . HOH D 4 .   ? 11.602  3.512   -10.629 1.00 19.85 ? 156 HOH A O   1 
HETATM 1233 O  O   . HOH D 4 .   ? 10.144  5.547   -9.001  1.00 21.44 ? 157 HOH A O   1 
HETATM 1234 O  O   . HOH D 4 .   ? -11.856 -5.459  5.492   1.00 18.09 ? 158 HOH A O   1 
HETATM 1235 O  O   . HOH D 4 .   ? 1.832   16.037  15.379  1.00 24.04 ? 159 HOH A O   1 
HETATM 1236 O  O   . HOH D 4 .   ? -9.399  -0.241  -2.635  1.00 25.32 ? 160 HOH A O   1 
HETATM 1237 O  O   . HOH D 4 .   ? 3.037   -3.956  10.625  1.00 32.13 ? 161 HOH A O   1 
HETATM 1238 O  O   . HOH D 4 .   ? 16.820  -0.461  0.799   1.00 42.24 ? 162 HOH A O   1 
HETATM 1239 O  O   . HOH D 4 .   ? -24.200 4.033   4.104   1.00 24.77 ? 163 HOH A O   1 
HETATM 1240 O  O   . HOH D 4 .   ? -13.928 4.400   -2.420  1.00 28.82 ? 164 HOH A O   1 
HETATM 1241 O  O   . HOH D 4 .   ? -22.060 -1.043  6.749   1.00 13.84 ? 165 HOH A O   1 
HETATM 1242 O  O   . HOH D 4 .   ? -16.830 -7.301  -0.531  1.00 30.82 ? 166 HOH A O   1 
HETATM 1243 O  O   . HOH D 4 .   ? -18.221 -6.203  2.234   1.00 22.40 ? 167 HOH A O   1 
HETATM 1244 O  O   . HOH D 4 .   ? -15.859 -6.182  3.844   1.00 28.55 ? 168 HOH A O   1 
HETATM 1245 O  O   . HOH D 4 .   ? -14.588 -4.266  5.631   1.00 28.80 ? 169 HOH A O   1 
HETATM 1246 O  O   . HOH D 4 .   ? -12.677 -8.311  8.365   1.00 26.69 ? 170 HOH A O   1 
HETATM 1247 O  O   . HOH D 4 .   ? -12.501 -5.880  9.762   1.00 14.42 ? 171 HOH A O   1 
HETATM 1248 O  O   . HOH D 4 .   ? -10.747 -5.292  11.919  1.00 19.49 ? 172 HOH A O   1 
HETATM 1249 O  O   . HOH D 4 .   ? -5.596  -7.102  -10.655 1.00 49.18 ? 173 HOH A O   1 
HETATM 1250 O  O   . HOH D 4 .   ? 3.074   12.185  -9.227  1.00 33.51 ? 174 HOH A O   1 
HETATM 1251 O  O   . HOH D 4 .   ? 1.170   -1.045  13.036  1.00 34.18 ? 175 HOH A O   1 
HETATM 1252 O  O   . HOH D 4 .   ? -0.654  1.554   13.617  1.00 24.56 ? 176 HOH A O   1 
HETATM 1253 O  O   . HOH D 4 .   ? 8.227   14.073  6.903   1.00 46.87 ? 177 HOH A O   1 
HETATM 1254 O  O   . HOH D 4 .   ? -18.132 -0.553  10.482  1.00 15.76 ? 178 HOH A O   1 
HETATM 1255 O  O   . HOH D 4 .   ? -14.468 -1.525  -3.941  1.00 33.04 ? 179 HOH A O   1 
HETATM 1256 O  O   . HOH D 4 .   ? -2.388  7.167   -8.708  1.00 51.73 ? 180 HOH A O   1 
HETATM 1257 O  O   . HOH D 4 .   ? -7.248  8.337   17.321  1.00 55.44 ? 181 HOH A O   1 
HETATM 1258 O  O   . HOH D 4 .   ? 3.466   -16.266 4.762   1.00 34.33 ? 182 HOH A O   1 
HETATM 1259 O  O   . HOH D 4 .   ? -4.950  -7.173  7.846   1.00 28.58 ? 183 HOH A O   1 
HETATM 1260 O  O   . HOH D 4 .   ? 13.442  -13.797 -1.729  1.00 52.57 ? 184 HOH A O   1 
HETATM 1261 O  O   . HOH D 4 .   ? -7.393  -12.069 4.971   1.00 29.03 ? 185 HOH A O   1 
HETATM 1262 O  O   . HOH D 4 .   ? 0.483   -5.197  11.056  1.00 41.51 ? 186 HOH A O   1 
HETATM 1263 O  O   . HOH D 4 .   ? -13.562 -7.437  5.833   1.00 40.68 ? 187 HOH A O   1 
HETATM 1264 O  O   . HOH D 4 .   ? -7.291  -1.847  12.077  1.00 37.12 ? 188 HOH A O   1 
HETATM 1265 O  O   . HOH D 4 .   ? -2.936  5.870   16.321  1.00 45.36 ? 189 HOH A O   1 
HETATM 1266 O  O   . HOH D 4 .   ? -4.025  14.447  11.534  1.00 42.77 ? 190 HOH A O   1 
HETATM 1267 O  O   . HOH D 4 .   ? 5.025   18.990  8.197   1.00 53.64 ? 191 HOH A O   1 
HETATM 1268 O  O   . HOH D 4 .   ? -18.634 8.824   9.662   1.00 51.90 ? 192 HOH A O   1 
HETATM 1269 O  O   . HOH D 4 .   ? -11.876 -0.690  -1.498  1.00 51.61 ? 193 HOH A O   1 
HETATM 1270 O  O   . HOH D 4 .   ? -0.455  3.910   -10.998 1.00 36.92 ? 194 HOH A O   1 
HETATM 1271 O  O   . HOH D 4 .   ? -16.466 2.045   9.318   1.00 42.72 ? 195 HOH A O   1 
HETATM 1272 O  O   . HOH D 4 .   ? 18.952  -0.374  -11.689 1.00 43.64 ? 196 HOH A O   1 
HETATM 1273 O  O   . HOH D 4 .   ? 17.197  -1.132  -14.687 1.00 41.83 ? 197 HOH A O   1 
HETATM 1274 O  O   . HOH D 4 .   ? 15.075  -2.944  -14.626 1.00 49.01 ? 198 HOH A O   1 
HETATM 1275 O  O   . HOH D 4 .   ? 9.053   13.426  -9.077  1.00 38.41 ? 199 HOH A O   1 
HETATM 1276 O  O   . HOH D 4 .   ? 3.646   15.181  -1.829  1.00 42.72 ? 200 HOH A O   1 
HETATM 1277 O  O   . HOH D 4 .   ? -3.120  15.588  4.791   1.00 49.29 ? 201 HOH A O   1 
HETATM 1278 O  O   . HOH D 4 .   ? -9.662  16.649  0.977   1.00 45.59 ? 202 HOH A O   1 
HETATM 1279 O  O   . HOH D 4 .   ? -10.778 15.700  3.472   1.00 50.94 ? 203 HOH A O   1 
HETATM 1280 O  O   . HOH D 4 .   ? -4.311  17.126  0.818   1.00 36.63 ? 204 HOH A O   1 
HETATM 1281 O  O   . HOH D 4 .   ? 22.815  -8.380  -6.479  1.00 56.34 ? 205 HOH A O   1 
HETATM 1282 O  O   . HOH D 4 .   ? -14.806 2.499   -4.503  1.00 42.86 ? 206 HOH A O   1 
HETATM 1283 O  O   . HOH D 4 .   ? 6.663   8.736   -14.516 1.00 42.71 ? 207 HOH A O   1 
HETATM 1284 O  O   . HOH D 4 .   ? 0.101   -6.482  8.197   1.00 48.59 ? 208 HOH A O   1 
HETATM 1285 O  O   . HOH D 4 .   ? -0.505  -9.207  7.727   1.00 38.51 ? 209 HOH A O   1 
HETATM 1286 O  O   . HOH D 4 .   ? 1.242   7.030   10.004  1.00 33.03 ? 210 HOH A O   1 
HETATM 1287 O  O   . HOH D 4 .   ? 1.007   -16.823 2.222   1.00 37.33 ? 211 HOH A O   1 
HETATM 1288 O  O   . HOH D 4 .   ? -2.622  -5.870  7.717   1.00 38.81 ? 212 HOH A O   1 
HETATM 1289 O  O   . HOH D 4 .   ? -1.538  6.837   -5.907  1.00 37.87 ? 213 HOH A O   1 
HETATM 1290 O  O   . HOH D 4 .   ? 7.971   9.737   1.526   1.00 39.20 ? 214 HOH A O   1 
HETATM 1291 O  O   . HOH D 4 .   ? -4.081  17.223  11.652  1.00 40.80 ? 215 HOH A O   1 
HETATM 1292 O  O   . HOH D 4 .   ? 16.665  -3.757  -6.866  1.00 41.20 ? 216 HOH A O   1 
HETATM 1293 O  O   . HOH D 4 .   ? -10.249 -5.340  17.692  1.00 36.07 ? 217 HOH A O   1 
HETATM 1294 O  O   . HOH D 4 .   ? -11.721 16.405  10.685  1.00 57.64 ? 218 HOH A O   1 
HETATM 1295 O  O   . HOH D 4 .   ? -16.925 13.088  14.121  1.00 56.54 ? 219 HOH A O   1 
# 
